data_1MIJ
# 
_entry.id   1MIJ 
# 
_audit_conform.dict_name       mmcif_pdbx.dic 
_audit_conform.dict_version    5.398 
_audit_conform.dict_location   http://mmcif.pdb.org/dictionaries/ascii/mmcif_pdbx.dic 
# 
loop_
_database_2.database_id 
_database_2.database_code 
_database_2.pdbx_database_accession 
_database_2.pdbx_DOI 
PDB   1MIJ         pdb_00001mij 10.2210/pdb1mij/pdb 
RCSB  RCSB016937   ?            ?                   
WWPDB D_1000016937 ?            ?                   
# 
loop_
_pdbx_audit_revision_history.ordinal 
_pdbx_audit_revision_history.data_content_type 
_pdbx_audit_revision_history.major_revision 
_pdbx_audit_revision_history.minor_revision 
_pdbx_audit_revision_history.revision_date 
1 'Structure model' 1 0 2002-12-04 
2 'Structure model' 1 1 2008-04-28 
3 'Structure model' 1 2 2011-07-13 
4 'Structure model' 1 3 2024-11-06 
# 
_pdbx_audit_revision_details.ordinal             1 
_pdbx_audit_revision_details.revision_ordinal    1 
_pdbx_audit_revision_details.data_content_type   'Structure model' 
_pdbx_audit_revision_details.provider            repository 
_pdbx_audit_revision_details.type                'Initial release' 
_pdbx_audit_revision_details.description         ? 
_pdbx_audit_revision_details.details             ? 
# 
loop_
_pdbx_audit_revision_group.ordinal 
_pdbx_audit_revision_group.revision_ordinal 
_pdbx_audit_revision_group.data_content_type 
_pdbx_audit_revision_group.group 
1 2 'Structure model' 'Version format compliance' 
2 3 'Structure model' 'Version format compliance' 
3 4 'Structure model' 'Data collection'           
4 4 'Structure model' 'Database references'       
5 4 'Structure model' 'Derived calculations'      
6 4 'Structure model' 'Structure summary'         
# 
loop_
_pdbx_audit_revision_category.ordinal 
_pdbx_audit_revision_category.revision_ordinal 
_pdbx_audit_revision_category.data_content_type 
_pdbx_audit_revision_category.category 
1 4 'Structure model' chem_comp_atom            
2 4 'Structure model' chem_comp_bond            
3 4 'Structure model' database_2                
4 4 'Structure model' pdbx_entry_details        
5 4 'Structure model' pdbx_modification_feature 
6 4 'Structure model' struct_conn               
7 4 'Structure model' struct_ref_seq_dif        
# 
loop_
_pdbx_audit_revision_item.ordinal 
_pdbx_audit_revision_item.revision_ordinal 
_pdbx_audit_revision_item.data_content_type 
_pdbx_audit_revision_item.item 
1 4 'Structure model' '_database_2.pdbx_DOI'                
2 4 'Structure model' '_database_2.pdbx_database_accession' 
3 4 'Structure model' '_struct_conn.pdbx_leaving_atom_flag' 
4 4 'Structure model' '_struct_ref_seq_dif.details'         
# 
_pdbx_database_status.status_code                     REL 
_pdbx_database_status.entry_id                        1MIJ 
_pdbx_database_status.recvd_initial_deposition_date   2002-08-23 
_pdbx_database_status.deposit_site                    RCSB 
_pdbx_database_status.process_site                    RCSB 
_pdbx_database_status.status_code_sf                  REL 
_pdbx_database_status.SG_entry                        . 
_pdbx_database_status.pdb_format_compatible           Y 
_pdbx_database_status.status_code_mr                  ? 
_pdbx_database_status.status_code_cs                  ? 
_pdbx_database_status.status_code_nmr_data            ? 
_pdbx_database_status.methods_development_category    ? 
# 
loop_
_audit_author.name 
_audit_author.pdbx_ordinal 
'Ryter, J.M.'    1 
'Doe, C.Q.'      2 
'Matthews, B.W.' 3 
# 
_citation.id                        primary 
_citation.title                     'Structure of the DNA Binding Region of Prospero Reveals a Novel Homeo-Prospero Domain' 
_citation.journal_abbrev            Structure 
_citation.journal_volume            10 
_citation.page_first                1541 
_citation.page_last                 1549 
_citation.year                      2002 
_citation.journal_id_ASTM           STRUE6 
_citation.country                   UK 
_citation.journal_id_ISSN           0969-2126 
_citation.journal_id_CSD            2005 
_citation.book_publisher            ? 
_citation.pdbx_database_id_PubMed   12429095 
_citation.pdbx_database_id_DOI      '10.1016/S0969-2126(02)00883-3' 
# 
loop_
_citation_author.citation_id 
_citation_author.name 
_citation_author.ordinal 
_citation_author.identifier_ORCID 
primary 'Ryter, J.M.'    1 ? 
primary 'Doe, C.Q.'      2 ? 
primary 'Matthews, B.W.' 3 ? 
# 
loop_
_entity.id 
_entity.type 
_entity.src_method 
_entity.pdbx_description 
_entity.formula_weight 
_entity.pdbx_number_of_molecules 
_entity.pdbx_ec 
_entity.pdbx_mutation 
_entity.pdbx_fragment 
_entity.details 
1 polymer man 'Protein prospero' 18454.402 1  ? ? 'Homeo-prospero Domain (residues 1245-1396)' ? 
2 water   nat water              18.015    83 ? ? ?                                            ? 
# 
_entity_poly.entity_id                      1 
_entity_poly.type                           'polypeptide(L)' 
_entity_poly.nstd_linkage                   no 
_entity_poly.nstd_monomer                   yes 
_entity_poly.pdbx_seq_one_letter_code       
;SSTLTP(MSE)HLRKAKL(MSE)FFWVRYPSSAVLK(MSE)YFPDIKFNKNNTAQLVKWFSNFREFYYIQ(MSE)EKYAR
QAVTEGIKTPDDLLIAGDSELYRVLNLHYNRNNHIEVPQNFRFVVESTLREFFRAIQGGKDTEQSWKKSIYKIISR
(MSE)DDPVPEYFKSP
;
_entity_poly.pdbx_seq_one_letter_code_can   
;SSTLTPMHLRKAKLMFFWVRYPSSAVLKMYFPDIKFNKNNTAQLVKWFSNFREFYYIQMEKYARQAVTEGIKTPDDLLIA
GDSELYRVLNLHYNRNNHIEVPQNFRFVVESTLREFFRAIQGGKDTEQSWKKSIYKIISRMDDPVPEYFKSP
;
_entity_poly.pdbx_strand_id                 A 
_entity_poly.pdbx_target_identifier         ? 
# 
_pdbx_entity_nonpoly.entity_id   2 
_pdbx_entity_nonpoly.name        water 
_pdbx_entity_nonpoly.comp_id     HOH 
# 
loop_
_entity_poly_seq.entity_id 
_entity_poly_seq.num 
_entity_poly_seq.mon_id 
_entity_poly_seq.hetero 
1 1   SER n 
1 2   SER n 
1 3   THR n 
1 4   LEU n 
1 5   THR n 
1 6   PRO n 
1 7   MSE n 
1 8   HIS n 
1 9   LEU n 
1 10  ARG n 
1 11  LYS n 
1 12  ALA n 
1 13  LYS n 
1 14  LEU n 
1 15  MSE n 
1 16  PHE n 
1 17  PHE n 
1 18  TRP n 
1 19  VAL n 
1 20  ARG n 
1 21  TYR n 
1 22  PRO n 
1 23  SER n 
1 24  SER n 
1 25  ALA n 
1 26  VAL n 
1 27  LEU n 
1 28  LYS n 
1 29  MSE n 
1 30  TYR n 
1 31  PHE n 
1 32  PRO n 
1 33  ASP n 
1 34  ILE n 
1 35  LYS n 
1 36  PHE n 
1 37  ASN n 
1 38  LYS n 
1 39  ASN n 
1 40  ASN n 
1 41  THR n 
1 42  ALA n 
1 43  GLN n 
1 44  LEU n 
1 45  VAL n 
1 46  LYS n 
1 47  TRP n 
1 48  PHE n 
1 49  SER n 
1 50  ASN n 
1 51  PHE n 
1 52  ARG n 
1 53  GLU n 
1 54  PHE n 
1 55  TYR n 
1 56  TYR n 
1 57  ILE n 
1 58  GLN n 
1 59  MSE n 
1 60  GLU n 
1 61  LYS n 
1 62  TYR n 
1 63  ALA n 
1 64  ARG n 
1 65  GLN n 
1 66  ALA n 
1 67  VAL n 
1 68  THR n 
1 69  GLU n 
1 70  GLY n 
1 71  ILE n 
1 72  LYS n 
1 73  THR n 
1 74  PRO n 
1 75  ASP n 
1 76  ASP n 
1 77  LEU n 
1 78  LEU n 
1 79  ILE n 
1 80  ALA n 
1 81  GLY n 
1 82  ASP n 
1 83  SER n 
1 84  GLU n 
1 85  LEU n 
1 86  TYR n 
1 87  ARG n 
1 88  VAL n 
1 89  LEU n 
1 90  ASN n 
1 91  LEU n 
1 92  HIS n 
1 93  TYR n 
1 94  ASN n 
1 95  ARG n 
1 96  ASN n 
1 97  ASN n 
1 98  HIS n 
1 99  ILE n 
1 100 GLU n 
1 101 VAL n 
1 102 PRO n 
1 103 GLN n 
1 104 ASN n 
1 105 PHE n 
1 106 ARG n 
1 107 PHE n 
1 108 VAL n 
1 109 VAL n 
1 110 GLU n 
1 111 SER n 
1 112 THR n 
1 113 LEU n 
1 114 ARG n 
1 115 GLU n 
1 116 PHE n 
1 117 PHE n 
1 118 ARG n 
1 119 ALA n 
1 120 ILE n 
1 121 GLN n 
1 122 GLY n 
1 123 GLY n 
1 124 LYS n 
1 125 ASP n 
1 126 THR n 
1 127 GLU n 
1 128 GLN n 
1 129 SER n 
1 130 TRP n 
1 131 LYS n 
1 132 LYS n 
1 133 SER n 
1 134 ILE n 
1 135 TYR n 
1 136 LYS n 
1 137 ILE n 
1 138 ILE n 
1 139 SER n 
1 140 ARG n 
1 141 MSE n 
1 142 ASP n 
1 143 ASP n 
1 144 PRO n 
1 145 VAL n 
1 146 PRO n 
1 147 GLU n 
1 148 TYR n 
1 149 PHE n 
1 150 LYS n 
1 151 SER n 
1 152 PRO n 
# 
_entity_src_gen.entity_id                          1 
_entity_src_gen.pdbx_src_id                        1 
_entity_src_gen.pdbx_alt_source_flag               sample 
_entity_src_gen.pdbx_seq_type                      ? 
_entity_src_gen.pdbx_beg_seq_num                   ? 
_entity_src_gen.pdbx_end_seq_num                   ? 
_entity_src_gen.gene_src_common_name               'fruit fly' 
_entity_src_gen.gene_src_genus                     Drosophila 
_entity_src_gen.pdbx_gene_src_gene                 PROS 
_entity_src_gen.gene_src_species                   ? 
_entity_src_gen.gene_src_strain                    ? 
_entity_src_gen.gene_src_tissue                    ? 
_entity_src_gen.gene_src_tissue_fraction           ? 
_entity_src_gen.gene_src_details                   ? 
_entity_src_gen.pdbx_gene_src_fragment             ? 
_entity_src_gen.pdbx_gene_src_scientific_name      'Drosophila melanogaster' 
_entity_src_gen.pdbx_gene_src_ncbi_taxonomy_id     7227 
_entity_src_gen.pdbx_gene_src_variant              ? 
_entity_src_gen.pdbx_gene_src_cell_line            ? 
_entity_src_gen.pdbx_gene_src_atcc                 ? 
_entity_src_gen.pdbx_gene_src_organ                ? 
_entity_src_gen.pdbx_gene_src_organelle            ? 
_entity_src_gen.pdbx_gene_src_cell                 ? 
_entity_src_gen.pdbx_gene_src_cellular_location    ? 
_entity_src_gen.host_org_common_name               ? 
_entity_src_gen.pdbx_host_org_scientific_name      'Escherichia coli BL21(DE3)' 
_entity_src_gen.pdbx_host_org_ncbi_taxonomy_id     469008 
_entity_src_gen.host_org_genus                     Escherichia 
_entity_src_gen.pdbx_host_org_gene                 ? 
_entity_src_gen.pdbx_host_org_organ                ? 
_entity_src_gen.host_org_species                   'Escherichia coli' 
_entity_src_gen.pdbx_host_org_tissue               ? 
_entity_src_gen.pdbx_host_org_tissue_fraction      ? 
_entity_src_gen.pdbx_host_org_strain               'BL21(DE3)' 
_entity_src_gen.pdbx_host_org_variant              ? 
_entity_src_gen.pdbx_host_org_cell_line            ? 
_entity_src_gen.pdbx_host_org_atcc                 ? 
_entity_src_gen.pdbx_host_org_culture_collection   ? 
_entity_src_gen.pdbx_host_org_cell                 ? 
_entity_src_gen.pdbx_host_org_organelle            ? 
_entity_src_gen.pdbx_host_org_cellular_location    ? 
_entity_src_gen.pdbx_host_org_vector_type          PLASMID 
_entity_src_gen.pdbx_host_org_vector               ? 
_entity_src_gen.host_org_details                   ? 
_entity_src_gen.expression_system_id               ? 
_entity_src_gen.plasmid_name                       PET28B 
_entity_src_gen.plasmid_details                    ? 
_entity_src_gen.pdbx_description                   ? 
# 
loop_
_chem_comp.id 
_chem_comp.type 
_chem_comp.mon_nstd_flag 
_chem_comp.name 
_chem_comp.pdbx_synonyms 
_chem_comp.formula 
_chem_comp.formula_weight 
ALA 'L-peptide linking' y ALANINE          ? 'C3 H7 N O2'     89.093  
ARG 'L-peptide linking' y ARGININE         ? 'C6 H15 N4 O2 1' 175.209 
ASN 'L-peptide linking' y ASPARAGINE       ? 'C4 H8 N2 O3'    132.118 
ASP 'L-peptide linking' y 'ASPARTIC ACID'  ? 'C4 H7 N O4'     133.103 
GLN 'L-peptide linking' y GLUTAMINE        ? 'C5 H10 N2 O3'   146.144 
GLU 'L-peptide linking' y 'GLUTAMIC ACID'  ? 'C5 H9 N O4'     147.129 
GLY 'peptide linking'   y GLYCINE          ? 'C2 H5 N O2'     75.067  
HIS 'L-peptide linking' y HISTIDINE        ? 'C6 H10 N3 O2 1' 156.162 
HOH non-polymer         . WATER            ? 'H2 O'           18.015  
ILE 'L-peptide linking' y ISOLEUCINE       ? 'C6 H13 N O2'    131.173 
LEU 'L-peptide linking' y LEUCINE          ? 'C6 H13 N O2'    131.173 
LYS 'L-peptide linking' y LYSINE           ? 'C6 H15 N2 O2 1' 147.195 
MET 'L-peptide linking' y METHIONINE       ? 'C5 H11 N O2 S'  149.211 
MSE 'L-peptide linking' n SELENOMETHIONINE ? 'C5 H11 N O2 Se' 196.106 
PHE 'L-peptide linking' y PHENYLALANINE    ? 'C9 H11 N O2'    165.189 
PRO 'L-peptide linking' y PROLINE          ? 'C5 H9 N O2'     115.130 
SER 'L-peptide linking' y SERINE           ? 'C3 H7 N O3'     105.093 
THR 'L-peptide linking' y THREONINE        ? 'C4 H9 N O3'     119.119 
TRP 'L-peptide linking' y TRYPTOPHAN       ? 'C11 H12 N2 O2'  204.225 
TYR 'L-peptide linking' y TYROSINE         ? 'C9 H11 N O3'    181.189 
VAL 'L-peptide linking' y VALINE           ? 'C5 H11 N O2'    117.146 
# 
loop_
_pdbx_poly_seq_scheme.asym_id 
_pdbx_poly_seq_scheme.entity_id 
_pdbx_poly_seq_scheme.seq_id 
_pdbx_poly_seq_scheme.mon_id 
_pdbx_poly_seq_scheme.ndb_seq_num 
_pdbx_poly_seq_scheme.pdb_seq_num 
_pdbx_poly_seq_scheme.auth_seq_num 
_pdbx_poly_seq_scheme.pdb_mon_id 
_pdbx_poly_seq_scheme.auth_mon_id 
_pdbx_poly_seq_scheme.pdb_strand_id 
_pdbx_poly_seq_scheme.pdb_ins_code 
_pdbx_poly_seq_scheme.hetero 
A 1 1   SER 1   1245 1245 SER SER A . n 
A 1 2   SER 2   1246 1246 SER SER A . n 
A 1 3   THR 3   1247 1247 THR THR A . n 
A 1 4   LEU 4   1248 1248 LEU LEU A . n 
A 1 5   THR 5   1249 1249 THR THR A . n 
A 1 6   PRO 6   1250 1250 PRO PRO A . n 
A 1 7   MSE 7   1251 1251 MSE MSE A . n 
A 1 8   HIS 8   1252 1252 HIS HIS A . n 
A 1 9   LEU 9   1253 1253 LEU LEU A . n 
A 1 10  ARG 10  1254 1254 ARG ARG A . n 
A 1 11  LYS 11  1255 1255 LYS LYS A . n 
A 1 12  ALA 12  1256 1256 ALA ALA A . n 
A 1 13  LYS 13  1257 1257 LYS LYS A . n 
A 1 14  LEU 14  1258 1258 LEU LEU A . n 
A 1 15  MSE 15  1259 1259 MSE MSE A . n 
A 1 16  PHE 16  1260 1260 PHE PHE A . n 
A 1 17  PHE 17  1261 1261 PHE PHE A . n 
A 1 18  TRP 18  1262 1262 TRP TRP A . n 
A 1 19  VAL 19  1263 1263 VAL VAL A . n 
A 1 20  ARG 20  1264 1264 ARG ARG A . n 
A 1 21  TYR 21  1265 1265 TYR TYR A . n 
A 1 22  PRO 22  1266 1266 PRO PRO A . n 
A 1 23  SER 23  1267 1267 SER SER A . n 
A 1 24  SER 24  1268 1268 SER SER A . n 
A 1 25  ALA 25  1269 1269 ALA ALA A . n 
A 1 26  VAL 26  1270 1270 VAL VAL A . n 
A 1 27  LEU 27  1271 1271 LEU LEU A . n 
A 1 28  LYS 28  1272 1272 LYS LYS A . n 
A 1 29  MSE 29  1273 1273 MSE MSE A . n 
A 1 30  TYR 30  1274 1274 TYR TYR A . n 
A 1 31  PHE 31  1275 1275 PHE PHE A . n 
A 1 32  PRO 32  1276 1276 PRO PRO A . n 
A 1 33  ASP 33  1277 1277 ASP ASP A . n 
A 1 34  ILE 34  1278 1278 ILE ILE A . n 
A 1 35  LYS 35  1279 1279 LYS LYS A . n 
A 1 36  PHE 36  1280 1280 PHE PHE A . n 
A 1 37  ASN 37  1281 1281 ASN ASN A . n 
A 1 38  LYS 38  1282 1282 LYS LYS A . n 
A 1 39  ASN 39  1283 1283 ASN ASN A . n 
A 1 40  ASN 40  1284 1284 ASN ASN A . n 
A 1 41  THR 41  1285 1285 THR THR A . n 
A 1 42  ALA 42  1286 1286 ALA ALA A . n 
A 1 43  GLN 43  1287 1287 GLN GLN A . n 
A 1 44  LEU 44  1288 1288 LEU LEU A . n 
A 1 45  VAL 45  1289 1289 VAL VAL A . n 
A 1 46  LYS 46  1290 1290 LYS LYS A . n 
A 1 47  TRP 47  1291 1291 TRP TRP A . n 
A 1 48  PHE 48  1292 1292 PHE PHE A . n 
A 1 49  SER 49  1293 1293 SER SER A . n 
A 1 50  ASN 50  1294 1294 ASN ASN A . n 
A 1 51  PHE 51  1295 1295 PHE PHE A . n 
A 1 52  ARG 52  1296 1296 ARG ARG A . n 
A 1 53  GLU 53  1297 1297 GLU GLU A . n 
A 1 54  PHE 54  1298 1298 PHE PHE A . n 
A 1 55  TYR 55  1299 1299 TYR TYR A . n 
A 1 56  TYR 56  1300 1300 TYR TYR A . n 
A 1 57  ILE 57  1301 1301 ILE ILE A . n 
A 1 58  GLN 58  1302 1302 GLN GLN A . n 
A 1 59  MSE 59  1303 1303 MSE MSE A . n 
A 1 60  GLU 60  1304 1304 GLU GLU A . n 
A 1 61  LYS 61  1305 1305 LYS LYS A . n 
A 1 62  TYR 62  1306 1306 TYR TYR A . n 
A 1 63  ALA 63  1307 1307 ALA ALA A . n 
A 1 64  ARG 64  1308 1308 ARG ARG A . n 
A 1 65  GLN 65  1309 1309 GLN GLN A . n 
A 1 66  ALA 66  1310 1310 ALA ALA A . n 
A 1 67  VAL 67  1311 1311 VAL VAL A . n 
A 1 68  THR 68  1312 1312 THR THR A . n 
A 1 69  GLU 69  1313 1313 GLU GLU A . n 
A 1 70  GLY 70  1314 ?    ?   ?   A . n 
A 1 71  ILE 71  1315 ?    ?   ?   A . n 
A 1 72  LYS 72  1316 ?    ?   ?   A . n 
A 1 73  THR 73  1317 ?    ?   ?   A . n 
A 1 74  PRO 74  1318 ?    ?   ?   A . n 
A 1 75  ASP 75  1319 ?    ?   ?   A . n 
A 1 76  ASP 76  1320 ?    ?   ?   A . n 
A 1 77  LEU 77  1321 ?    ?   ?   A . n 
A 1 78  LEU 78  1322 ?    ?   ?   A . n 
A 1 79  ILE 79  1323 ?    ?   ?   A . n 
A 1 80  ALA 80  1324 ?    ?   ?   A . n 
A 1 81  GLY 81  1325 ?    ?   ?   A . n 
A 1 82  ASP 82  1326 ?    ?   ?   A . n 
A 1 83  SER 83  1327 1327 SER SER A . n 
A 1 84  GLU 84  1328 1328 GLU GLU A . n 
A 1 85  LEU 85  1329 1329 LEU LEU A . n 
A 1 86  TYR 86  1330 1330 TYR TYR A . n 
A 1 87  ARG 87  1331 1331 ARG ARG A . n 
A 1 88  VAL 88  1332 1332 VAL VAL A . n 
A 1 89  LEU 89  1333 1333 LEU LEU A . n 
A 1 90  ASN 90  1334 1334 ASN ASN A . n 
A 1 91  LEU 91  1335 1335 LEU LEU A . n 
A 1 92  HIS 92  1336 1336 HIS HIS A . n 
A 1 93  TYR 93  1337 1337 TYR TYR A . n 
A 1 94  ASN 94  1338 1338 ASN ASN A . n 
A 1 95  ARG 95  1339 1339 ARG ARG A . n 
A 1 96  ASN 96  1340 1340 ASN ASN A . n 
A 1 97  ASN 97  1341 1341 ASN ASN A . n 
A 1 98  HIS 98  1342 1342 HIS HIS A . n 
A 1 99  ILE 99  1343 1343 ILE ILE A . n 
A 1 100 GLU 100 1344 1344 GLU GLU A . n 
A 1 101 VAL 101 1345 1345 VAL VAL A . n 
A 1 102 PRO 102 1346 1346 PRO PRO A . n 
A 1 103 GLN 103 1347 1347 GLN GLN A . n 
A 1 104 ASN 104 1348 1348 ASN ASN A . n 
A 1 105 PHE 105 1349 1349 PHE PHE A . n 
A 1 106 ARG 106 1350 1350 ARG ARG A . n 
A 1 107 PHE 107 1351 1351 PHE PHE A . n 
A 1 108 VAL 108 1352 1352 VAL VAL A . n 
A 1 109 VAL 109 1353 1353 VAL VAL A . n 
A 1 110 GLU 110 1354 1354 GLU GLU A . n 
A 1 111 SER 111 1355 1355 SER SER A . n 
A 1 112 THR 112 1356 1356 THR THR A . n 
A 1 113 LEU 113 1357 1357 LEU LEU A . n 
A 1 114 ARG 114 1358 1358 ARG ARG A . n 
A 1 115 GLU 115 1359 1359 GLU GLU A . n 
A 1 116 PHE 116 1360 1360 PHE PHE A . n 
A 1 117 PHE 117 1361 1361 PHE PHE A . n 
A 1 118 ARG 118 1362 1362 ARG ARG A . n 
A 1 119 ALA 119 1363 1363 ALA ALA A . n 
A 1 120 ILE 120 1364 1364 ILE ILE A . n 
A 1 121 GLN 121 1365 1365 GLN GLN A . n 
A 1 122 GLY 122 1366 1366 GLY GLY A . n 
A 1 123 GLY 123 1367 1367 GLY GLY A . n 
A 1 124 LYS 124 1368 1368 LYS LYS A . n 
A 1 125 ASP 125 1369 1369 ASP ASP A . n 
A 1 126 THR 126 1370 1370 THR THR A . n 
A 1 127 GLU 127 1371 1371 GLU GLU A . n 
A 1 128 GLN 128 1372 1372 GLN GLN A . n 
A 1 129 SER 129 1373 1373 SER SER A . n 
A 1 130 TRP 130 1374 1374 TRP TRP A . n 
A 1 131 LYS 131 1375 1375 LYS LYS A . n 
A 1 132 LYS 132 1376 1376 LYS LYS A . n 
A 1 133 SER 133 1377 1377 SER SER A . n 
A 1 134 ILE 134 1378 1378 ILE ILE A . n 
A 1 135 TYR 135 1379 1379 TYR TYR A . n 
A 1 136 LYS 136 1380 1380 LYS LYS A . n 
A 1 137 ILE 137 1381 1381 ILE ILE A . n 
A 1 138 ILE 138 1382 1382 ILE ILE A . n 
A 1 139 SER 139 1383 1383 SER SER A . n 
A 1 140 ARG 140 1384 1384 ARG ARG A . n 
A 1 141 MSE 141 1385 1385 MSE MSE A . n 
A 1 142 ASP 142 1386 1386 ASP ASP A . n 
A 1 143 ASP 143 1387 1387 ASP ASP A . n 
A 1 144 PRO 144 1388 1388 PRO PRO A . n 
A 1 145 VAL 145 1389 1389 VAL VAL A . n 
A 1 146 PRO 146 1390 1390 PRO PRO A . n 
A 1 147 GLU 147 1391 1391 GLU GLU A . n 
A 1 148 TYR 148 1392 1392 TYR TYR A . n 
A 1 149 PHE 149 1393 1393 PHE PHE A . n 
A 1 150 LYS 150 1394 1394 LYS LYS A . n 
A 1 151 SER 151 1395 1395 SER SER A . n 
A 1 152 PRO 152 1396 1396 PRO PRO A . n 
# 
loop_
_pdbx_nonpoly_scheme.asym_id 
_pdbx_nonpoly_scheme.entity_id 
_pdbx_nonpoly_scheme.mon_id 
_pdbx_nonpoly_scheme.ndb_seq_num 
_pdbx_nonpoly_scheme.pdb_seq_num 
_pdbx_nonpoly_scheme.auth_seq_num 
_pdbx_nonpoly_scheme.pdb_mon_id 
_pdbx_nonpoly_scheme.auth_mon_id 
_pdbx_nonpoly_scheme.pdb_strand_id 
_pdbx_nonpoly_scheme.pdb_ins_code 
B 2 HOH 1  1   1   HOH WAT A . 
B 2 HOH 2  2   2   HOH WAT A . 
B 2 HOH 3  4   4   HOH WAT A . 
B 2 HOH 4  6   6   HOH WAT A . 
B 2 HOH 5  7   7   HOH WAT A . 
B 2 HOH 6  8   8   HOH WAT A . 
B 2 HOH 7  9   9   HOH WAT A . 
B 2 HOH 8  10  10  HOH WAT A . 
B 2 HOH 9  12  12  HOH WAT A . 
B 2 HOH 10 13  13  HOH WAT A . 
B 2 HOH 11 14  14  HOH WAT A . 
B 2 HOH 12 15  15  HOH WAT A . 
B 2 HOH 13 17  17  HOH WAT A . 
B 2 HOH 14 18  18  HOH WAT A . 
B 2 HOH 15 19  19  HOH WAT A . 
B 2 HOH 16 20  20  HOH WAT A . 
B 2 HOH 17 21  21  HOH WAT A . 
B 2 HOH 18 22  22  HOH WAT A . 
B 2 HOH 19 23  23  HOH WAT A . 
B 2 HOH 20 24  24  HOH WAT A . 
B 2 HOH 21 25  25  HOH WAT A . 
B 2 HOH 22 26  26  HOH WAT A . 
B 2 HOH 23 27  27  HOH WAT A . 
B 2 HOH 24 29  29  HOH WAT A . 
B 2 HOH 25 30  30  HOH WAT A . 
B 2 HOH 26 31  31  HOH WAT A . 
B 2 HOH 27 32  32  HOH WAT A . 
B 2 HOH 28 33  33  HOH WAT A . 
B 2 HOH 29 34  34  HOH WAT A . 
B 2 HOH 30 36  36  HOH WAT A . 
B 2 HOH 31 37  37  HOH WAT A . 
B 2 HOH 32 39  39  HOH WAT A . 
B 2 HOH 33 41  41  HOH WAT A . 
B 2 HOH 34 42  42  HOH WAT A . 
B 2 HOH 35 43  43  HOH WAT A . 
B 2 HOH 36 44  44  HOH WAT A . 
B 2 HOH 37 46  46  HOH WAT A . 
B 2 HOH 38 47  47  HOH WAT A . 
B 2 HOH 39 48  48  HOH WAT A . 
B 2 HOH 40 49  49  HOH WAT A . 
B 2 HOH 41 50  50  HOH WAT A . 
B 2 HOH 42 51  51  HOH WAT A . 
B 2 HOH 43 52  52  HOH WAT A . 
B 2 HOH 44 53  53  HOH WAT A . 
B 2 HOH 45 54  54  HOH WAT A . 
B 2 HOH 46 55  55  HOH WAT A . 
B 2 HOH 47 56  56  HOH WAT A . 
B 2 HOH 48 57  57  HOH WAT A . 
B 2 HOH 49 58  58  HOH WAT A . 
B 2 HOH 50 59  59  HOH WAT A . 
B 2 HOH 51 62  62  HOH WAT A . 
B 2 HOH 52 63  63  HOH WAT A . 
B 2 HOH 53 64  64  HOH WAT A . 
B 2 HOH 54 65  65  HOH WAT A . 
B 2 HOH 55 70  70  HOH WAT A . 
B 2 HOH 56 72  72  HOH WAT A . 
B 2 HOH 57 73  73  HOH WAT A . 
B 2 HOH 58 75  75  HOH WAT A . 
B 2 HOH 59 76  76  HOH WAT A . 
B 2 HOH 60 77  77  HOH WAT A . 
B 2 HOH 61 78  78  HOH WAT A . 
B 2 HOH 62 79  79  HOH WAT A . 
B 2 HOH 63 82  82  HOH WAT A . 
B 2 HOH 64 83  83  HOH WAT A . 
B 2 HOH 65 85  85  HOH WAT A . 
B 2 HOH 66 86  86  HOH WAT A . 
B 2 HOH 67 87  87  HOH WAT A . 
B 2 HOH 68 88  88  HOH WAT A . 
B 2 HOH 69 90  90  HOH WAT A . 
B 2 HOH 70 91  91  HOH WAT A . 
B 2 HOH 71 92  92  HOH WAT A . 
B 2 HOH 72 93  93  HOH WAT A . 
B 2 HOH 73 95  95  HOH WAT A . 
B 2 HOH 74 96  96  HOH WAT A . 
B 2 HOH 75 98  98  HOH WAT A . 
B 2 HOH 76 99  99  HOH WAT A . 
B 2 HOH 77 100 100 HOH WAT A . 
B 2 HOH 78 101 101 HOH WAT A . 
B 2 HOH 79 103 103 HOH WAT A . 
B 2 HOH 80 104 104 HOH WAT A . 
B 2 HOH 81 105 105 HOH WAT A . 
B 2 HOH 82 107 107 HOH WAT A . 
B 2 HOH 83 109 109 HOH WAT A . 
# 
loop_
_software.name 
_software.classification 
_software.version 
_software.citation_id 
_software.pdbx_ordinal 
_software.date 
_software.type 
_software.location 
_software.language 
DENZO     'data reduction' .   ? 1 ? ? ? ? 
SCALEPACK 'data scaling'   .   ? 2 ? ? ? ? 
SHARP     phasing          .   ? 3 ? ? ? ? 
CNS       refinement       1.0 ? 4 ? ? ? ? 
# 
_cell.entry_id           1MIJ 
_cell.length_a           35.300 
_cell.length_b           49.900 
_cell.length_c           51.500 
_cell.angle_alpha        90.00 
_cell.angle_beta         97.40 
_cell.angle_gamma        90.00 
_cell.Z_PDB              2 
_cell.pdbx_unique_axis   ? 
# 
_symmetry.entry_id                         1MIJ 
_symmetry.space_group_name_H-M             'P 1 21 1' 
_symmetry.pdbx_full_space_group_name_H-M   ? 
_symmetry.cell_setting                     ? 
_symmetry.Int_Tables_number                4 
# 
_exptl.entry_id          1MIJ 
_exptl.method            'X-RAY DIFFRACTION' 
_exptl.crystals_number   1 
# 
_exptl_crystal.id                    1 
_exptl_crystal.density_meas          ? 
_exptl_crystal.density_percent_sol   49.51 
_exptl_crystal.density_Matthews      2.44 
_exptl_crystal.description           ? 
_exptl_crystal.preparation           ? 
# 
_exptl_crystal_grow.crystal_id      1 
_exptl_crystal_grow.method          'VAPOR DIFFUSION, HANGING DROP' 
_exptl_crystal_grow.temp            323 
_exptl_crystal_grow.temp_details    ? 
_exptl_crystal_grow.pH              8.5 
_exptl_crystal_grow.pdbx_details    
'PEG 4000, Tris, n-tetradecyl beta-D-maltoside, pH 8.5, VAPOR DIFFUSION, HANGING DROP, temperature 323K' 
_exptl_crystal_grow.pdbx_pH_range   . 
# 
_diffrn.id                     1 
_diffrn.ambient_temp           103 
_diffrn.ambient_temp_details   ? 
_diffrn.crystal_id             1 
# 
_diffrn_detector.diffrn_id              1 
_diffrn_detector.detector               CCD 
_diffrn_detector.type                   'ADSC QUANTUM 4' 
_diffrn_detector.pdbx_collection_date   2001-06-28 
_diffrn_detector.details                ? 
# 
_diffrn_radiation.diffrn_id                        1 
_diffrn_radiation.wavelength_id                    1 
_diffrn_radiation.pdbx_monochromatic_or_laue_m_l   M 
_diffrn_radiation.monochromator                    'double crystal' 
_diffrn_radiation.pdbx_diffrn_protocol             MAD 
_diffrn_radiation.pdbx_scattering_type             x-ray 
# 
loop_
_diffrn_radiation_wavelength.id 
_diffrn_radiation_wavelength.wavelength 
_diffrn_radiation_wavelength.wt 
1 0.9790 1.0 
2 0.9793 1.0 
3 0.9611 1.0 
# 
_diffrn_source.diffrn_id                   1 
_diffrn_source.source                      SYNCHROTRON 
_diffrn_source.type                        'ALS BEAMLINE 5.0.2' 
_diffrn_source.pdbx_synchrotron_site       ALS 
_diffrn_source.pdbx_synchrotron_beamline   5.0.2 
_diffrn_source.pdbx_wavelength             ? 
_diffrn_source.pdbx_wavelength_list        '0.9790, 0.9793, 0.9611' 
# 
_reflns.entry_id                     1MIJ 
_reflns.observed_criterion_sigma_F   0.0 
_reflns.observed_criterion_sigma_I   0.0 
_reflns.d_resolution_high            2.05 
_reflns.d_resolution_low             500.0 
_reflns.number_all                   11045 
_reflns.number_obs                   11045 
_reflns.percent_possible_obs         98.0 
_reflns.pdbx_Rmerge_I_obs            ? 
_reflns.pdbx_Rsym_value              ? 
_reflns.pdbx_netI_over_sigmaI        ? 
_reflns.B_iso_Wilson_estimate        ? 
_reflns.pdbx_redundancy              ? 
_reflns.R_free_details               ? 
_reflns.limit_h_max                  ? 
_reflns.limit_h_min                  ? 
_reflns.limit_k_max                  ? 
_reflns.limit_k_min                  ? 
_reflns.limit_l_max                  ? 
_reflns.limit_l_min                  ? 
_reflns.observed_criterion_F_max     ? 
_reflns.observed_criterion_F_min     ? 
_reflns.pdbx_diffrn_id               1 
_reflns.pdbx_ordinal                 1 
# 
_refine.entry_id                                 1MIJ 
_refine.ls_d_res_high                            2.05 
_refine.ls_d_res_low                             500 
_refine.pdbx_ls_sigma_F                          0.0 
_refine.pdbx_ls_sigma_I                          ? 
_refine.ls_number_reflns_all                     11045 
_refine.ls_number_reflns_obs                     11045 
_refine.ls_number_reflns_R_free                  1081 
_refine.ls_percent_reflns_obs                    98.0 
_refine.ls_R_factor_all                          ? 
_refine.ls_R_factor_obs                          ? 
_refine.ls_R_factor_R_work                       0.216 
_refine.ls_R_factor_R_free                       0.256 
_refine.ls_redundancy_reflns_obs                 ? 
_refine.pdbx_data_cutoff_high_absF               ? 
_refine.pdbx_data_cutoff_low_absF                ? 
_refine.ls_number_parameters                     ? 
_refine.ls_number_restraints                     ? 
_refine.ls_percent_reflns_R_free                 ? 
_refine.ls_R_factor_R_free_error                 ? 
_refine.ls_R_factor_R_free_error_details         ? 
_refine.pdbx_method_to_determine_struct          MAD 
_refine.pdbx_starting_model                      ? 
_refine.pdbx_ls_cross_valid_method               ? 
_refine.pdbx_R_Free_selection_details            RANDOM 
_refine.pdbx_stereochem_target_val_spec_case     ? 
_refine.pdbx_stereochemistry_target_values       'Engh & Huber' 
_refine.solvent_model_details                    ? 
_refine.solvent_model_param_bsol                 ? 
_refine.solvent_model_param_ksol                 ? 
_refine.occupancy_max                            ? 
_refine.occupancy_min                            ? 
_refine.pdbx_isotropic_thermal_model             ? 
_refine.B_iso_mean                               ? 
_refine.aniso_B[1][1]                            ? 
_refine.aniso_B[1][2]                            ? 
_refine.aniso_B[1][3]                            ? 
_refine.aniso_B[2][2]                            ? 
_refine.aniso_B[2][3]                            ? 
_refine.aniso_B[3][3]                            ? 
_refine.details                                  ? 
_refine.B_iso_min                                ? 
_refine.B_iso_max                                ? 
_refine.correlation_coeff_Fo_to_Fc               ? 
_refine.correlation_coeff_Fo_to_Fc_free          ? 
_refine.pdbx_solvent_vdw_probe_radii             ? 
_refine.pdbx_solvent_ion_probe_radii             ? 
_refine.pdbx_solvent_shrinkage_radii             ? 
_refine.overall_SU_R_Cruickshank_DPI             ? 
_refine.overall_SU_R_free                        ? 
_refine.overall_SU_B                             ? 
_refine.overall_SU_ML                            ? 
_refine.pdbx_overall_ESU_R                       ? 
_refine.pdbx_overall_ESU_R_Free                  ? 
_refine.pdbx_data_cutoff_high_rms_absF           ? 
_refine.pdbx_refine_id                           'X-RAY DIFFRACTION' 
_refine.pdbx_diffrn_id                           1 
_refine.pdbx_TLS_residual_ADP_flag               ? 
_refine.pdbx_overall_phase_error                 ? 
_refine.pdbx_overall_SU_R_free_Cruickshank_DPI   ? 
_refine.pdbx_overall_SU_R_Blow_DPI               ? 
_refine.pdbx_overall_SU_R_free_Blow_DPI          ? 
# 
_refine_hist.pdbx_refine_id                   'X-RAY DIFFRACTION' 
_refine_hist.cycle_id                         LAST 
_refine_hist.pdbx_number_atoms_protein        1351 
_refine_hist.pdbx_number_atoms_nucleic_acid   0 
_refine_hist.pdbx_number_atoms_ligand         0 
_refine_hist.number_atoms_solvent             83 
_refine_hist.number_atoms_total               1434 
_refine_hist.d_res_high                       2.05 
_refine_hist.d_res_low                        500 
# 
loop_
_refine_ls_restr.type 
_refine_ls_restr.dev_ideal 
_refine_ls_restr.dev_ideal_target 
_refine_ls_restr.weight 
_refine_ls_restr.number 
_refine_ls_restr.pdbx_refine_id 
_refine_ls_restr.pdbx_restraint_function 
c_bond_d     0.005949 ?   ? ? 'X-RAY DIFFRACTION' ? 
c_angle_deg  0.99462  ?   ? ? 'X-RAY DIFFRACTION' ? 
c_mcbond_it  1.363    1.5 ? ? 'X-RAY DIFFRACTION' ? 
c_scbond_it  2.261    2.0 ? ? 'X-RAY DIFFRACTION' ? 
c_mcangle_it 2.185    2.0 ? ? 'X-RAY DIFFRACTION' ? 
c_scangle_it 3.299    2.5 ? ? 'X-RAY DIFFRACTION' ? 
# 
loop_
_pdbx_xplor_file.serial_no 
_pdbx_xplor_file.param_file 
_pdbx_xplor_file.topol_file 
_pdbx_xplor_file.pdbx_refine_id 
1 protein_rep.param protein.top 'X-RAY DIFFRACTION' 
2 dna-rna_rep.param dna-rna.top 'X-RAY DIFFRACTION' 
3 water_rep.param   water.top   'X-RAY DIFFRACTION' 
4 ion.param         ion.top     'X-RAY DIFFRACTION' 
# 
_struct.entry_id                  1MIJ 
_struct.title                     'Crystal Structure of the Homeo-prospero Domain of D. melanogaster Prospero' 
_struct.pdbx_model_details        ? 
_struct.pdbx_CASP_flag            ? 
_struct.pdbx_model_type_details   ? 
# 
_struct_keywords.entry_id        1MIJ 
_struct_keywords.pdbx_keywords   TRANSCRIPTION 
_struct_keywords.text            'homeodomain, DNA-binding domain, prospero domain, 4-helix bundle, TRANSCRIPTION' 
# 
loop_
_struct_asym.id 
_struct_asym.pdbx_blank_PDB_chainid_flag 
_struct_asym.pdbx_modified 
_struct_asym.entity_id 
_struct_asym.details 
A N N 1 ? 
B N N 2 ? 
# 
_struct_ref.id                         1 
_struct_ref.db_name                    UNP 
_struct_ref.db_code                    PROS_DROME 
_struct_ref.entity_id                  1 
_struct_ref.pdbx_seq_one_letter_code   
;SSTLTPMHLRKAKLMFFWVRYPSSAVLKMYFPDIKFNKNNTAQLVKWFSNFREFYYIQMEKYARQAVTEGIKTPDDLLIA
GDSELYRVLNLHYNRNNHIEVPQNFRFVVESTLREFFRAIQGGKDTEQSWKKSIYKIISRMDDPVPEYFKSP
;
_struct_ref.pdbx_align_begin           1245 
_struct_ref.pdbx_db_accession          P29617 
_struct_ref.pdbx_db_isoform            ? 
# 
_struct_ref_seq.align_id                      1 
_struct_ref_seq.ref_id                        1 
_struct_ref_seq.pdbx_PDB_id_code              1MIJ 
_struct_ref_seq.pdbx_strand_id                A 
_struct_ref_seq.seq_align_beg                 1 
_struct_ref_seq.pdbx_seq_align_beg_ins_code   ? 
_struct_ref_seq.seq_align_end                 152 
_struct_ref_seq.pdbx_seq_align_end_ins_code   ? 
_struct_ref_seq.pdbx_db_accession             P29617 
_struct_ref_seq.db_align_beg                  1245 
_struct_ref_seq.pdbx_db_align_beg_ins_code    ? 
_struct_ref_seq.db_align_end                  1396 
_struct_ref_seq.pdbx_db_align_end_ins_code    ? 
_struct_ref_seq.pdbx_auth_seq_align_beg       1245 
_struct_ref_seq.pdbx_auth_seq_align_end       1396 
# 
loop_
_struct_ref_seq_dif.align_id 
_struct_ref_seq_dif.pdbx_pdb_id_code 
_struct_ref_seq_dif.mon_id 
_struct_ref_seq_dif.pdbx_pdb_strand_id 
_struct_ref_seq_dif.seq_num 
_struct_ref_seq_dif.pdbx_pdb_ins_code 
_struct_ref_seq_dif.pdbx_seq_db_name 
_struct_ref_seq_dif.pdbx_seq_db_accession_code 
_struct_ref_seq_dif.db_mon_id 
_struct_ref_seq_dif.pdbx_seq_db_seq_num 
_struct_ref_seq_dif.details 
_struct_ref_seq_dif.pdbx_auth_seq_num 
_struct_ref_seq_dif.pdbx_ordinal 
1 1MIJ MSE A 7   ? UNP P29617 MET 1251 'modified residue' 1251 1 
1 1MIJ MSE A 15  ? UNP P29617 MET 1259 'modified residue' 1259 2 
1 1MIJ MSE A 29  ? UNP P29617 MET 1273 'modified residue' 1273 3 
1 1MIJ MSE A 59  ? UNP P29617 MET 1303 'modified residue' 1303 4 
1 1MIJ MSE A 141 ? UNP P29617 MET 1385 'modified residue' 1385 5 
# 
_pdbx_struct_assembly.id                   1 
_pdbx_struct_assembly.details              author_defined_assembly 
_pdbx_struct_assembly.method_details       ? 
_pdbx_struct_assembly.oligomeric_details   monomeric 
_pdbx_struct_assembly.oligomeric_count     1 
# 
_pdbx_struct_assembly_gen.assembly_id       1 
_pdbx_struct_assembly_gen.oper_expression   1 
_pdbx_struct_assembly_gen.asym_id_list      A,B 
# 
_pdbx_struct_oper_list.id                   1 
_pdbx_struct_oper_list.type                 'identity operation' 
_pdbx_struct_oper_list.name                 1_555 
_pdbx_struct_oper_list.symmetry_operation   x,y,z 
_pdbx_struct_oper_list.matrix[1][1]         1.0000000000 
_pdbx_struct_oper_list.matrix[1][2]         0.0000000000 
_pdbx_struct_oper_list.matrix[1][3]         0.0000000000 
_pdbx_struct_oper_list.vector[1]            0.0000000000 
_pdbx_struct_oper_list.matrix[2][1]         0.0000000000 
_pdbx_struct_oper_list.matrix[2][2]         1.0000000000 
_pdbx_struct_oper_list.matrix[2][3]         0.0000000000 
_pdbx_struct_oper_list.vector[2]            0.0000000000 
_pdbx_struct_oper_list.matrix[3][1]         0.0000000000 
_pdbx_struct_oper_list.matrix[3][2]         0.0000000000 
_pdbx_struct_oper_list.matrix[3][3]         1.0000000000 
_pdbx_struct_oper_list.vector[3]            0.0000000000 
# 
loop_
_struct_conf.conf_type_id 
_struct_conf.id 
_struct_conf.pdbx_PDB_helix_id 
_struct_conf.beg_label_comp_id 
_struct_conf.beg_label_asym_id 
_struct_conf.beg_label_seq_id 
_struct_conf.pdbx_beg_PDB_ins_code 
_struct_conf.end_label_comp_id 
_struct_conf.end_label_asym_id 
_struct_conf.end_label_seq_id 
_struct_conf.pdbx_end_PDB_ins_code 
_struct_conf.beg_auth_comp_id 
_struct_conf.beg_auth_asym_id 
_struct_conf.beg_auth_seq_id 
_struct_conf.end_auth_comp_id 
_struct_conf.end_auth_asym_id 
_struct_conf.end_auth_seq_id 
_struct_conf.pdbx_PDB_helix_class 
_struct_conf.details 
_struct_conf.pdbx_PDB_helix_length 
HELX_P HELX_P1 1 THR A 5   ? PHE A 16  ? THR A 1249 PHE A 1260 1 ? 12 
HELX_P HELX_P2 2 SER A 23  ? PHE A 31  ? SER A 1267 PHE A 1275 1 ? 9  
HELX_P HELX_P3 3 ASN A 37  ? GLU A 69  ? ASN A 1281 GLU A 1313 1 ? 33 
HELX_P HELX_P4 4 SER A 83  ? ASN A 94  ? SER A 1327 ASN A 1338 1 ? 12 
HELX_P HELX_P5 5 PRO A 102 ? GLY A 122 ? PRO A 1346 GLY A 1366 1 ? 21 
HELX_P HELX_P6 6 GLY A 123 ? GLU A 127 ? GLY A 1367 GLU A 1371 5 ? 5  
HELX_P HELX_P7 7 LYS A 131 ? ARG A 140 ? LYS A 1375 ARG A 1384 1 ? 10 
HELX_P HELX_P8 8 PRO A 146 ? SER A 151 ? PRO A 1390 SER A 1395 5 ? 6  
# 
_struct_conf_type.id          HELX_P 
_struct_conf_type.criteria    ? 
_struct_conf_type.reference   ? 
# 
loop_
_struct_conn.id 
_struct_conn.conn_type_id 
_struct_conn.pdbx_leaving_atom_flag 
_struct_conn.pdbx_PDB_id 
_struct_conn.ptnr1_label_asym_id 
_struct_conn.ptnr1_label_comp_id 
_struct_conn.ptnr1_label_seq_id 
_struct_conn.ptnr1_label_atom_id 
_struct_conn.pdbx_ptnr1_label_alt_id 
_struct_conn.pdbx_ptnr1_PDB_ins_code 
_struct_conn.pdbx_ptnr1_standard_comp_id 
_struct_conn.ptnr1_symmetry 
_struct_conn.ptnr2_label_asym_id 
_struct_conn.ptnr2_label_comp_id 
_struct_conn.ptnr2_label_seq_id 
_struct_conn.ptnr2_label_atom_id 
_struct_conn.pdbx_ptnr2_label_alt_id 
_struct_conn.pdbx_ptnr2_PDB_ins_code 
_struct_conn.ptnr1_auth_asym_id 
_struct_conn.ptnr1_auth_comp_id 
_struct_conn.ptnr1_auth_seq_id 
_struct_conn.ptnr2_auth_asym_id 
_struct_conn.ptnr2_auth_comp_id 
_struct_conn.ptnr2_auth_seq_id 
_struct_conn.ptnr2_symmetry 
_struct_conn.pdbx_ptnr3_label_atom_id 
_struct_conn.pdbx_ptnr3_label_seq_id 
_struct_conn.pdbx_ptnr3_label_comp_id 
_struct_conn.pdbx_ptnr3_label_asym_id 
_struct_conn.pdbx_ptnr3_label_alt_id 
_struct_conn.pdbx_ptnr3_PDB_ins_code 
_struct_conn.details 
_struct_conn.pdbx_dist_value 
_struct_conn.pdbx_value_order 
_struct_conn.pdbx_role 
covale1  covale both ? A PRO 6   C ? ? ? 1_555 A MSE 7   N A ? A PRO 1250 A MSE 1251 1_555 ? ? ? ? ? ? ? 1.330 ? ? 
covale2  covale both ? A PRO 6   C ? ? ? 1_555 A MSE 7   N B ? A PRO 1250 A MSE 1251 1_555 ? ? ? ? ? ? ? 1.327 ? ? 
covale3  covale both ? A MSE 7   C A ? ? 1_555 A HIS 8   N ? ? A MSE 1251 A HIS 1252 1_555 ? ? ? ? ? ? ? 1.332 ? ? 
covale4  covale both ? A MSE 7   C B ? ? 1_555 A HIS 8   N ? ? A MSE 1251 A HIS 1252 1_555 ? ? ? ? ? ? ? 1.331 ? ? 
covale5  covale both ? A LEU 14  C ? ? ? 1_555 A MSE 15  N A ? A LEU 1258 A MSE 1259 1_555 ? ? ? ? ? ? ? 1.329 ? ? 
covale6  covale both ? A LEU 14  C ? ? ? 1_555 A MSE 15  N B ? A LEU 1258 A MSE 1259 1_555 ? ? ? ? ? ? ? 1.331 ? ? 
covale7  covale both ? A MSE 15  C A ? ? 1_555 A PHE 16  N ? ? A MSE 1259 A PHE 1260 1_555 ? ? ? ? ? ? ? 1.327 ? ? 
covale8  covale both ? A MSE 15  C B ? ? 1_555 A PHE 16  N ? ? A MSE 1259 A PHE 1260 1_555 ? ? ? ? ? ? ? 1.329 ? ? 
covale9  covale both ? A LYS 28  C ? ? ? 1_555 A MSE 29  N B ? A LYS 1272 A MSE 1273 1_555 ? ? ? ? ? ? ? 1.330 ? ? 
covale10 covale both ? A LYS 28  C ? ? ? 1_555 A MSE 29  N A ? A LYS 1272 A MSE 1273 1_555 ? ? ? ? ? ? ? 1.329 ? ? 
covale11 covale both ? A MSE 29  C B ? ? 1_555 A TYR 30  N ? ? A MSE 1273 A TYR 1274 1_555 ? ? ? ? ? ? ? 1.330 ? ? 
covale12 covale both ? A MSE 29  C A ? ? 1_555 A TYR 30  N ? ? A MSE 1273 A TYR 1274 1_555 ? ? ? ? ? ? ? 1.330 ? ? 
covale13 covale both ? A GLN 58  C ? ? ? 1_555 A MSE 59  N ? ? A GLN 1302 A MSE 1303 1_555 ? ? ? ? ? ? ? 1.333 ? ? 
covale14 covale both ? A MSE 59  C ? ? ? 1_555 A GLU 60  N ? ? A MSE 1303 A GLU 1304 1_555 ? ? ? ? ? ? ? 1.333 ? ? 
covale15 covale both ? A ARG 140 C B ? ? 1_555 A MSE 141 N ? ? A ARG 1384 A MSE 1385 1_555 ? ? ? ? ? ? ? 1.330 ? ? 
covale16 covale both ? A ARG 140 C A ? ? 1_555 A MSE 141 N ? ? A ARG 1384 A MSE 1385 1_555 ? ? ? ? ? ? ? 1.329 ? ? 
covale17 covale both ? A MSE 141 C ? ? ? 1_555 A ASP 142 N ? ? A MSE 1385 A ASP 1386 1_555 ? ? ? ? ? ? ? 1.323 ? ? 
# 
_struct_conn_type.id          covale 
_struct_conn_type.criteria    ? 
_struct_conn_type.reference   ? 
# 
loop_
_pdbx_modification_feature.ordinal 
_pdbx_modification_feature.label_comp_id 
_pdbx_modification_feature.label_asym_id 
_pdbx_modification_feature.label_seq_id 
_pdbx_modification_feature.label_alt_id 
_pdbx_modification_feature.modified_residue_label_comp_id 
_pdbx_modification_feature.modified_residue_label_asym_id 
_pdbx_modification_feature.modified_residue_label_seq_id 
_pdbx_modification_feature.modified_residue_label_alt_id 
_pdbx_modification_feature.auth_comp_id 
_pdbx_modification_feature.auth_asym_id 
_pdbx_modification_feature.auth_seq_id 
_pdbx_modification_feature.PDB_ins_code 
_pdbx_modification_feature.symmetry 
_pdbx_modification_feature.modified_residue_auth_comp_id 
_pdbx_modification_feature.modified_residue_auth_asym_id 
_pdbx_modification_feature.modified_residue_auth_seq_id 
_pdbx_modification_feature.modified_residue_PDB_ins_code 
_pdbx_modification_feature.modified_residue_symmetry 
_pdbx_modification_feature.comp_id_linking_atom 
_pdbx_modification_feature.modified_residue_id_linking_atom 
_pdbx_modification_feature.modified_residue_id 
_pdbx_modification_feature.ref_pcm_id 
_pdbx_modification_feature.ref_comp_id 
_pdbx_modification_feature.type 
_pdbx_modification_feature.category 
1 MSE A 7   A . . . . MSE A 1251 ? 1_555 . . . . . . . MET 1 MSE Selenomethionine 'Named protein modification' 
2 MSE A 7   B . . . . MSE A 1251 ? 1_555 . . . . . . . MET 1 MSE Selenomethionine 'Named protein modification' 
3 MSE A 15  A . . . . MSE A 1259 ? 1_555 . . . . . . . MET 1 MSE Selenomethionine 'Named protein modification' 
4 MSE A 15  B . . . . MSE A 1259 ? 1_555 . . . . . . . MET 1 MSE Selenomethionine 'Named protein modification' 
5 MSE A 29  A . . . . MSE A 1273 ? 1_555 . . . . . . . MET 1 MSE Selenomethionine 'Named protein modification' 
6 MSE A 29  B . . . . MSE A 1273 ? 1_555 . . . . . . . MET 1 MSE Selenomethionine 'Named protein modification' 
7 MSE A 59  ? . . . . MSE A 1303 ? 1_555 . . . . . . . MET 1 MSE Selenomethionine 'Named protein modification' 
8 MSE A 141 ? . . . . MSE A 1385 ? 1_555 . . . . . . . MET 1 MSE Selenomethionine 'Named protein modification' 
# 
_pdbx_entry_details.entry_id                   1MIJ 
_pdbx_entry_details.compound_details           ? 
_pdbx_entry_details.source_details             ? 
_pdbx_entry_details.nonpolymer_details         ? 
_pdbx_entry_details.sequence_details           ? 
_pdbx_entry_details.has_ligand_of_interest     ? 
_pdbx_entry_details.has_protein_modification   Y 
# 
loop_
_pdbx_validate_torsion.id 
_pdbx_validate_torsion.PDB_model_num 
_pdbx_validate_torsion.auth_comp_id 
_pdbx_validate_torsion.auth_asym_id 
_pdbx_validate_torsion.auth_seq_id 
_pdbx_validate_torsion.PDB_ins_code 
_pdbx_validate_torsion.label_alt_id 
_pdbx_validate_torsion.phi 
_pdbx_validate_torsion.psi 
1 1 ASN A 1338 ? ? -143.62 53.42 
2 1 ASN A 1338 ? ? -143.62 52.96 
# 
loop_
_pdbx_struct_mod_residue.id 
_pdbx_struct_mod_residue.label_asym_id 
_pdbx_struct_mod_residue.label_comp_id 
_pdbx_struct_mod_residue.label_seq_id 
_pdbx_struct_mod_residue.auth_asym_id 
_pdbx_struct_mod_residue.auth_comp_id 
_pdbx_struct_mod_residue.auth_seq_id 
_pdbx_struct_mod_residue.PDB_ins_code 
_pdbx_struct_mod_residue.parent_comp_id 
_pdbx_struct_mod_residue.details 
1 A MSE 7   A MSE 1251 ? MET SELENOMETHIONINE 
2 A MSE 15  A MSE 1259 ? MET SELENOMETHIONINE 
3 A MSE 29  A MSE 1273 ? MET SELENOMETHIONINE 
4 A MSE 59  A MSE 1303 ? MET SELENOMETHIONINE 
5 A MSE 141 A MSE 1385 ? MET SELENOMETHIONINE 
# 
loop_
_pdbx_unobs_or_zero_occ_residues.id 
_pdbx_unobs_or_zero_occ_residues.PDB_model_num 
_pdbx_unobs_or_zero_occ_residues.polymer_flag 
_pdbx_unobs_or_zero_occ_residues.occupancy_flag 
_pdbx_unobs_or_zero_occ_residues.auth_asym_id 
_pdbx_unobs_or_zero_occ_residues.auth_comp_id 
_pdbx_unobs_or_zero_occ_residues.auth_seq_id 
_pdbx_unobs_or_zero_occ_residues.PDB_ins_code 
_pdbx_unobs_or_zero_occ_residues.label_asym_id 
_pdbx_unobs_or_zero_occ_residues.label_comp_id 
_pdbx_unobs_or_zero_occ_residues.label_seq_id 
1  1 Y 1 A GLY 1314 ? A GLY 70 
2  1 Y 1 A ILE 1315 ? A ILE 71 
3  1 Y 1 A LYS 1316 ? A LYS 72 
4  1 Y 1 A THR 1317 ? A THR 73 
5  1 Y 1 A PRO 1318 ? A PRO 74 
6  1 Y 1 A ASP 1319 ? A ASP 75 
7  1 Y 1 A ASP 1320 ? A ASP 76 
8  1 Y 1 A LEU 1321 ? A LEU 77 
9  1 Y 1 A LEU 1322 ? A LEU 78 
10 1 Y 1 A ILE 1323 ? A ILE 79 
11 1 Y 1 A ALA 1324 ? A ALA 80 
12 1 Y 1 A GLY 1325 ? A GLY 81 
13 1 Y 1 A ASP 1326 ? A ASP 82 
# 
loop_
_chem_comp_atom.comp_id 
_chem_comp_atom.atom_id 
_chem_comp_atom.type_symbol 
_chem_comp_atom.pdbx_aromatic_flag 
_chem_comp_atom.pdbx_stereo_config 
_chem_comp_atom.pdbx_ordinal 
ALA N    N  N N 1   
ALA CA   C  N S 2   
ALA C    C  N N 3   
ALA O    O  N N 4   
ALA CB   C  N N 5   
ALA OXT  O  N N 6   
ALA H    H  N N 7   
ALA H2   H  N N 8   
ALA HA   H  N N 9   
ALA HB1  H  N N 10  
ALA HB2  H  N N 11  
ALA HB3  H  N N 12  
ALA HXT  H  N N 13  
ARG N    N  N N 14  
ARG CA   C  N S 15  
ARG C    C  N N 16  
ARG O    O  N N 17  
ARG CB   C  N N 18  
ARG CG   C  N N 19  
ARG CD   C  N N 20  
ARG NE   N  N N 21  
ARG CZ   C  N N 22  
ARG NH1  N  N N 23  
ARG NH2  N  N N 24  
ARG OXT  O  N N 25  
ARG H    H  N N 26  
ARG H2   H  N N 27  
ARG HA   H  N N 28  
ARG HB2  H  N N 29  
ARG HB3  H  N N 30  
ARG HG2  H  N N 31  
ARG HG3  H  N N 32  
ARG HD2  H  N N 33  
ARG HD3  H  N N 34  
ARG HE   H  N N 35  
ARG HH11 H  N N 36  
ARG HH12 H  N N 37  
ARG HH21 H  N N 38  
ARG HH22 H  N N 39  
ARG HXT  H  N N 40  
ASN N    N  N N 41  
ASN CA   C  N S 42  
ASN C    C  N N 43  
ASN O    O  N N 44  
ASN CB   C  N N 45  
ASN CG   C  N N 46  
ASN OD1  O  N N 47  
ASN ND2  N  N N 48  
ASN OXT  O  N N 49  
ASN H    H  N N 50  
ASN H2   H  N N 51  
ASN HA   H  N N 52  
ASN HB2  H  N N 53  
ASN HB3  H  N N 54  
ASN HD21 H  N N 55  
ASN HD22 H  N N 56  
ASN HXT  H  N N 57  
ASP N    N  N N 58  
ASP CA   C  N S 59  
ASP C    C  N N 60  
ASP O    O  N N 61  
ASP CB   C  N N 62  
ASP CG   C  N N 63  
ASP OD1  O  N N 64  
ASP OD2  O  N N 65  
ASP OXT  O  N N 66  
ASP H    H  N N 67  
ASP H2   H  N N 68  
ASP HA   H  N N 69  
ASP HB2  H  N N 70  
ASP HB3  H  N N 71  
ASP HD2  H  N N 72  
ASP HXT  H  N N 73  
GLN N    N  N N 74  
GLN CA   C  N S 75  
GLN C    C  N N 76  
GLN O    O  N N 77  
GLN CB   C  N N 78  
GLN CG   C  N N 79  
GLN CD   C  N N 80  
GLN OE1  O  N N 81  
GLN NE2  N  N N 82  
GLN OXT  O  N N 83  
GLN H    H  N N 84  
GLN H2   H  N N 85  
GLN HA   H  N N 86  
GLN HB2  H  N N 87  
GLN HB3  H  N N 88  
GLN HG2  H  N N 89  
GLN HG3  H  N N 90  
GLN HE21 H  N N 91  
GLN HE22 H  N N 92  
GLN HXT  H  N N 93  
GLU N    N  N N 94  
GLU CA   C  N S 95  
GLU C    C  N N 96  
GLU O    O  N N 97  
GLU CB   C  N N 98  
GLU CG   C  N N 99  
GLU CD   C  N N 100 
GLU OE1  O  N N 101 
GLU OE2  O  N N 102 
GLU OXT  O  N N 103 
GLU H    H  N N 104 
GLU H2   H  N N 105 
GLU HA   H  N N 106 
GLU HB2  H  N N 107 
GLU HB3  H  N N 108 
GLU HG2  H  N N 109 
GLU HG3  H  N N 110 
GLU HE2  H  N N 111 
GLU HXT  H  N N 112 
GLY N    N  N N 113 
GLY CA   C  N N 114 
GLY C    C  N N 115 
GLY O    O  N N 116 
GLY OXT  O  N N 117 
GLY H    H  N N 118 
GLY H2   H  N N 119 
GLY HA2  H  N N 120 
GLY HA3  H  N N 121 
GLY HXT  H  N N 122 
HIS N    N  N N 123 
HIS CA   C  N S 124 
HIS C    C  N N 125 
HIS O    O  N N 126 
HIS CB   C  N N 127 
HIS CG   C  Y N 128 
HIS ND1  N  Y N 129 
HIS CD2  C  Y N 130 
HIS CE1  C  Y N 131 
HIS NE2  N  Y N 132 
HIS OXT  O  N N 133 
HIS H    H  N N 134 
HIS H2   H  N N 135 
HIS HA   H  N N 136 
HIS HB2  H  N N 137 
HIS HB3  H  N N 138 
HIS HD1  H  N N 139 
HIS HD2  H  N N 140 
HIS HE1  H  N N 141 
HIS HE2  H  N N 142 
HIS HXT  H  N N 143 
HOH O    O  N N 144 
HOH H1   H  N N 145 
HOH H2   H  N N 146 
ILE N    N  N N 147 
ILE CA   C  N S 148 
ILE C    C  N N 149 
ILE O    O  N N 150 
ILE CB   C  N S 151 
ILE CG1  C  N N 152 
ILE CG2  C  N N 153 
ILE CD1  C  N N 154 
ILE OXT  O  N N 155 
ILE H    H  N N 156 
ILE H2   H  N N 157 
ILE HA   H  N N 158 
ILE HB   H  N N 159 
ILE HG12 H  N N 160 
ILE HG13 H  N N 161 
ILE HG21 H  N N 162 
ILE HG22 H  N N 163 
ILE HG23 H  N N 164 
ILE HD11 H  N N 165 
ILE HD12 H  N N 166 
ILE HD13 H  N N 167 
ILE HXT  H  N N 168 
LEU N    N  N N 169 
LEU CA   C  N S 170 
LEU C    C  N N 171 
LEU O    O  N N 172 
LEU CB   C  N N 173 
LEU CG   C  N N 174 
LEU CD1  C  N N 175 
LEU CD2  C  N N 176 
LEU OXT  O  N N 177 
LEU H    H  N N 178 
LEU H2   H  N N 179 
LEU HA   H  N N 180 
LEU HB2  H  N N 181 
LEU HB3  H  N N 182 
LEU HG   H  N N 183 
LEU HD11 H  N N 184 
LEU HD12 H  N N 185 
LEU HD13 H  N N 186 
LEU HD21 H  N N 187 
LEU HD22 H  N N 188 
LEU HD23 H  N N 189 
LEU HXT  H  N N 190 
LYS N    N  N N 191 
LYS CA   C  N S 192 
LYS C    C  N N 193 
LYS O    O  N N 194 
LYS CB   C  N N 195 
LYS CG   C  N N 196 
LYS CD   C  N N 197 
LYS CE   C  N N 198 
LYS NZ   N  N N 199 
LYS OXT  O  N N 200 
LYS H    H  N N 201 
LYS H2   H  N N 202 
LYS HA   H  N N 203 
LYS HB2  H  N N 204 
LYS HB3  H  N N 205 
LYS HG2  H  N N 206 
LYS HG3  H  N N 207 
LYS HD2  H  N N 208 
LYS HD3  H  N N 209 
LYS HE2  H  N N 210 
LYS HE3  H  N N 211 
LYS HZ1  H  N N 212 
LYS HZ2  H  N N 213 
LYS HZ3  H  N N 214 
LYS HXT  H  N N 215 
MET N    N  N N 216 
MET CA   C  N S 217 
MET C    C  N N 218 
MET O    O  N N 219 
MET CB   C  N N 220 
MET CG   C  N N 221 
MET SD   S  N N 222 
MET CE   C  N N 223 
MET OXT  O  N N 224 
MET H    H  N N 225 
MET H2   H  N N 226 
MET HA   H  N N 227 
MET HB2  H  N N 228 
MET HB3  H  N N 229 
MET HG2  H  N N 230 
MET HG3  H  N N 231 
MET HE1  H  N N 232 
MET HE2  H  N N 233 
MET HE3  H  N N 234 
MET HXT  H  N N 235 
MSE N    N  N N 236 
MSE CA   C  N S 237 
MSE C    C  N N 238 
MSE O    O  N N 239 
MSE OXT  O  N N 240 
MSE CB   C  N N 241 
MSE CG   C  N N 242 
MSE SE   SE N N 243 
MSE CE   C  N N 244 
MSE H    H  N N 245 
MSE H2   H  N N 246 
MSE HA   H  N N 247 
MSE HXT  H  N N 248 
MSE HB2  H  N N 249 
MSE HB3  H  N N 250 
MSE HG2  H  N N 251 
MSE HG3  H  N N 252 
MSE HE1  H  N N 253 
MSE HE2  H  N N 254 
MSE HE3  H  N N 255 
PHE N    N  N N 256 
PHE CA   C  N S 257 
PHE C    C  N N 258 
PHE O    O  N N 259 
PHE CB   C  N N 260 
PHE CG   C  Y N 261 
PHE CD1  C  Y N 262 
PHE CD2  C  Y N 263 
PHE CE1  C  Y N 264 
PHE CE2  C  Y N 265 
PHE CZ   C  Y N 266 
PHE OXT  O  N N 267 
PHE H    H  N N 268 
PHE H2   H  N N 269 
PHE HA   H  N N 270 
PHE HB2  H  N N 271 
PHE HB3  H  N N 272 
PHE HD1  H  N N 273 
PHE HD2  H  N N 274 
PHE HE1  H  N N 275 
PHE HE2  H  N N 276 
PHE HZ   H  N N 277 
PHE HXT  H  N N 278 
PRO N    N  N N 279 
PRO CA   C  N S 280 
PRO C    C  N N 281 
PRO O    O  N N 282 
PRO CB   C  N N 283 
PRO CG   C  N N 284 
PRO CD   C  N N 285 
PRO OXT  O  N N 286 
PRO H    H  N N 287 
PRO HA   H  N N 288 
PRO HB2  H  N N 289 
PRO HB3  H  N N 290 
PRO HG2  H  N N 291 
PRO HG3  H  N N 292 
PRO HD2  H  N N 293 
PRO HD3  H  N N 294 
PRO HXT  H  N N 295 
SER N    N  N N 296 
SER CA   C  N S 297 
SER C    C  N N 298 
SER O    O  N N 299 
SER CB   C  N N 300 
SER OG   O  N N 301 
SER OXT  O  N N 302 
SER H    H  N N 303 
SER H2   H  N N 304 
SER HA   H  N N 305 
SER HB2  H  N N 306 
SER HB3  H  N N 307 
SER HG   H  N N 308 
SER HXT  H  N N 309 
THR N    N  N N 310 
THR CA   C  N S 311 
THR C    C  N N 312 
THR O    O  N N 313 
THR CB   C  N R 314 
THR OG1  O  N N 315 
THR CG2  C  N N 316 
THR OXT  O  N N 317 
THR H    H  N N 318 
THR H2   H  N N 319 
THR HA   H  N N 320 
THR HB   H  N N 321 
THR HG1  H  N N 322 
THR HG21 H  N N 323 
THR HG22 H  N N 324 
THR HG23 H  N N 325 
THR HXT  H  N N 326 
TRP N    N  N N 327 
TRP CA   C  N S 328 
TRP C    C  N N 329 
TRP O    O  N N 330 
TRP CB   C  N N 331 
TRP CG   C  Y N 332 
TRP CD1  C  Y N 333 
TRP CD2  C  Y N 334 
TRP NE1  N  Y N 335 
TRP CE2  C  Y N 336 
TRP CE3  C  Y N 337 
TRP CZ2  C  Y N 338 
TRP CZ3  C  Y N 339 
TRP CH2  C  Y N 340 
TRP OXT  O  N N 341 
TRP H    H  N N 342 
TRP H2   H  N N 343 
TRP HA   H  N N 344 
TRP HB2  H  N N 345 
TRP HB3  H  N N 346 
TRP HD1  H  N N 347 
TRP HE1  H  N N 348 
TRP HE3  H  N N 349 
TRP HZ2  H  N N 350 
TRP HZ3  H  N N 351 
TRP HH2  H  N N 352 
TRP HXT  H  N N 353 
TYR N    N  N N 354 
TYR CA   C  N S 355 
TYR C    C  N N 356 
TYR O    O  N N 357 
TYR CB   C  N N 358 
TYR CG   C  Y N 359 
TYR CD1  C  Y N 360 
TYR CD2  C  Y N 361 
TYR CE1  C  Y N 362 
TYR CE2  C  Y N 363 
TYR CZ   C  Y N 364 
TYR OH   O  N N 365 
TYR OXT  O  N N 366 
TYR H    H  N N 367 
TYR H2   H  N N 368 
TYR HA   H  N N 369 
TYR HB2  H  N N 370 
TYR HB3  H  N N 371 
TYR HD1  H  N N 372 
TYR HD2  H  N N 373 
TYR HE1  H  N N 374 
TYR HE2  H  N N 375 
TYR HH   H  N N 376 
TYR HXT  H  N N 377 
VAL N    N  N N 378 
VAL CA   C  N S 379 
VAL C    C  N N 380 
VAL O    O  N N 381 
VAL CB   C  N N 382 
VAL CG1  C  N N 383 
VAL CG2  C  N N 384 
VAL OXT  O  N N 385 
VAL H    H  N N 386 
VAL H2   H  N N 387 
VAL HA   H  N N 388 
VAL HB   H  N N 389 
VAL HG11 H  N N 390 
VAL HG12 H  N N 391 
VAL HG13 H  N N 392 
VAL HG21 H  N N 393 
VAL HG22 H  N N 394 
VAL HG23 H  N N 395 
VAL HXT  H  N N 396 
# 
loop_
_chem_comp_bond.comp_id 
_chem_comp_bond.atom_id_1 
_chem_comp_bond.atom_id_2 
_chem_comp_bond.value_order 
_chem_comp_bond.pdbx_aromatic_flag 
_chem_comp_bond.pdbx_stereo_config 
_chem_comp_bond.pdbx_ordinal 
ALA N   CA   sing N N 1   
ALA N   H    sing N N 2   
ALA N   H2   sing N N 3   
ALA CA  C    sing N N 4   
ALA CA  CB   sing N N 5   
ALA CA  HA   sing N N 6   
ALA C   O    doub N N 7   
ALA C   OXT  sing N N 8   
ALA CB  HB1  sing N N 9   
ALA CB  HB2  sing N N 10  
ALA CB  HB3  sing N N 11  
ALA OXT HXT  sing N N 12  
ARG N   CA   sing N N 13  
ARG N   H    sing N N 14  
ARG N   H2   sing N N 15  
ARG CA  C    sing N N 16  
ARG CA  CB   sing N N 17  
ARG CA  HA   sing N N 18  
ARG C   O    doub N N 19  
ARG C   OXT  sing N N 20  
ARG CB  CG   sing N N 21  
ARG CB  HB2  sing N N 22  
ARG CB  HB3  sing N N 23  
ARG CG  CD   sing N N 24  
ARG CG  HG2  sing N N 25  
ARG CG  HG3  sing N N 26  
ARG CD  NE   sing N N 27  
ARG CD  HD2  sing N N 28  
ARG CD  HD3  sing N N 29  
ARG NE  CZ   sing N N 30  
ARG NE  HE   sing N N 31  
ARG CZ  NH1  sing N N 32  
ARG CZ  NH2  doub N N 33  
ARG NH1 HH11 sing N N 34  
ARG NH1 HH12 sing N N 35  
ARG NH2 HH21 sing N N 36  
ARG NH2 HH22 sing N N 37  
ARG OXT HXT  sing N N 38  
ASN N   CA   sing N N 39  
ASN N   H    sing N N 40  
ASN N   H2   sing N N 41  
ASN CA  C    sing N N 42  
ASN CA  CB   sing N N 43  
ASN CA  HA   sing N N 44  
ASN C   O    doub N N 45  
ASN C   OXT  sing N N 46  
ASN CB  CG   sing N N 47  
ASN CB  HB2  sing N N 48  
ASN CB  HB3  sing N N 49  
ASN CG  OD1  doub N N 50  
ASN CG  ND2  sing N N 51  
ASN ND2 HD21 sing N N 52  
ASN ND2 HD22 sing N N 53  
ASN OXT HXT  sing N N 54  
ASP N   CA   sing N N 55  
ASP N   H    sing N N 56  
ASP N   H2   sing N N 57  
ASP CA  C    sing N N 58  
ASP CA  CB   sing N N 59  
ASP CA  HA   sing N N 60  
ASP C   O    doub N N 61  
ASP C   OXT  sing N N 62  
ASP CB  CG   sing N N 63  
ASP CB  HB2  sing N N 64  
ASP CB  HB3  sing N N 65  
ASP CG  OD1  doub N N 66  
ASP CG  OD2  sing N N 67  
ASP OD2 HD2  sing N N 68  
ASP OXT HXT  sing N N 69  
GLN N   CA   sing N N 70  
GLN N   H    sing N N 71  
GLN N   H2   sing N N 72  
GLN CA  C    sing N N 73  
GLN CA  CB   sing N N 74  
GLN CA  HA   sing N N 75  
GLN C   O    doub N N 76  
GLN C   OXT  sing N N 77  
GLN CB  CG   sing N N 78  
GLN CB  HB2  sing N N 79  
GLN CB  HB3  sing N N 80  
GLN CG  CD   sing N N 81  
GLN CG  HG2  sing N N 82  
GLN CG  HG3  sing N N 83  
GLN CD  OE1  doub N N 84  
GLN CD  NE2  sing N N 85  
GLN NE2 HE21 sing N N 86  
GLN NE2 HE22 sing N N 87  
GLN OXT HXT  sing N N 88  
GLU N   CA   sing N N 89  
GLU N   H    sing N N 90  
GLU N   H2   sing N N 91  
GLU CA  C    sing N N 92  
GLU CA  CB   sing N N 93  
GLU CA  HA   sing N N 94  
GLU C   O    doub N N 95  
GLU C   OXT  sing N N 96  
GLU CB  CG   sing N N 97  
GLU CB  HB2  sing N N 98  
GLU CB  HB3  sing N N 99  
GLU CG  CD   sing N N 100 
GLU CG  HG2  sing N N 101 
GLU CG  HG3  sing N N 102 
GLU CD  OE1  doub N N 103 
GLU CD  OE2  sing N N 104 
GLU OE2 HE2  sing N N 105 
GLU OXT HXT  sing N N 106 
GLY N   CA   sing N N 107 
GLY N   H    sing N N 108 
GLY N   H2   sing N N 109 
GLY CA  C    sing N N 110 
GLY CA  HA2  sing N N 111 
GLY CA  HA3  sing N N 112 
GLY C   O    doub N N 113 
GLY C   OXT  sing N N 114 
GLY OXT HXT  sing N N 115 
HIS N   CA   sing N N 116 
HIS N   H    sing N N 117 
HIS N   H2   sing N N 118 
HIS CA  C    sing N N 119 
HIS CA  CB   sing N N 120 
HIS CA  HA   sing N N 121 
HIS C   O    doub N N 122 
HIS C   OXT  sing N N 123 
HIS CB  CG   sing N N 124 
HIS CB  HB2  sing N N 125 
HIS CB  HB3  sing N N 126 
HIS CG  ND1  sing Y N 127 
HIS CG  CD2  doub Y N 128 
HIS ND1 CE1  doub Y N 129 
HIS ND1 HD1  sing N N 130 
HIS CD2 NE2  sing Y N 131 
HIS CD2 HD2  sing N N 132 
HIS CE1 NE2  sing Y N 133 
HIS CE1 HE1  sing N N 134 
HIS NE2 HE2  sing N N 135 
HIS OXT HXT  sing N N 136 
HOH O   H1   sing N N 137 
HOH O   H2   sing N N 138 
ILE N   CA   sing N N 139 
ILE N   H    sing N N 140 
ILE N   H2   sing N N 141 
ILE CA  C    sing N N 142 
ILE CA  CB   sing N N 143 
ILE CA  HA   sing N N 144 
ILE C   O    doub N N 145 
ILE C   OXT  sing N N 146 
ILE CB  CG1  sing N N 147 
ILE CB  CG2  sing N N 148 
ILE CB  HB   sing N N 149 
ILE CG1 CD1  sing N N 150 
ILE CG1 HG12 sing N N 151 
ILE CG1 HG13 sing N N 152 
ILE CG2 HG21 sing N N 153 
ILE CG2 HG22 sing N N 154 
ILE CG2 HG23 sing N N 155 
ILE CD1 HD11 sing N N 156 
ILE CD1 HD12 sing N N 157 
ILE CD1 HD13 sing N N 158 
ILE OXT HXT  sing N N 159 
LEU N   CA   sing N N 160 
LEU N   H    sing N N 161 
LEU N   H2   sing N N 162 
LEU CA  C    sing N N 163 
LEU CA  CB   sing N N 164 
LEU CA  HA   sing N N 165 
LEU C   O    doub N N 166 
LEU C   OXT  sing N N 167 
LEU CB  CG   sing N N 168 
LEU CB  HB2  sing N N 169 
LEU CB  HB3  sing N N 170 
LEU CG  CD1  sing N N 171 
LEU CG  CD2  sing N N 172 
LEU CG  HG   sing N N 173 
LEU CD1 HD11 sing N N 174 
LEU CD1 HD12 sing N N 175 
LEU CD1 HD13 sing N N 176 
LEU CD2 HD21 sing N N 177 
LEU CD2 HD22 sing N N 178 
LEU CD2 HD23 sing N N 179 
LEU OXT HXT  sing N N 180 
LYS N   CA   sing N N 181 
LYS N   H    sing N N 182 
LYS N   H2   sing N N 183 
LYS CA  C    sing N N 184 
LYS CA  CB   sing N N 185 
LYS CA  HA   sing N N 186 
LYS C   O    doub N N 187 
LYS C   OXT  sing N N 188 
LYS CB  CG   sing N N 189 
LYS CB  HB2  sing N N 190 
LYS CB  HB3  sing N N 191 
LYS CG  CD   sing N N 192 
LYS CG  HG2  sing N N 193 
LYS CG  HG3  sing N N 194 
LYS CD  CE   sing N N 195 
LYS CD  HD2  sing N N 196 
LYS CD  HD3  sing N N 197 
LYS CE  NZ   sing N N 198 
LYS CE  HE2  sing N N 199 
LYS CE  HE3  sing N N 200 
LYS NZ  HZ1  sing N N 201 
LYS NZ  HZ2  sing N N 202 
LYS NZ  HZ3  sing N N 203 
LYS OXT HXT  sing N N 204 
MET N   CA   sing N N 205 
MET N   H    sing N N 206 
MET N   H2   sing N N 207 
MET CA  C    sing N N 208 
MET CA  CB   sing N N 209 
MET CA  HA   sing N N 210 
MET C   O    doub N N 211 
MET C   OXT  sing N N 212 
MET CB  CG   sing N N 213 
MET CB  HB2  sing N N 214 
MET CB  HB3  sing N N 215 
MET CG  SD   sing N N 216 
MET CG  HG2  sing N N 217 
MET CG  HG3  sing N N 218 
MET SD  CE   sing N N 219 
MET CE  HE1  sing N N 220 
MET CE  HE2  sing N N 221 
MET CE  HE3  sing N N 222 
MET OXT HXT  sing N N 223 
MSE N   CA   sing N N 224 
MSE N   H    sing N N 225 
MSE N   H2   sing N N 226 
MSE CA  C    sing N N 227 
MSE CA  CB   sing N N 228 
MSE CA  HA   sing N N 229 
MSE C   O    doub N N 230 
MSE C   OXT  sing N N 231 
MSE OXT HXT  sing N N 232 
MSE CB  CG   sing N N 233 
MSE CB  HB2  sing N N 234 
MSE CB  HB3  sing N N 235 
MSE CG  SE   sing N N 236 
MSE CG  HG2  sing N N 237 
MSE CG  HG3  sing N N 238 
MSE SE  CE   sing N N 239 
MSE CE  HE1  sing N N 240 
MSE CE  HE2  sing N N 241 
MSE CE  HE3  sing N N 242 
PHE N   CA   sing N N 243 
PHE N   H    sing N N 244 
PHE N   H2   sing N N 245 
PHE CA  C    sing N N 246 
PHE CA  CB   sing N N 247 
PHE CA  HA   sing N N 248 
PHE C   O    doub N N 249 
PHE C   OXT  sing N N 250 
PHE CB  CG   sing N N 251 
PHE CB  HB2  sing N N 252 
PHE CB  HB3  sing N N 253 
PHE CG  CD1  doub Y N 254 
PHE CG  CD2  sing Y N 255 
PHE CD1 CE1  sing Y N 256 
PHE CD1 HD1  sing N N 257 
PHE CD2 CE2  doub Y N 258 
PHE CD2 HD2  sing N N 259 
PHE CE1 CZ   doub Y N 260 
PHE CE1 HE1  sing N N 261 
PHE CE2 CZ   sing Y N 262 
PHE CE2 HE2  sing N N 263 
PHE CZ  HZ   sing N N 264 
PHE OXT HXT  sing N N 265 
PRO N   CA   sing N N 266 
PRO N   CD   sing N N 267 
PRO N   H    sing N N 268 
PRO CA  C    sing N N 269 
PRO CA  CB   sing N N 270 
PRO CA  HA   sing N N 271 
PRO C   O    doub N N 272 
PRO C   OXT  sing N N 273 
PRO CB  CG   sing N N 274 
PRO CB  HB2  sing N N 275 
PRO CB  HB3  sing N N 276 
PRO CG  CD   sing N N 277 
PRO CG  HG2  sing N N 278 
PRO CG  HG3  sing N N 279 
PRO CD  HD2  sing N N 280 
PRO CD  HD3  sing N N 281 
PRO OXT HXT  sing N N 282 
SER N   CA   sing N N 283 
SER N   H    sing N N 284 
SER N   H2   sing N N 285 
SER CA  C    sing N N 286 
SER CA  CB   sing N N 287 
SER CA  HA   sing N N 288 
SER C   O    doub N N 289 
SER C   OXT  sing N N 290 
SER CB  OG   sing N N 291 
SER CB  HB2  sing N N 292 
SER CB  HB3  sing N N 293 
SER OG  HG   sing N N 294 
SER OXT HXT  sing N N 295 
THR N   CA   sing N N 296 
THR N   H    sing N N 297 
THR N   H2   sing N N 298 
THR CA  C    sing N N 299 
THR CA  CB   sing N N 300 
THR CA  HA   sing N N 301 
THR C   O    doub N N 302 
THR C   OXT  sing N N 303 
THR CB  OG1  sing N N 304 
THR CB  CG2  sing N N 305 
THR CB  HB   sing N N 306 
THR OG1 HG1  sing N N 307 
THR CG2 HG21 sing N N 308 
THR CG2 HG22 sing N N 309 
THR CG2 HG23 sing N N 310 
THR OXT HXT  sing N N 311 
TRP N   CA   sing N N 312 
TRP N   H    sing N N 313 
TRP N   H2   sing N N 314 
TRP CA  C    sing N N 315 
TRP CA  CB   sing N N 316 
TRP CA  HA   sing N N 317 
TRP C   O    doub N N 318 
TRP C   OXT  sing N N 319 
TRP CB  CG   sing N N 320 
TRP CB  HB2  sing N N 321 
TRP CB  HB3  sing N N 322 
TRP CG  CD1  doub Y N 323 
TRP CG  CD2  sing Y N 324 
TRP CD1 NE1  sing Y N 325 
TRP CD1 HD1  sing N N 326 
TRP CD2 CE2  doub Y N 327 
TRP CD2 CE3  sing Y N 328 
TRP NE1 CE2  sing Y N 329 
TRP NE1 HE1  sing N N 330 
TRP CE2 CZ2  sing Y N 331 
TRP CE3 CZ3  doub Y N 332 
TRP CE3 HE3  sing N N 333 
TRP CZ2 CH2  doub Y N 334 
TRP CZ2 HZ2  sing N N 335 
TRP CZ3 CH2  sing Y N 336 
TRP CZ3 HZ3  sing N N 337 
TRP CH2 HH2  sing N N 338 
TRP OXT HXT  sing N N 339 
TYR N   CA   sing N N 340 
TYR N   H    sing N N 341 
TYR N   H2   sing N N 342 
TYR CA  C    sing N N 343 
TYR CA  CB   sing N N 344 
TYR CA  HA   sing N N 345 
TYR C   O    doub N N 346 
TYR C   OXT  sing N N 347 
TYR CB  CG   sing N N 348 
TYR CB  HB2  sing N N 349 
TYR CB  HB3  sing N N 350 
TYR CG  CD1  doub Y N 351 
TYR CG  CD2  sing Y N 352 
TYR CD1 CE1  sing Y N 353 
TYR CD1 HD1  sing N N 354 
TYR CD2 CE2  doub Y N 355 
TYR CD2 HD2  sing N N 356 
TYR CE1 CZ   doub Y N 357 
TYR CE1 HE1  sing N N 358 
TYR CE2 CZ   sing Y N 359 
TYR CE2 HE2  sing N N 360 
TYR CZ  OH   sing N N 361 
TYR OH  HH   sing N N 362 
TYR OXT HXT  sing N N 363 
VAL N   CA   sing N N 364 
VAL N   H    sing N N 365 
VAL N   H2   sing N N 366 
VAL CA  C    sing N N 367 
VAL CA  CB   sing N N 368 
VAL CA  HA   sing N N 369 
VAL C   O    doub N N 370 
VAL C   OXT  sing N N 371 
VAL CB  CG1  sing N N 372 
VAL CB  CG2  sing N N 373 
VAL CB  HB   sing N N 374 
VAL CG1 HG11 sing N N 375 
VAL CG1 HG12 sing N N 376 
VAL CG1 HG13 sing N N 377 
VAL CG2 HG21 sing N N 378 
VAL CG2 HG22 sing N N 379 
VAL CG2 HG23 sing N N 380 
VAL OXT HXT  sing N N 381 
# 
_atom_sites.entry_id                    1MIJ 
_atom_sites.fract_transf_matrix[1][1]   0.01605945 
_atom_sites.fract_transf_matrix[1][2]   0.02225861 
_atom_sites.fract_transf_matrix[1][3]   0.00791930 
_atom_sites.fract_transf_matrix[2][1]   0.00473718 
_atom_sites.fract_transf_matrix[2][2]   -0.00947103 
_atom_sites.fract_transf_matrix[2][3]   0.01701354 
_atom_sites.fract_transf_matrix[3][1]   0.01680674 
_atom_sites.fract_transf_matrix[3][2]   -0.00603025 
_atom_sites.fract_transf_matrix[3][3]   -0.00803650 
_atom_sites.fract_transf_vector[1]      0.061162 
_atom_sites.fract_transf_vector[2]      0.198859 
_atom_sites.fract_transf_vector[3]      0.032713 
# 
loop_
_atom_type.symbol 
C  
N  
O  
SE 
# 
loop_
_atom_site.group_PDB 
_atom_site.id 
_atom_site.type_symbol 
_atom_site.label_atom_id 
_atom_site.label_alt_id 
_atom_site.label_comp_id 
_atom_site.label_asym_id 
_atom_site.label_entity_id 
_atom_site.label_seq_id 
_atom_site.pdbx_PDB_ins_code 
_atom_site.Cartn_x 
_atom_site.Cartn_y 
_atom_site.Cartn_z 
_atom_site.occupancy 
_atom_site.B_iso_or_equiv 
_atom_site.pdbx_formal_charge 
_atom_site.auth_seq_id 
_atom_site.auth_comp_id 
_atom_site.auth_asym_id 
_atom_site.auth_atom_id 
_atom_site.pdbx_PDB_model_num 
ATOM   1    N  N   . SER A 1 1   ? -22.271 -0.090  11.882  1.00 53.04 ? 1245 SER A N   1 
ATOM   2    C  CA  . SER A 1 1   ? -21.520 -0.019  13.169  1.00 52.61 ? 1245 SER A CA  1 
ATOM   3    C  C   . SER A 1 1   ? -20.299 0.892   13.049  1.00 51.75 ? 1245 SER A C   1 
ATOM   4    O  O   . SER A 1 1   ? -19.885 1.249   11.945  1.00 51.64 ? 1245 SER A O   1 
ATOM   5    C  CB  . SER A 1 1   ? -21.072 -1.422  13.596  1.00 53.65 ? 1245 SER A CB  1 
ATOM   6    O  OG  . SER A 1 1   ? -20.291 -1.372  14.781  1.00 55.60 ? 1245 SER A OG  1 
ATOM   7    N  N   A SER A 1 2   ? -19.735 1.264   14.194  0.50 50.39 ? 1246 SER A N   1 
ATOM   8    N  N   B SER A 1 2   ? -19.728 1.271   14.187  0.50 50.43 ? 1246 SER A N   1 
ATOM   9    C  CA  A SER A 1 2   ? -18.568 2.137   14.240  0.50 48.94 ? 1246 SER A CA  1 
ATOM   10   C  CA  B SER A 1 2   ? -18.549 2.131   14.200  0.50 49.04 ? 1246 SER A CA  1 
ATOM   11   C  C   A SER A 1 2   ? -17.327 1.375   14.691  0.50 47.33 ? 1246 SER A C   1 
ATOM   12   C  C   B SER A 1 2   ? -17.315 1.370   14.663  0.50 47.37 ? 1246 SER A C   1 
ATOM   13   O  O   A SER A 1 2   ? -16.263 1.960   14.885  0.50 46.98 ? 1246 SER A O   1 
ATOM   14   O  O   B SER A 1 2   ? -16.245 1.949   14.841  0.50 47.02 ? 1246 SER A O   1 
ATOM   15   C  CB  A SER A 1 2   ? -18.826 3.296   15.200  0.50 48.94 ? 1246 SER A CB  1 
ATOM   16   C  CB  B SER A 1 2   ? -18.775 3.338   15.112  0.50 49.07 ? 1246 SER A CB  1 
ATOM   17   O  OG  A SER A 1 2   ? -19.111 2.813   16.502  0.50 49.21 ? 1246 SER A OG  1 
ATOM   18   O  OG  B SER A 1 2   ? -19.680 4.256   14.522  0.50 49.86 ? 1246 SER A OG  1 
ATOM   19   N  N   . THR A 1 3   ? -17.472 0.066   14.858  1.00 46.28 ? 1247 THR A N   1 
ATOM   20   C  CA  . THR A 1 3   ? -16.364 -0.767  15.298  1.00 44.71 ? 1247 THR A CA  1 
ATOM   21   C  C   . THR A 1 3   ? -15.704 -1.492  14.136  1.00 40.97 ? 1247 THR A C   1 
ATOM   22   O  O   . THR A 1 3   ? -16.353 -2.258  13.421  1.00 39.80 ? 1247 THR A O   1 
ATOM   23   C  CB  . THR A 1 3   ? -16.824 -1.818  16.319  1.00 45.38 ? 1247 THR A CB  1 
ATOM   24   O  OG1 . THR A 1 3   ? -17.364 -1.158  17.467  1.00 46.92 ? 1247 THR A OG1 1 
ATOM   25   C  CG2 . THR A 1 3   ? -15.652 -2.691  16.751  1.00 46.99 ? 1247 THR A CG2 1 
ATOM   26   N  N   . LEU A 1 4   ? -14.414 -1.240  13.950  1.00 37.28 ? 1248 LEU A N   1 
ATOM   27   C  CA  . LEU A 1 4   ? -13.667 -1.896  12.887  1.00 35.01 ? 1248 LEU A CA  1 
ATOM   28   C  C   . LEU A 1 4   ? -13.464 -3.349  13.287  1.00 33.71 ? 1248 LEU A C   1 
ATOM   29   O  O   . LEU A 1 4   ? -13.341 -3.660  14.476  1.00 33.30 ? 1248 LEU A O   1 
ATOM   30   C  CB  . LEU A 1 4   ? -12.315 -1.218  12.683  1.00 34.80 ? 1248 LEU A CB  1 
ATOM   31   C  CG  . LEU A 1 4   ? -12.432 0.186   12.100  1.00 36.41 ? 1248 LEU A CG  1 
ATOM   32   C  CD1 . LEU A 1 4   ? -11.050 0.769   11.890  1.00 37.50 ? 1248 LEU A CD1 1 
ATOM   33   C  CD2 . LEU A 1 4   ? -13.186 0.126   10.781  1.00 36.46 ? 1248 LEU A CD2 1 
ATOM   34   N  N   . THR A 1 5   ? -13.439 -4.234  12.296  1.00 32.22 ? 1249 THR A N   1 
ATOM   35   C  CA  . THR A 1 5   ? -13.275 -5.660  12.550  1.00 32.10 ? 1249 THR A CA  1 
ATOM   36   C  C   . THR A 1 5   ? -12.125 -6.256  11.764  1.00 30.20 ? 1249 THR A C   1 
ATOM   37   O  O   . THR A 1 5   ? -11.538 -5.585  10.918  1.00 27.98 ? 1249 THR A O   1 
ATOM   38   C  CB  . THR A 1 5   ? -14.543 -6.435  12.160  1.00 33.59 ? 1249 THR A CB  1 
ATOM   39   O  OG1 . THR A 1 5   ? -14.690 -6.417  10.727  1.00 34.57 ? 1249 THR A OG1 1 
ATOM   40   C  CG2 . THR A 1 5   ? -15.791 -5.780  12.852  1.00 32.85 ? 1249 THR A CG2 1 
ATOM   41   N  N   . PRO A 1 6   ? -11.773 -7.530  12.057  1.00 30.35 ? 1250 PRO A N   1 
ATOM   42   C  CA  . PRO A 1 6   ? -10.681 -8.228  11.360  1.00 28.80 ? 1250 PRO A CA  1 
ATOM   43   C  C   . PRO A 1 6   ? -11.011 -8.299  9.874   1.00 27.73 ? 1250 PRO A C   1 
ATOM   44   O  O   . PRO A 1 6   ? -10.123 -8.317  9.025   1.00 26.76 ? 1250 PRO A O   1 
ATOM   45   C  CB  . PRO A 1 6   ? -10.686 -9.608  12.008  1.00 27.43 ? 1250 PRO A CB  1 
ATOM   46   C  CG  . PRO A 1 6   ? -11.091 -9.309  13.417  1.00 29.31 ? 1250 PRO A CG  1 
ATOM   47   C  CD  . PRO A 1 6   ? -12.226 -8.318  13.226  1.00 29.49 ? 1250 PRO A CD  1 
HETATM 48   N  N   A MSE A 1 7   ? -12.302 -8.351  9.561   0.65 26.82 ? 1251 MSE A N   1 
HETATM 49   N  N   B MSE A 1 7   ? -12.305 -8.338  9.584   0.35 27.65 ? 1251 MSE A N   1 
HETATM 50   C  CA  A MSE A 1 7   ? -12.724 -8.408  8.164   0.65 27.25 ? 1251 MSE A CA  1 
HETATM 51   C  CA  B MSE A 1 7   ? -12.802 -8.399  8.219   0.35 28.14 ? 1251 MSE A CA  1 
HETATM 52   C  C   A MSE A 1 7   ? -12.382 -7.095  7.471   0.65 24.83 ? 1251 MSE A C   1 
HETATM 53   C  C   B MSE A 1 7   ? -12.427 -7.112  7.487   0.35 26.14 ? 1251 MSE A C   1 
HETATM 54   O  O   A MSE A 1 7   ? -11.936 -7.094  6.323   0.65 22.53 ? 1251 MSE A O   1 
HETATM 55   O  O   B MSE A 1 7   ? -11.985 -7.145  6.339   0.35 24.70 ? 1251 MSE A O   1 
HETATM 56   C  CB  A MSE A 1 7   ? -14.229 -8.680  8.049   0.65 31.09 ? 1251 MSE A CB  1 
HETATM 57   C  CB  B MSE A 1 7   ? -14.323 -8.578  8.239   0.35 31.57 ? 1251 MSE A CB  1 
HETATM 58   C  CG  A MSE A 1 7   ? -14.640 -10.066 8.509   0.65 36.55 ? 1251 MSE A CG  1 
HETATM 59   C  CG  B MSE A 1 7   ? -14.985 -8.622  6.874   0.35 36.69 ? 1251 MSE A CG  1 
HETATM 60   SE SE  A MSE A 1 7   ? -16.534 -10.404 8.227   0.65 47.79 ? 1251 MSE A SE  1 
HETATM 61   SE SE  B MSE A 1 7   ? -16.900 -8.879  7.043   0.35 44.43 ? 1251 MSE A SE  1 
HETATM 62   C  CE  A MSE A 1 7   ? -17.227 -9.362  9.698   0.65 41.69 ? 1251 MSE A CE  1 
HETATM 63   C  CE  B MSE A 1 7   ? -16.891 -10.780 7.376   0.35 42.38 ? 1251 MSE A CE  1 
ATOM   64   N  N   . HIS A 1 8   ? -12.582 -5.982  8.173   1.00 24.28 ? 1252 HIS A N   1 
ATOM   65   C  CA  . HIS A 1 8   ? -12.259 -4.672  7.607   1.00 26.10 ? 1252 HIS A CA  1 
ATOM   66   C  C   . HIS A 1 8   ? -10.756 -4.579  7.346   1.00 23.77 ? 1252 HIS A C   1 
ATOM   67   O  O   . HIS A 1 8   ? -10.331 -4.054  6.315   1.00 24.47 ? 1252 HIS A O   1 
ATOM   68   C  CB  . HIS A 1 8   ? -12.673 -3.536  8.551   1.00 26.45 ? 1252 HIS A CB  1 
ATOM   69   C  CG  . HIS A 1 8   ? -14.143 -3.466  8.809   1.00 30.86 ? 1252 HIS A CG  1 
ATOM   70   N  ND1 . HIS A 1 8   ? -15.084 -3.607  7.808   1.00 34.11 ? 1252 HIS A ND1 1 
ATOM   71   C  CD2 . HIS A 1 8   ? -14.844 -3.235  9.946   1.00 29.33 ? 1252 HIS A CD2 1 
ATOM   72   C  CE1 . HIS A 1 8   ? -16.292 -3.466  8.316   1.00 33.96 ? 1252 HIS A CE1 1 
ATOM   73   N  NE2 . HIS A 1 8   ? -16.176 -3.239  9.615   1.00 32.97 ? 1252 HIS A NE2 1 
ATOM   74   N  N   . LEU A 1 9   ? -9.963  -5.084  8.288   1.00 22.91 ? 1253 LEU A N   1 
ATOM   75   C  CA  . LEU A 1 9   ? -8.506  -5.075  8.166   1.00 21.92 ? 1253 LEU A CA  1 
ATOM   76   C  C   . LEU A 1 9   ? -8.064  -5.886  6.949   1.00 21.62 ? 1253 LEU A C   1 
ATOM   77   O  O   . LEU A 1 9   ? -7.199  -5.463  6.176   1.00 20.01 ? 1253 LEU A O   1 
ATOM   78   C  CB  . LEU A 1 9   ? -7.859  -5.660  9.430   1.00 22.03 ? 1253 LEU A CB  1 
ATOM   79   C  CG  . LEU A 1 9   ? -6.331  -5.799  9.364   1.00 22.01 ? 1253 LEU A CG  1 
ATOM   80   C  CD1 . LEU A 1 9   ? -5.720  -4.446  9.041   1.00 20.06 ? 1253 LEU A CD1 1 
ATOM   81   C  CD2 . LEU A 1 9   ? -5.782  -6.346  10.696  1.00 21.46 ? 1253 LEU A CD2 1 
ATOM   82   N  N   A ARG A 1 10  ? -8.659  -7.061  6.781   0.50 21.90 ? 1254 ARG A N   1 
ATOM   83   N  N   B ARG A 1 10  ? -8.670  -7.054  6.787   0.50 21.58 ? 1254 ARG A N   1 
ATOM   84   C  CA  A ARG A 1 10  ? -8.334  -7.930  5.653   0.50 23.58 ? 1254 ARG A CA  1 
ATOM   85   C  CA  B ARG A 1 10  ? -8.355  -7.933  5.671   0.50 23.03 ? 1254 ARG A CA  1 
ATOM   86   C  C   A ARG A 1 10  ? -8.698  -7.254  4.333   0.50 22.30 ? 1254 ARG A C   1 
ATOM   87   C  C   B ARG A 1 10  ? -8.692  -7.246  4.349   0.50 21.98 ? 1254 ARG A C   1 
ATOM   88   O  O   A ARG A 1 10  ? -7.957  -7.339  3.354   0.50 23.24 ? 1254 ARG A O   1 
ATOM   89   O  O   B ARG A 1 10  ? -7.926  -7.310  3.391   0.50 22.82 ? 1254 ARG A O   1 
ATOM   90   C  CB  A ARG A 1 10  ? -9.080  -9.259  5.781   0.50 26.58 ? 1254 ARG A CB  1 
ATOM   91   C  CB  B ARG A 1 10  ? -9.155  -9.224  5.792   0.50 25.52 ? 1254 ARG A CB  1 
ATOM   92   C  CG  A ARG A 1 10  ? -8.862  -10.216 4.621   0.50 33.03 ? 1254 ARG A CG  1 
ATOM   93   C  CG  B ARG A 1 10  ? -8.648  -10.344 4.918   0.50 30.54 ? 1254 ARG A CG  1 
ATOM   94   C  CD  A ARG A 1 10  ? -9.418  -11.598 4.939   0.50 37.42 ? 1254 ARG A CD  1 
ATOM   95   C  CD  B ARG A 1 10  ? -9.567  -11.545 5.013   0.50 35.10 ? 1254 ARG A CD  1 
ATOM   96   N  NE  A ARG A 1 10  ? -10.765 -11.521 5.494   0.50 42.16 ? 1254 ARG A NE  1 
ATOM   97   N  NE  B ARG A 1 10  ? -8.980  -12.731 4.406   0.50 38.14 ? 1254 ARG A NE  1 
ATOM   98   C  CZ  A ARG A 1 10  ? -11.472 -12.575 5.890   0.50 43.35 ? 1254 ARG A CZ  1 
ATOM   99   C  CZ  B ARG A 1 10  ? -9.592  -13.907 4.340   0.50 39.27 ? 1254 ARG A CZ  1 
ATOM   100  N  NH1 A ARG A 1 10  ? -10.961 -13.795 5.790   0.50 44.19 ? 1254 ARG A NH1 1 
ATOM   101  N  NH1 B ARG A 1 10  ? -10.811 -14.049 4.842   0.50 39.53 ? 1254 ARG A NH1 1 
ATOM   102  N  NH2 A ARG A 1 10  ? -12.687 -12.406 6.396   0.50 44.03 ? 1254 ARG A NH2 1 
ATOM   103  N  NH2 B ARG A 1 10  ? -8.983  -14.938 3.783   0.50 37.12 ? 1254 ARG A NH2 1 
ATOM   104  N  N   . LYS A 1 11  ? -9.846  -6.589  4.316   1.00 21.58 ? 1255 LYS A N   1 
ATOM   105  C  CA  . LYS A 1 11  ? -10.318 -5.880  3.129   1.00 19.85 ? 1255 LYS A CA  1 
ATOM   106  C  C   . LYS A 1 11  ? -9.392  -4.712  2.813   1.00 20.24 ? 1255 LYS A C   1 
ATOM   107  O  O   . LYS A 1 11  ? -9.054  -4.489  1.657   1.00 20.94 ? 1255 LYS A O   1 
ATOM   108  C  CB  . LYS A 1 11  ? -11.748 -5.370  3.376   1.00 19.27 ? 1255 LYS A CB  1 
ATOM   109  C  CG  . LYS A 1 11  ? -12.334 -4.501  2.264   1.00 19.94 ? 1255 LYS A CG  1 
ATOM   110  C  CD  . LYS A 1 11  ? -13.786 -4.134  2.588   1.00 21.72 ? 1255 LYS A CD  1 
ATOM   111  C  CE  . LYS A 1 11  ? -14.358 -3.113  1.614   1.00 21.97 ? 1255 LYS A CE  1 
ATOM   112  N  NZ  . LYS A 1 11  ? -15.813 -2.866  1.855   1.00 25.57 ? 1255 LYS A NZ  1 
ATOM   113  N  N   . ALA A 1 12  ? -8.997  -3.966  3.846   1.00 19.37 ? 1256 ALA A N   1 
ATOM   114  C  CA  . ALA A 1 12  ? -8.093  -2.825  3.684   1.00 20.13 ? 1256 ALA A CA  1 
ATOM   115  C  C   . ALA A 1 12  ? -6.784  -3.270  3.030   1.00 20.86 ? 1256 ALA A C   1 
ATOM   116  O  O   . ALA A 1 12  ? -6.274  -2.605  2.123   1.00 18.41 ? 1256 ALA A O   1 
ATOM   117  C  CB  . ALA A 1 12  ? -7.809  -2.180  5.039   1.00 19.89 ? 1256 ALA A CB  1 
ATOM   118  N  N   . LYS A 1 13  ? -6.239  -4.396  3.485   1.00 19.96 ? 1257 LYS A N   1 
ATOM   119  C  CA  . LYS A 1 13  ? -4.995  -4.911  2.911   1.00 21.11 ? 1257 LYS A CA  1 
ATOM   120  C  C   . LYS A 1 13  ? -5.141  -5.218  1.417   1.00 20.53 ? 1257 LYS A C   1 
ATOM   121  O  O   . LYS A 1 13  ? -4.256  -4.895  0.629   1.00 23.40 ? 1257 LYS A O   1 
ATOM   122  C  CB  . LYS A 1 13  ? -4.543  -6.174  3.649   1.00 19.81 ? 1257 LYS A CB  1 
ATOM   123  C  CG  . LYS A 1 13  ? -4.000  -5.905  5.052   1.00 19.67 ? 1257 LYS A CG  1 
ATOM   124  C  CD  . LYS A 1 13  ? -3.695  -7.203  5.778   1.00 20.06 ? 1257 LYS A CD  1 
ATOM   125  C  CE  . LYS A 1 13  ? -3.228  -6.931  7.205   1.00 22.23 ? 1257 LYS A CE  1 
ATOM   126  N  NZ  . LYS A 1 13  ? -3.080  -8.181  8.001   1.00 21.28 ? 1257 LYS A NZ  1 
ATOM   127  N  N   . LEU A 1 14  ? -6.244  -5.852  1.027   1.00 17.78 ? 1258 LEU A N   1 
ATOM   128  C  CA  . LEU A 1 14  ? -6.462  -6.164  -0.389  1.00 19.48 ? 1258 LEU A CA  1 
ATOM   129  C  C   . LEU A 1 14  ? -6.556  -4.864  -1.204  1.00 19.02 ? 1258 LEU A C   1 
ATOM   130  O  O   . LEU A 1 14  ? -6.068  -4.792  -2.328  1.00 20.40 ? 1258 LEU A O   1 
ATOM   131  C  CB  . LEU A 1 14  ? -7.759  -6.971  -0.575  1.00 18.83 ? 1258 LEU A CB  1 
ATOM   132  C  CG  . LEU A 1 14  ? -7.735  -8.385  0.017   1.00 20.48 ? 1258 LEU A CG  1 
ATOM   133  C  CD1 . LEU A 1 14  ? -9.110  -9.027  -0.138  1.00 22.08 ? 1258 LEU A CD1 1 
ATOM   134  C  CD2 . LEU A 1 14  ? -6.666  -9.217  -0.685  1.00 20.22 ? 1258 LEU A CD2 1 
HETATM 135  N  N   A MSE A 1 15  ? -7.197  -3.849  -0.634  0.80 18.46 ? 1259 MSE A N   1 
HETATM 136  N  N   B MSE A 1 15  ? -7.183  -3.856  -0.604  0.20 19.35 ? 1259 MSE A N   1 
HETATM 137  C  CA  A MSE A 1 15  ? -7.350  -2.562  -1.307  0.80 20.64 ? 1259 MSE A CA  1 
HETATM 138  C  CA  B MSE A 1 15  ? -7.378  -2.543  -1.216  0.20 20.07 ? 1259 MSE A CA  1 
HETATM 139  C  C   A MSE A 1 15  ? -6.018  -1.879  -1.573  0.80 19.45 ? 1259 MSE A C   1 
HETATM 140  C  C   B MSE A 1 15  ? -6.053  -1.846  -1.518  0.20 19.39 ? 1259 MSE A C   1 
HETATM 141  O  O   A MSE A 1 15  ? -5.898  -1.075  -2.499  0.80 20.54 ? 1259 MSE A O   1 
HETATM 142  O  O   B MSE A 1 15  ? -5.969  -1.015  -2.423  0.20 19.77 ? 1259 MSE A O   1 
HETATM 143  C  CB  A MSE A 1 15  ? -8.241  -1.635  -0.477  0.80 21.15 ? 1259 MSE A CB  1 
HETATM 144  C  CB  B MSE A 1 15  ? -8.225  -1.673  -0.276  0.20 20.88 ? 1259 MSE A CB  1 
HETATM 145  C  CG  A MSE A 1 15  ? -9.718  -1.992  -0.558  0.80 23.40 ? 1259 MSE A CG  1 
HETATM 146  C  CG  B MSE A 1 15  ? -8.660  -0.329  -0.838  0.20 22.42 ? 1259 MSE A CG  1 
HETATM 147  SE SE  A MSE A 1 15  ? -10.803 -1.019  0.696   0.80 27.38 ? 1259 MSE A SE  1 
HETATM 148  SE SE  B MSE A 1 15  ? -9.913  0.567   0.347   0.20 24.16 ? 1259 MSE A SE  1 
HETATM 149  C  CE  A MSE A 1 15  ? -10.682 0.746   -0.100  0.80 24.98 ? 1259 MSE A CE  1 
HETATM 150  C  CE  B MSE A 1 15  ? -11.505 -0.418  -0.129  0.20 24.45 ? 1259 MSE A CE  1 
ATOM   151  N  N   . PHE A 1 16  ? -5.020  -2.192  -0.756  1.00 18.33 ? 1260 PHE A N   1 
ATOM   152  C  CA  . PHE A 1 16  ? -3.693  -1.602  -0.928  1.00 17.86 ? 1260 PHE A CA  1 
ATOM   153  C  C   . PHE A 1 16  ? -3.142  -1.877  -2.329  1.00 17.21 ? 1260 PHE A C   1 
ATOM   154  O  O   . PHE A 1 16  ? -2.311  -1.128  -2.836  1.00 17.95 ? 1260 PHE A O   1 
ATOM   155  C  CB  . PHE A 1 16  ? -2.741  -2.172  0.119   1.00 16.82 ? 1260 PHE A CB  1 
ATOM   156  C  CG  . PHE A 1 16  ? -1.421  -1.467  0.189   1.00 18.48 ? 1260 PHE A CG  1 
ATOM   157  C  CD1 . PHE A 1 16  ? -1.325  -0.198  0.756   1.00 17.56 ? 1260 PHE A CD1 1 
ATOM   158  C  CD2 . PHE A 1 16  ? -0.262  -2.092  -0.263  1.00 19.99 ? 1260 PHE A CD2 1 
ATOM   159  C  CE1 . PHE A 1 16  ? -0.090  0.443   0.884   1.00 17.69 ? 1260 PHE A CE1 1 
ATOM   160  C  CE2 . PHE A 1 16  ? 0.987   -1.462  -0.142  1.00 18.55 ? 1260 PHE A CE2 1 
ATOM   161  C  CZ  . PHE A 1 16  ? 1.071   -0.191  0.435   1.00 20.05 ? 1260 PHE A CZ  1 
ATOM   162  N  N   . PHE A 1 17  ? -3.585  -2.959  -2.961  1.00 18.12 ? 1261 PHE A N   1 
ATOM   163  C  CA  . PHE A 1 17  ? -3.098  -3.257  -4.308  1.00 19.28 ? 1261 PHE A CA  1 
ATOM   164  C  C   . PHE A 1 17  ? -3.554  -2.193  -5.306  1.00 20.23 ? 1261 PHE A C   1 
ATOM   165  O  O   . PHE A 1 17  ? -3.054  -2.134  -6.430  1.00 21.30 ? 1261 PHE A O   1 
ATOM   166  C  CB  . PHE A 1 17  ? -3.574  -4.642  -4.767  1.00 23.42 ? 1261 PHE A CB  1 
ATOM   167  C  CG  . PHE A 1 17  ? -2.812  -5.783  -4.147  1.00 25.36 ? 1261 PHE A CG  1 
ATOM   168  C  CD1 . PHE A 1 17  ? -3.483  -6.896  -3.646  1.00 27.98 ? 1261 PHE A CD1 1 
ATOM   169  C  CD2 . PHE A 1 17  ? -1.425  -5.759  -4.085  1.00 27.79 ? 1261 PHE A CD2 1 
ATOM   170  C  CE1 . PHE A 1 17  ? -2.777  -7.972  -3.086  1.00 31.64 ? 1261 PHE A CE1 1 
ATOM   171  C  CE2 . PHE A 1 17  ? -0.708  -6.833  -3.528  1.00 28.94 ? 1261 PHE A CE2 1 
ATOM   172  C  CZ  . PHE A 1 17  ? -1.389  -7.937  -3.031  1.00 22.84 ? 1261 PHE A CZ  1 
ATOM   173  N  N   . TRP A 1 18  ? -4.503  -1.356  -4.895  1.00 19.11 ? 1262 TRP A N   1 
ATOM   174  C  CA  . TRP A 1 18  ? -5.004  -0.283  -5.754  1.00 18.20 ? 1262 TRP A CA  1 
ATOM   175  C  C   . TRP A 1 18  ? -4.674  1.077   -5.163  1.00 19.02 ? 1262 TRP A C   1 
ATOM   176  O  O   . TRP A 1 18  ? -4.271  2.000   -5.885  1.00 18.87 ? 1262 TRP A O   1 
ATOM   177  C  CB  . TRP A 1 18  ? -6.519  -0.406  -5.942  1.00 20.18 ? 1262 TRP A CB  1 
ATOM   178  C  CG  . TRP A 1 18  ? -6.901  -1.499  -6.892  1.00 17.61 ? 1262 TRP A CG  1 
ATOM   179  C  CD1 . TRP A 1 18  ? -7.075  -1.391  -8.251  1.00 20.68 ? 1262 TRP A CD1 1 
ATOM   180  C  CD2 . TRP A 1 18  ? -7.090  -2.880  -6.571  1.00 19.56 ? 1262 TRP A CD2 1 
ATOM   181  N  NE1 . TRP A 1 18  ? -7.357  -2.626  -8.792  1.00 19.67 ? 1262 TRP A NE1 1 
ATOM   182  C  CE2 . TRP A 1 18  ? -7.370  -3.558  -7.784  1.00 22.35 ? 1262 TRP A CE2 1 
ATOM   183  C  CE3 . TRP A 1 18  ? -7.046  -3.615  -5.375  1.00 21.16 ? 1262 TRP A CE3 1 
ATOM   184  C  CZ2 . TRP A 1 18  ? -7.606  -4.936  -7.834  1.00 23.02 ? 1262 TRP A CZ2 1 
ATOM   185  C  CZ3 . TRP A 1 18  ? -7.281  -4.989  -5.425  1.00 25.29 ? 1262 TRP A CZ3 1 
ATOM   186  C  CH2 . TRP A 1 18  ? -7.557  -5.634  -6.651  1.00 24.51 ? 1262 TRP A CH2 1 
ATOM   187  N  N   . VAL A 1 19  ? -4.813  1.200   -3.845  1.00 16.89 ? 1263 VAL A N   1 
ATOM   188  C  CA  . VAL A 1 19  ? -4.549  2.480   -3.207  1.00 18.16 ? 1263 VAL A CA  1 
ATOM   189  C  C   . VAL A 1 19  ? -3.561  2.449   -2.060  1.00 18.66 ? 1263 VAL A C   1 
ATOM   190  O  O   . VAL A 1 19  ? -3.772  1.766   -1.062  1.00 18.62 ? 1263 VAL A O   1 
ATOM   191  C  CB  . VAL A 1 19  ? -5.859  3.134   -2.697  1.00 19.18 ? 1263 VAL A CB  1 
ATOM   192  C  CG1 . VAL A 1 19  ? -6.771  3.444   -3.872  1.00 19.61 ? 1263 VAL A CG1 1 
ATOM   193  C  CG2 . VAL A 1 19  ? -6.570  2.211   -1.721  1.00 20.62 ? 1263 VAL A CG2 1 
ATOM   194  N  N   . ARG A 1 20  ? -2.478  3.199   -2.220  1.00 18.56 ? 1264 ARG A N   1 
ATOM   195  C  CA  . ARG A 1 20  ? -1.465  3.307   -1.189  1.00 20.65 ? 1264 ARG A CA  1 
ATOM   196  C  C   . ARG A 1 20  ? -1.760  4.552   -0.358  1.00 21.45 ? 1264 ARG A C   1 
ATOM   197  O  O   . ARG A 1 20  ? -1.436  4.600   0.825   1.00 21.87 ? 1264 ARG A O   1 
ATOM   198  C  CB  . ARG A 1 20  ? -0.070  3.432   -1.810  1.00 18.81 ? 1264 ARG A CB  1 
ATOM   199  C  CG  . ARG A 1 20  ? 0.631   2.104   -2.106  1.00 18.99 ? 1264 ARG A CG  1 
ATOM   200  C  CD  . ARG A 1 20  ? -0.165  1.257   -3.075  1.00 19.29 ? 1264 ARG A CD  1 
ATOM   201  N  NE  . ARG A 1 20  ? -0.306  1.938   -4.359  1.00 20.34 ? 1264 ARG A NE  1 
ATOM   202  C  CZ  . ARG A 1 20  ? -0.954  1.446   -5.407  1.00 18.51 ? 1264 ARG A CZ  1 
ATOM   203  N  NH1 . ARG A 1 20  ? -1.536  0.253   -5.334  1.00 17.47 ? 1264 ARG A NH1 1 
ATOM   204  N  NH2 . ARG A 1 20  ? -1.010  2.148   -6.539  1.00 20.83 ? 1264 ARG A NH2 1 
ATOM   205  N  N   . TYR A 1 21  ? -2.375  5.553   -0.989  1.00 22.14 ? 1265 TYR A N   1 
ATOM   206  C  CA  . TYR A 1 21  ? -2.709  6.810   -0.308  1.00 25.08 ? 1265 TYR A CA  1 
ATOM   207  C  C   . TYR A 1 21  ? -4.188  7.188   -0.436  1.00 25.80 ? 1265 TYR A C   1 
ATOM   208  O  O   . TYR A 1 21  ? -4.524  8.241   -0.983  1.00 27.48 ? 1265 TYR A O   1 
ATOM   209  C  CB  . TYR A 1 21  ? -1.859  7.968   -0.859  1.00 25.44 ? 1265 TYR A CB  1 
ATOM   210  C  CG  . TYR A 1 21  ? -0.365  7.834   -0.640  1.00 23.72 ? 1265 TYR A CG  1 
ATOM   211  C  CD1 . TYR A 1 21  ? 0.416   7.060   -1.491  1.00 22.99 ? 1265 TYR A CD1 1 
ATOM   212  C  CD2 . TYR A 1 21  ? 0.267   8.486   0.423   1.00 25.66 ? 1265 TYR A CD2 1 
ATOM   213  C  CE1 . TYR A 1 21  ? 1.786   6.935   -1.299  1.00 23.17 ? 1265 TYR A CE1 1 
ATOM   214  C  CE2 . TYR A 1 21  ? 1.645   8.365   0.626   1.00 23.66 ? 1265 TYR A CE2 1 
ATOM   215  C  CZ  . TYR A 1 21  ? 2.396   7.585   -0.239  1.00 26.02 ? 1265 TYR A CZ  1 
ATOM   216  O  OH  . TYR A 1 21  ? 3.751   7.429   -0.033  1.00 24.81 ? 1265 TYR A OH  1 
ATOM   217  N  N   . PRO A 1 22  ? -5.094  6.337   0.065   1.00 24.88 ? 1266 PRO A N   1 
ATOM   218  C  CA  . PRO A 1 22  ? -6.521  6.662   -0.036  1.00 25.10 ? 1266 PRO A CA  1 
ATOM   219  C  C   . PRO A 1 22  ? -6.914  7.825   0.876   1.00 26.88 ? 1266 PRO A C   1 
ATOM   220  O  O   . PRO A 1 22  ? -6.438  7.925   1.999   1.00 26.17 ? 1266 PRO A O   1 
ATOM   221  C  CB  . PRO A 1 22  ? -7.193  5.365   0.387   1.00 25.30 ? 1266 PRO A CB  1 
ATOM   222  C  CG  . PRO A 1 22  ? -6.240  4.846   1.448   1.00 25.31 ? 1266 PRO A CG  1 
ATOM   223  C  CD  . PRO A 1 22  ? -4.889  5.066   0.788   1.00 26.02 ? 1266 PRO A CD  1 
ATOM   224  N  N   . SER A 1 23  ? -7.785  8.704   0.392   1.00 29.00 ? 1267 SER A N   1 
ATOM   225  C  CA  . SER A 1 23  ? -8.243  9.835   1.201   1.00 29.28 ? 1267 SER A CA  1 
ATOM   226  C  C   . SER A 1 23  ? -9.381  9.322   2.071   1.00 30.56 ? 1267 SER A C   1 
ATOM   227  O  O   . SER A 1 23  ? -9.938  8.257   1.794   1.00 26.87 ? 1267 SER A O   1 
ATOM   228  C  CB  . SER A 1 23  ? -8.789  10.940  0.301   1.00 28.02 ? 1267 SER A CB  1 
ATOM   229  O  OG  . SER A 1 23  ? -9.944  10.464  -0.370  1.00 24.52 ? 1267 SER A OG  1 
ATOM   230  N  N   . SER A 1 24  ? -9.737  10.075  3.111   1.00 32.35 ? 1268 SER A N   1 
ATOM   231  C  CA  . SER A 1 24  ? -10.842 9.674   3.977   1.00 33.36 ? 1268 SER A CA  1 
ATOM   232  C  C   . SER A 1 24  ? -12.102 9.488   3.141   1.00 32.68 ? 1268 SER A C   1 
ATOM   233  O  O   . SER A 1 24  ? -12.895 8.577   3.385   1.00 32.95 ? 1268 SER A O   1 
ATOM   234  C  CB  . SER A 1 24  ? -11.097 10.731  5.057   1.00 36.36 ? 1268 SER A CB  1 
ATOM   235  O  OG  . SER A 1 24  ? -10.046 10.756  6.009   1.00 42.40 ? 1268 SER A OG  1 
ATOM   236  N  N   . ALA A 1 25  ? -12.277 10.357  2.149   1.00 34.21 ? 1269 ALA A N   1 
ATOM   237  C  CA  . ALA A 1 25  ? -13.436 10.291  1.266   1.00 34.33 ? 1269 ALA A CA  1 
ATOM   238  C  C   . ALA A 1 25  ? -13.482 8.954   0.528   1.00 34.83 ? 1269 ALA A C   1 
ATOM   239  O  O   . ALA A 1 25  ? -14.543 8.335   0.403   1.00 35.24 ? 1269 ALA A O   1 
ATOM   240  C  CB  . ALA A 1 25  ? -13.396 11.442  0.263   1.00 36.59 ? 1269 ALA A CB  1 
ATOM   241  N  N   . VAL A 1 26  ? -12.330 8.509   0.037   1.00 33.91 ? 1270 VAL A N   1 
ATOM   242  C  CA  . VAL A 1 26  ? -12.254 7.237   -0.673  1.00 34.11 ? 1270 VAL A CA  1 
ATOM   243  C  C   . VAL A 1 26  ? -12.662 6.102   0.266   1.00 33.39 ? 1270 VAL A C   1 
ATOM   244  O  O   . VAL A 1 26  ? -13.505 5.269   -0.079  1.00 31.72 ? 1270 VAL A O   1 
ATOM   245  C  CB  . VAL A 1 26  ? -10.820 6.974   -1.200  1.00 33.38 ? 1270 VAL A CB  1 
ATOM   246  C  CG1 . VAL A 1 26  ? -10.691 5.533   -1.683  1.00 35.12 ? 1270 VAL A CG1 1 
ATOM   247  C  CG2 . VAL A 1 26  ? -10.506 7.931   -2.334  1.00 35.08 ? 1270 VAL A CG2 1 
ATOM   248  N  N   . LEU A 1 27  ? -12.067 6.087   1.456   1.00 33.13 ? 1271 LEU A N   1 
ATOM   249  C  CA  . LEU A 1 27  ? -12.352 5.062   2.456   1.00 35.37 ? 1271 LEU A CA  1 
ATOM   250  C  C   . LEU A 1 27  ? -13.838 4.974   2.808   1.00 36.68 ? 1271 LEU A C   1 
ATOM   251  O  O   . LEU A 1 27  ? -14.390 3.880   2.937   1.00 36.85 ? 1271 LEU A O   1 
ATOM   252  C  CB  . LEU A 1 27  ? -11.527 5.334   3.718   1.00 33.56 ? 1271 LEU A CB  1 
ATOM   253  C  CG  . LEU A 1 27  ? -10.008 5.250   3.524   1.00 33.74 ? 1271 LEU A CG  1 
ATOM   254  C  CD1 . LEU A 1 27  ? -9.298  5.713   4.786   1.00 35.72 ? 1271 LEU A CD1 1 
ATOM   255  C  CD2 . LEU A 1 27  ? -9.611  3.824   3.178   1.00 33.68 ? 1271 LEU A CD2 1 
ATOM   256  N  N   . LYS A 1 28  ? -14.484 6.126   2.964   1.00 39.03 ? 1272 LYS A N   1 
ATOM   257  C  CA  . LYS A 1 28  ? -15.908 6.162   3.297   1.00 41.38 ? 1272 LYS A CA  1 
ATOM   258  C  C   . LYS A 1 28  ? -16.736 5.541   2.177   1.00 41.46 ? 1272 LYS A C   1 
ATOM   259  O  O   . LYS A 1 28  ? -17.673 4.783   2.434   1.00 40.73 ? 1272 LYS A O   1 
ATOM   260  C  CB  . LYS A 1 28  ? -16.363 7.606   3.530   1.00 42.71 ? 1272 LYS A CB  1 
ATOM   261  C  CG  . LYS A 1 28  ? -15.717 8.269   4.733   1.00 46.58 ? 1272 LYS A CG  1 
ATOM   262  C  CD  . LYS A 1 28  ? -16.224 9.688   4.913   1.00 49.58 ? 1272 LYS A CD  1 
ATOM   263  C  CE  . LYS A 1 28  ? -15.613 10.341  6.141   1.00 50.60 ? 1272 LYS A CE  1 
ATOM   264  N  NZ  . LYS A 1 28  ? -16.132 11.723  6.340   1.00 53.46 ? 1272 LYS A NZ  1 
HETATM 265  N  N   A MSE A 1 29  ? -16.383 5.864   0.938   0.60 41.09 ? 1273 MSE A N   1 
HETATM 266  N  N   B MSE A 1 29  ? -16.378 5.869   0.939   0.40 41.54 ? 1273 MSE A N   1 
HETATM 267  C  CA  A MSE A 1 29  ? -17.093 5.340   -0.221  0.60 41.51 ? 1273 MSE A CA  1 
HETATM 268  C  CA  B MSE A 1 29  ? -17.070 5.348   -0.234  0.40 42.07 ? 1273 MSE A CA  1 
HETATM 269  C  C   A MSE A 1 29  ? -16.988 3.818   -0.296  0.60 40.89 ? 1273 MSE A C   1 
HETATM 270  C  C   B MSE A 1 29  ? -16.987 3.824   -0.290  0.40 41.20 ? 1273 MSE A C   1 
HETATM 271  O  O   A MSE A 1 29  ? -17.962 3.138   -0.614  0.60 40.66 ? 1273 MSE A O   1 
HETATM 272  O  O   B MSE A 1 29  ? -17.973 3.152   -0.590  0.40 41.10 ? 1273 MSE A O   1 
HETATM 273  C  CB  A MSE A 1 29  ? -16.531 5.960   -1.504  0.60 43.96 ? 1273 MSE A CB  1 
HETATM 274  C  CB  B MSE A 1 29  ? -16.451 5.925   -1.511  0.40 44.65 ? 1273 MSE A CB  1 
HETATM 275  C  CG  A MSE A 1 29  ? -17.314 5.618   -2.762  0.60 46.65 ? 1273 MSE A CG  1 
HETATM 276  C  CG  B MSE A 1 29  ? -16.593 7.430   -1.683  0.40 47.80 ? 1273 MSE A CG  1 
HETATM 277  SE SE  A MSE A 1 29  ? -16.564 6.447   -4.341  0.60 53.00 ? 1273 MSE A SE  1 
HETATM 278  SE SE  B MSE A 1 29  ? -18.243 7.975   -2.529  0.40 53.18 ? 1273 MSE A SE  1 
HETATM 279  C  CE  A MSE A 1 29  ? -16.994 8.282   -3.930  0.60 49.83 ? 1273 MSE A CE  1 
HETATM 280  C  CE  B MSE A 1 29  ? -19.369 8.067   -0.964  0.40 51.14 ? 1273 MSE A CE  1 
ATOM   281  N  N   . TYR A 1 30  ? -15.807 3.283   0.001   1.00 39.93 ? 1274 TYR A N   1 
ATOM   282  C  CA  . TYR A 1 30  ? -15.606 1.839   -0.051  1.00 37.62 ? 1274 TYR A CA  1 
ATOM   283  C  C   . TYR A 1 30  ? -15.886 1.032   1.210   1.00 35.63 ? 1274 TYR A C   1 
ATOM   284  O  O   . TYR A 1 30  ? -15.796 -0.195  1.199   1.00 34.79 ? 1274 TYR A O   1 
ATOM   285  C  CB  . TYR A 1 30  ? -14.213 1.536   -0.593  1.00 36.04 ? 1274 TYR A CB  1 
ATOM   286  C  CG  . TYR A 1 30  ? -14.113 1.881   -2.059  1.00 36.83 ? 1274 TYR A CG  1 
ATOM   287  C  CD1 . TYR A 1 30  ? -13.901 3.196   -2.472  1.00 36.13 ? 1274 TYR A CD1 1 
ATOM   288  C  CD2 . TYR A 1 30  ? -14.317 0.910   -3.037  1.00 37.16 ? 1274 TYR A CD2 1 
ATOM   289  C  CE1 . TYR A 1 30  ? -13.901 3.536   -3.821  1.00 37.36 ? 1274 TYR A CE1 1 
ATOM   290  C  CE2 . TYR A 1 30  ? -14.321 1.237   -4.390  1.00 37.58 ? 1274 TYR A CE2 1 
ATOM   291  C  CZ  . TYR A 1 30  ? -14.113 2.552   -4.774  1.00 38.78 ? 1274 TYR A CZ  1 
ATOM   292  O  OH  . TYR A 1 30  ? -14.116 2.884   -6.110  1.00 40.62 ? 1274 TYR A OH  1 
ATOM   293  N  N   . PHE A 1 31  ? -16.230 1.719   2.294   1.00 33.77 ? 1275 PHE A N   1 
ATOM   294  C  CA  . PHE A 1 31  ? -16.583 1.054   3.547   1.00 34.52 ? 1275 PHE A CA  1 
ATOM   295  C  C   . PHE A 1 31  ? -17.949 1.615   3.962   1.00 37.60 ? 1275 PHE A C   1 
ATOM   296  O  O   . PHE A 1 31  ? -18.115 2.122   5.073   1.00 36.80 ? 1275 PHE A O   1 
ATOM   297  C  CB  . PHE A 1 31  ? -15.549 1.340   4.648   1.00 33.47 ? 1275 PHE A CB  1 
ATOM   298  C  CG  . PHE A 1 31  ? -14.247 0.587   4.488   1.00 33.14 ? 1275 PHE A CG  1 
ATOM   299  C  CD1 . PHE A 1 31  ? -13.197 1.125   3.750   1.00 30.47 ? 1275 PHE A CD1 1 
ATOM   300  C  CD2 . PHE A 1 31  ? -14.072 -0.657  5.092   1.00 30.89 ? 1275 PHE A CD2 1 
ATOM   301  C  CE1 . PHE A 1 31  ? -11.988 0.434   3.617   1.00 31.66 ? 1275 PHE A CE1 1 
ATOM   302  C  CE2 . PHE A 1 31  ? -12.864 -1.357  4.962   1.00 29.03 ? 1275 PHE A CE2 1 
ATOM   303  C  CZ  . PHE A 1 31  ? -11.824 -0.808  4.224   1.00 28.25 ? 1275 PHE A CZ  1 
ATOM   304  N  N   . PRO A 1 32  ? -18.951 1.515   3.070   1.00 39.31 ? 1276 PRO A N   1 
ATOM   305  C  CA  . PRO A 1 32  ? -20.300 2.023   3.347   1.00 40.93 ? 1276 PRO A CA  1 
ATOM   306  C  C   . PRO A 1 32  ? -20.995 1.409   4.555   1.00 42.09 ? 1276 PRO A C   1 
ATOM   307  O  O   . PRO A 1 32  ? -22.002 1.932   5.024   1.00 42.43 ? 1276 PRO A O   1 
ATOM   308  C  CB  . PRO A 1 32  ? -21.046 1.737   2.043   1.00 40.23 ? 1276 PRO A CB  1 
ATOM   309  C  CG  . PRO A 1 32  ? -20.400 0.479   1.567   1.00 41.29 ? 1276 PRO A CG  1 
ATOM   310  C  CD  . PRO A 1 32  ? -18.932 0.761   1.802   1.00 39.33 ? 1276 PRO A CD  1 
ATOM   311  N  N   . ASP A 1 33  ? -20.448 0.313   5.067   1.00 43.44 ? 1277 ASP A N   1 
ATOM   312  C  CA  . ASP A 1 33  ? -21.044 -0.373  6.206   1.00 44.52 ? 1277 ASP A CA  1 
ATOM   313  C  C   . ASP A 1 33  ? -20.597 0.145   7.573   1.00 46.41 ? 1277 ASP A C   1 
ATOM   314  O  O   . ASP A 1 33  ? -21.086 -0.316  8.601   1.00 47.38 ? 1277 ASP A O   1 
ATOM   315  C  CB  . ASP A 1 33  ? -20.736 -1.867  6.119   1.00 42.45 ? 1277 ASP A CB  1 
ATOM   316  C  CG  . ASP A 1 33  ? -19.255 -2.166  6.279   1.00 42.57 ? 1277 ASP A CG  1 
ATOM   317  O  OD1 . ASP A 1 33  ? -18.443 -1.589  5.522   1.00 40.63 ? 1277 ASP A OD1 1 
ATOM   318  O  OD2 . ASP A 1 33  ? -18.904 -2.978  7.160   1.00 40.18 ? 1277 ASP A OD2 1 
ATOM   319  N  N   A ILE A 1 34  ? -19.682 1.108   7.574   0.50 47.41 ? 1278 ILE A N   1 
ATOM   320  N  N   B ILE A 1 34  ? -19.665 1.091   7.592   0.50 47.84 ? 1278 ILE A N   1 
ATOM   321  C  CA  A ILE A 1 34  ? -19.165 1.668   8.816   0.50 48.46 ? 1278 ILE A CA  1 
ATOM   322  C  CA  B ILE A 1 34  ? -19.186 1.634   8.859   0.50 49.25 ? 1278 ILE A CA  1 
ATOM   323  C  C   A ILE A 1 34  ? -19.622 3.104   9.051   0.50 49.98 ? 1278 ILE A C   1 
ATOM   324  C  C   B ILE A 1 34  ? -19.593 3.088   9.065   0.50 50.46 ? 1278 ILE A C   1 
ATOM   325  O  O   A ILE A 1 34  ? -19.628 3.923   8.132   0.50 49.75 ? 1278 ILE A O   1 
ATOM   326  O  O   B ILE A 1 34  ? -19.534 3.904   8.143   0.50 50.21 ? 1278 ILE A O   1 
ATOM   327  C  CB  A ILE A 1 34  ? -17.619 1.658   8.824   0.50 47.99 ? 1278 ILE A CB  1 
ATOM   328  C  CB  B ILE A 1 34  ? -17.641 1.502   8.983   0.50 49.46 ? 1278 ILE A CB  1 
ATOM   329  C  CG1 A ILE A 1 34  ? -17.101 0.239   8.581   0.50 47.77 ? 1278 ILE A CG1 1 
ATOM   330  C  CG1 B ILE A 1 34  ? -17.097 2.548   9.960   0.50 49.78 ? 1278 ILE A CG1 1 
ATOM   331  C  CG2 A ILE A 1 34  ? -17.099 2.193   10.149  0.50 47.94 ? 1278 ILE A CG2 1 
ATOM   332  C  CG2 B ILE A 1 34  ? -16.995 1.616   7.621   0.50 50.46 ? 1278 ILE A CG2 1 
ATOM   333  C  CD1 A ILE A 1 34  ? -15.599 0.162   8.406   0.50 47.39 ? 1278 ILE A CD1 1 
ATOM   334  C  CD1 B ILE A 1 34  ? -15.585 2.586   10.054  0.50 50.25 ? 1278 ILE A CD1 1 
ATOM   335  N  N   . LYS A 1 35  ? -20.012 3.399   10.288  1.00 51.17 ? 1279 LYS A N   1 
ATOM   336  C  CA  . LYS A 1 35  ? -20.429 4.743   10.648  1.00 52.39 ? 1279 LYS A CA  1 
ATOM   337  C  C   . LYS A 1 35  ? -19.155 5.447   11.082  1.00 52.57 ? 1279 LYS A C   1 
ATOM   338  O  O   . LYS A 1 35  ? -18.747 5.370   12.243  1.00 52.31 ? 1279 LYS A O   1 
ATOM   339  C  CB  . LYS A 1 35  ? -21.428 4.704   11.803  1.00 55.33 ? 1279 LYS A CB  1 
ATOM   340  C  CG  . LYS A 1 35  ? -22.715 3.976   11.472  1.00 59.07 ? 1279 LYS A CG  1 
ATOM   341  C  CD  . LYS A 1 35  ? -23.641 3.927   12.671  1.00 61.13 ? 1279 LYS A CD  1 
ATOM   342  C  CE  . LYS A 1 35  ? -24.935 3.203   12.334  1.00 62.66 ? 1279 LYS A CE  1 
ATOM   343  N  NZ  . LYS A 1 35  ? -25.835 3.111   13.517  1.00 63.10 ? 1279 LYS A NZ  1 
ATOM   344  N  N   . PHE A 1 36  ? -18.516 6.119   10.133  1.00 51.47 ? 1280 PHE A N   1 
ATOM   345  C  CA  . PHE A 1 36  ? -17.272 6.812   10.411  1.00 51.67 ? 1280 PHE A CA  1 
ATOM   346  C  C   . PHE A 1 36  ? -17.370 7.925   11.442  1.00 51.54 ? 1280 PHE A C   1 
ATOM   347  O  O   . PHE A 1 36  ? -18.371 8.636   11.532  1.00 51.43 ? 1280 PHE A O   1 
ATOM   348  C  CB  . PHE A 1 36  ? -16.675 7.377   9.118   1.00 52.18 ? 1280 PHE A CB  1 
ATOM   349  C  CG  . PHE A 1 36  ? -16.076 6.333   8.221   1.00 52.42 ? 1280 PHE A CG  1 
ATOM   350  C  CD1 . PHE A 1 36  ? -16.882 5.551   7.404   1.00 52.98 ? 1280 PHE A CD1 1 
ATOM   351  C  CD2 . PHE A 1 36  ? -14.703 6.115   8.210   1.00 52.90 ? 1280 PHE A CD2 1 
ATOM   352  C  CE1 . PHE A 1 36  ? -16.327 4.566   6.587   1.00 52.94 ? 1280 PHE A CE1 1 
ATOM   353  C  CE2 . PHE A 1 36  ? -14.141 5.134   7.400   1.00 53.21 ? 1280 PHE A CE2 1 
ATOM   354  C  CZ  . PHE A 1 36  ? -14.955 4.356   6.588   1.00 52.02 ? 1280 PHE A CZ  1 
ATOM   355  N  N   . ASN A 1 37  ? -16.305 8.050   12.224  1.00 50.35 ? 1281 ASN A N   1 
ATOM   356  C  CA  . ASN A 1 37  ? -16.180 9.075   13.246  1.00 49.48 ? 1281 ASN A CA  1 
ATOM   357  C  C   . ASN A 1 37  ? -14.692 9.388   13.338  1.00 48.96 ? 1281 ASN A C   1 
ATOM   358  O  O   . ASN A 1 37  ? -13.883 8.769   12.649  1.00 49.14 ? 1281 ASN A O   1 
ATOM   359  C  CB  . ASN A 1 37  ? -16.721 8.576   14.591  1.00 49.42 ? 1281 ASN A CB  1 
ATOM   360  C  CG  . ASN A 1 37  ? -16.134 7.245   15.002  1.00 49.87 ? 1281 ASN A CG  1 
ATOM   361  O  OD1 . ASN A 1 37  ? -14.931 7.126   15.234  1.00 49.99 ? 1281 ASN A OD1 1 
ATOM   362  N  ND2 . ASN A 1 37  ? -16.986 6.232   15.099  1.00 49.86 ? 1281 ASN A ND2 1 
ATOM   363  N  N   . LYS A 1 38  ? -14.335 10.349  14.178  1.00 47.96 ? 1282 LYS A N   1 
ATOM   364  C  CA  . LYS A 1 38  ? -12.943 10.746  14.338  1.00 47.07 ? 1282 LYS A CA  1 
ATOM   365  C  C   . LYS A 1 38  ? -12.009 9.578   14.660  1.00 45.40 ? 1282 LYS A C   1 
ATOM   366  O  O   . LYS A 1 38  ? -10.921 9.466   14.090  1.00 44.95 ? 1282 LYS A O   1 
ATOM   367  C  CB  . LYS A 1 38  ? -12.840 11.805  15.438  1.00 48.16 ? 1282 LYS A CB  1 
ATOM   368  C  CG  . LYS A 1 38  ? -11.439 12.309  15.700  1.00 50.07 ? 1282 LYS A CG  1 
ATOM   369  C  CD  . LYS A 1 38  ? -11.444 13.403  16.762  1.00 51.15 ? 1282 LYS A CD  1 
ATOM   370  C  CE  . LYS A 1 38  ? -10.043 13.946  17.001  1.00 52.28 ? 1282 LYS A CE  1 
ATOM   371  N  NZ  . LYS A 1 38  ? -9.464  14.542  15.765  1.00 52.43 ? 1282 LYS A NZ  1 
ATOM   372  N  N   A ASN A 1 39  ? -12.443 8.711   15.568  0.50 43.88 ? 1283 ASN A N   1 
ATOM   373  N  N   B ASN A 1 39  ? -12.447 8.710   15.567  0.50 44.09 ? 1283 ASN A N   1 
ATOM   374  C  CA  A ASN A 1 39  ? -11.644 7.566   15.991  0.50 43.24 ? 1283 ASN A CA  1 
ATOM   375  C  CA  B ASN A 1 39  ? -11.652 7.561   15.984  0.50 43.60 ? 1283 ASN A CA  1 
ATOM   376  C  C   A ASN A 1 39  ? -11.417 6.479   14.937  0.50 41.99 ? 1283 ASN A C   1 
ATOM   377  C  C   B ASN A 1 39  ? -11.419 6.496   14.917  0.50 42.23 ? 1283 ASN A C   1 
ATOM   378  O  O   A ASN A 1 39  ? -10.275 6.212   14.569  0.50 42.24 ? 1283 ASN A O   1 
ATOM   379  O  O   B ASN A 1 39  ? -10.280 6.257   14.520  0.50 42.51 ? 1283 ASN A O   1 
ATOM   380  C  CB  A ASN A 1 39  ? -12.257 6.958   17.253  0.50 43.57 ? 1283 ASN A CB  1 
ATOM   381  C  CB  B ASN A 1 39  ? -12.273 6.908   17.223  0.50 44.49 ? 1283 ASN A CB  1 
ATOM   382  C  CG  A ASN A 1 39  ? -12.117 7.870   18.460  0.50 44.75 ? 1283 ASN A CG  1 
ATOM   383  C  CG  B ASN A 1 39  ? -11.749 5.502   17.466  0.50 45.80 ? 1283 ASN A CG  1 
ATOM   384  O  OD1 A ASN A 1 39  ? -12.128 9.095   18.330  0.50 43.79 ? 1283 ASN A OD1 1 
ATOM   385  O  OD1 B ASN A 1 39  ? -12.226 4.534   16.864  0.50 46.97 ? 1283 ASN A OD1 1 
ATOM   386  N  ND2 A ASN A 1 39  ? -11.994 7.275   19.643  0.50 45.37 ? 1283 ASN A ND2 1 
ATOM   387  N  ND2 B ASN A 1 39  ? -10.752 5.383   18.339  0.50 46.75 ? 1283 ASN A ND2 1 
ATOM   388  N  N   . ASN A 1 40  ? -12.482 5.846   14.452  1.00 40.79 ? 1284 ASN A N   1 
ATOM   389  C  CA  . ASN A 1 40  ? -12.307 4.801   13.450  1.00 38.35 ? 1284 ASN A CA  1 
ATOM   390  C  C   . ASN A 1 40  ? -11.765 5.313   12.117  1.00 37.21 ? 1284 ASN A C   1 
ATOM   391  O  O   . ASN A 1 40  ? -11.111 4.567   11.387  1.00 37.15 ? 1284 ASN A O   1 
ATOM   392  C  CB  . ASN A 1 40  ? -13.586 3.969   13.249  1.00 36.16 ? 1284 ASN A CB  1 
ATOM   393  C  CG  . ASN A 1 40  ? -14.791 4.799   12.860  1.00 34.91 ? 1284 ASN A CG  1 
ATOM   394  O  OD1 . ASN A 1 40  ? -14.673 5.819   12.186  1.00 33.93 ? 1284 ASN A OD1 1 
ATOM   395  N  ND2 . ASN A 1 40  ? -15.970 4.338   13.261  1.00 32.42 ? 1284 ASN A ND2 1 
ATOM   396  N  N   . THR A 1 41  ? -12.016 6.581   11.802  1.00 36.06 ? 1285 THR A N   1 
ATOM   397  C  CA  . THR A 1 41  ? -11.492 7.156   10.567  1.00 35.96 ? 1285 THR A CA  1 
ATOM   398  C  C   . THR A 1 41  ? -9.973  7.205   10.683  1.00 35.46 ? 1285 THR A C   1 
ATOM   399  O  O   . THR A 1 41  ? -9.257  6.822   9.757   1.00 36.67 ? 1285 THR A O   1 
ATOM   400  C  CB  . THR A 1 41  ? -12.014 8.592   10.320  1.00 37.14 ? 1285 THR A CB  1 
ATOM   401  O  OG1 . THR A 1 41  ? -13.391 8.544   9.932   1.00 37.49 ? 1285 THR A OG1 1 
ATOM   402  C  CG2 . THR A 1 41  ? -11.210 9.267   9.216   1.00 38.24 ? 1285 THR A CG2 1 
ATOM   403  N  N   . ALA A 1 42  ? -9.482  7.672   11.825  1.00 32.61 ? 1286 ALA A N   1 
ATOM   404  C  CA  . ALA A 1 42  ? -8.043  7.753   12.043  1.00 31.31 ? 1286 ALA A CA  1 
ATOM   405  C  C   . ALA A 1 42  ? -7.441  6.345   12.131  1.00 29.83 ? 1286 ALA A C   1 
ATOM   406  O  O   . ALA A 1 42  ? -6.323  6.103   11.674  1.00 27.08 ? 1286 ALA A O   1 
ATOM   407  C  CB  . ALA A 1 42  ? -7.748  8.529   13.315  1.00 32.52 ? 1286 ALA A CB  1 
ATOM   408  N  N   . GLN A 1 43  ? -8.191  5.424   12.725  1.00 28.65 ? 1287 GLN A N   1 
ATOM   409  C  CA  . GLN A 1 43  ? -7.741  4.045   12.868  1.00 29.89 ? 1287 GLN A CA  1 
ATOM   410  C  C   . GLN A 1 43  ? -7.588  3.396   11.488  1.00 29.19 ? 1287 GLN A C   1 
ATOM   411  O  O   . GLN A 1 43  ? -6.608  2.701   11.227  1.00 28.67 ? 1287 GLN A O   1 
ATOM   412  C  CB  . GLN A 1 43  ? -8.747  3.269   13.723  1.00 29.94 ? 1287 GLN A CB  1 
ATOM   413  C  CG  . GLN A 1 43  ? -8.467  1.788   13.868  1.00 34.73 ? 1287 GLN A CG  1 
ATOM   414  C  CD  . GLN A 1 43  ? -9.455  1.103   14.805  1.00 36.03 ? 1287 GLN A CD  1 
ATOM   415  O  OE1 . GLN A 1 43  ? -10.637 1.448   14.838  1.00 38.60 ? 1287 GLN A OE1 1 
ATOM   416  N  NE2 . GLN A 1 43  ? -8.975  0.121   15.558  1.00 36.50 ? 1287 GLN A NE2 1 
ATOM   417  N  N   . LEU A 1 44  ? -8.554  3.633   10.606  1.00 28.80 ? 1288 LEU A N   1 
ATOM   418  C  CA  . LEU A 1 44  ? -8.510  3.069   9.259   1.00 29.28 ? 1288 LEU A CA  1 
ATOM   419  C  C   . LEU A 1 44  ? -7.364  3.716   8.494   1.00 29.13 ? 1288 LEU A C   1 
ATOM   420  O  O   . LEU A 1 44  ? -6.616  3.040   7.781   1.00 27.60 ? 1288 LEU A O   1 
ATOM   421  C  CB  . LEU A 1 44  ? -9.827  3.331   8.527   1.00 30.09 ? 1288 LEU A CB  1 
ATOM   422  C  CG  . LEU A 1 44  ? -10.445 2.193   7.707   1.00 34.33 ? 1288 LEU A CG  1 
ATOM   423  C  CD1 . LEU A 1 44  ? -11.646 2.737   6.938   1.00 34.59 ? 1288 LEU A CD1 1 
ATOM   424  C  CD2 . LEU A 1 44  ? -9.427  1.608   6.739   1.00 32.87 ? 1288 LEU A CD2 1 
ATOM   425  N  N   . VAL A 1 45  ? -7.232  5.033   8.646   1.00 27.32 ? 1289 VAL A N   1 
ATOM   426  C  CA  . VAL A 1 45  ? -6.173  5.794   7.990   1.00 26.37 ? 1289 VAL A CA  1 
ATOM   427  C  C   . VAL A 1 45  ? -4.794  5.322   8.462   1.00 26.89 ? 1289 VAL A C   1 
ATOM   428  O  O   . VAL A 1 45  ? -3.845  5.259   7.675   1.00 26.35 ? 1289 VAL A O   1 
ATOM   429  C  CB  . VAL A 1 45  ? -6.312  7.307   8.290   1.00 28.22 ? 1289 VAL A CB  1 
ATOM   430  C  CG1 . VAL A 1 45  ? -5.076  8.066   7.812   1.00 27.21 ? 1289 VAL A CG1 1 
ATOM   431  C  CG2 . VAL A 1 45  ? -7.555  7.851   7.602   1.00 32.12 ? 1289 VAL A CG2 1 
ATOM   432  N  N   . LYS A 1 46  ? -4.689  5.001   9.750   1.00 24.96 ? 1290 LYS A N   1 
ATOM   433  C  CA  . LYS A 1 46  ? -3.430  4.539   10.318  1.00 24.85 ? 1290 LYS A CA  1 
ATOM   434  C  C   . LYS A 1 46  ? -3.013  3.214   9.682   1.00 22.53 ? 1290 LYS A C   1 
ATOM   435  O  O   . LYS A 1 46  ? -1.823  2.966   9.489   1.00 23.44 ? 1290 LYS A O   1 
ATOM   436  C  CB  . LYS A 1 46  ? -3.554  4.366   11.827  1.00 24.25 ? 1290 LYS A CB  1 
ATOM   437  C  CG  . LYS A 1 46  ? -2.262  3.924   12.515  1.00 28.53 ? 1290 LYS A CG  1 
ATOM   438  C  CD  . LYS A 1 46  ? -1.139  4.943   12.335  1.00 32.66 ? 1290 LYS A CD  1 
ATOM   439  C  CE  . LYS A 1 46  ? 0.112   4.525   13.106  1.00 34.50 ? 1290 LYS A CE  1 
ATOM   440  N  NZ  . LYS A 1 46  ? 1.218   5.514   12.972  1.00 36.61 ? 1290 LYS A NZ  1 
ATOM   441  N  N   . TRP A 1 47  ? -3.992  2.369   9.366   1.00 22.37 ? 1291 TRP A N   1 
ATOM   442  C  CA  . TRP A 1 47  ? -3.709  1.085   8.733   1.00 22.25 ? 1291 TRP A CA  1 
ATOM   443  C  C   . TRP A 1 47  ? -2.950  1.287   7.424   1.00 19.65 ? 1291 TRP A C   1 
ATOM   444  O  O   . TRP A 1 47  ? -1.933  0.642   7.190   1.00 22.53 ? 1291 TRP A O   1 
ATOM   445  C  CB  . TRP A 1 47  ? -5.009  0.305   8.458   1.00 19.89 ? 1291 TRP A CB  1 
ATOM   446  C  CG  . TRP A 1 47  ? -5.615  -0.335  9.691   1.00 21.53 ? 1291 TRP A CG  1 
ATOM   447  C  CD1 . TRP A 1 47  ? -5.053  -0.419  10.934  1.00 23.50 ? 1291 TRP A CD1 1 
ATOM   448  C  CD2 . TRP A 1 47  ? -6.901  -0.961  9.790   1.00 21.76 ? 1291 TRP A CD2 1 
ATOM   449  N  NE1 . TRP A 1 47  ? -5.915  -1.058  11.804  1.00 23.27 ? 1291 TRP A NE1 1 
ATOM   450  C  CE2 . TRP A 1 47  ? -7.055  -1.401  11.125  1.00 22.11 ? 1291 TRP A CE2 1 
ATOM   451  C  CE3 . TRP A 1 47  ? -7.941  -1.197  8.877   1.00 22.65 ? 1291 TRP A CE3 1 
ATOM   452  C  CZ2 . TRP A 1 47  ? -8.212  -2.060  11.576  1.00 23.35 ? 1291 TRP A CZ2 1 
ATOM   453  C  CZ3 . TRP A 1 47  ? -9.093  -1.852  9.324   1.00 23.47 ? 1291 TRP A CZ3 1 
ATOM   454  C  CH2 . TRP A 1 47  ? -9.214  -2.276  10.663  1.00 23.96 ? 1291 TRP A CH2 1 
ATOM   455  N  N   . PHE A 1 48  ? -3.437  2.176   6.565   1.00 20.29 ? 1292 PHE A N   1 
ATOM   456  C  CA  . PHE A 1 48  ? -2.748  2.397   5.302   1.00 20.22 ? 1292 PHE A CA  1 
ATOM   457  C  C   . PHE A 1 48  ? -1.348  2.967   5.509   1.00 20.84 ? 1292 PHE A C   1 
ATOM   458  O  O   . PHE A 1 48  ? -0.458  2.737   4.696   1.00 19.44 ? 1292 PHE A O   1 
ATOM   459  C  CB  . PHE A 1 48  ? -3.590  3.269   4.353   1.00 20.67 ? 1292 PHE A CB  1 
ATOM   460  C  CG  . PHE A 1 48  ? -4.673  2.493   3.644   1.00 21.05 ? 1292 PHE A CG  1 
ATOM   461  C  CD1 . PHE A 1 48  ? -5.914  2.282   4.247   1.00 19.01 ? 1292 PHE A CD1 1 
ATOM   462  C  CD2 . PHE A 1 48  ? -4.412  1.880   2.419   1.00 17.82 ? 1292 PHE A CD2 1 
ATOM   463  C  CE1 . PHE A 1 48  ? -6.875  1.465   3.645   1.00 21.75 ? 1292 PHE A CE1 1 
ATOM   464  C  CE2 . PHE A 1 48  ? -5.362  1.060   1.807   1.00 19.82 ? 1292 PHE A CE2 1 
ATOM   465  C  CZ  . PHE A 1 48  ? -6.599  0.848   2.421   1.00 21.14 ? 1292 PHE A CZ  1 
ATOM   466  N  N   . SER A 1 49  ? -1.142  3.695   6.606   1.00 22.14 ? 1293 SER A N   1 
ATOM   467  C  CA  . SER A 1 49  ? 0.182   4.235   6.906   1.00 22.50 ? 1293 SER A CA  1 
ATOM   468  C  C   . SER A 1 49  ? 1.082   3.040   7.271   1.00 22.43 ? 1293 SER A C   1 
ATOM   469  O  O   . SER A 1 49  ? 2.247   2.997   6.894   1.00 22.98 ? 1293 SER A O   1 
ATOM   470  C  CB  . SER A 1 49  ? 0.111   5.231   8.074   1.00 25.25 ? 1293 SER A CB  1 
ATOM   471  O  OG  . SER A 1 49  ? 1.401   5.720   8.396   1.00 28.59 ? 1293 SER A OG  1 
ATOM   472  N  N   . ASN A 1 50  ? 0.525   2.069   7.994   1.00 23.54 ? 1294 ASN A N   1 
ATOM   473  C  CA  . ASN A 1 50  ? 1.267   0.858   8.368   1.00 23.58 ? 1294 ASN A CA  1 
ATOM   474  C  C   . ASN A 1 50  ? 1.595   0.086   7.081   1.00 23.09 ? 1294 ASN A C   1 
ATOM   475  O  O   . ASN A 1 50  ? 2.714   -0.394  6.894   1.00 22.48 ? 1294 ASN A O   1 
ATOM   476  C  CB  . ASN A 1 50  ? 0.426   -0.062  9.267   1.00 21.50 ? 1294 ASN A CB  1 
ATOM   477  C  CG  . ASN A 1 50  ? 0.178   0.512   10.660  1.00 25.57 ? 1294 ASN A CG  1 
ATOM   478  O  OD1 . ASN A 1 50  ? 0.827   1.467   11.083  1.00 25.28 ? 1294 ASN A OD1 1 
ATOM   479  N  ND2 . ASN A 1 50  ? -0.761  -0.096  11.385  1.00 23.83 ? 1294 ASN A ND2 1 
ATOM   480  N  N   . PHE A 1 51  ? 0.596   -0.031  6.208   1.00 20.66 ? 1295 PHE A N   1 
ATOM   481  C  CA  . PHE A 1 51  ? 0.750   -0.735  4.937   1.00 20.55 ? 1295 PHE A CA  1 
ATOM   482  C  C   . PHE A 1 51  ? 1.911   -0.135  4.149   1.00 19.89 ? 1295 PHE A C   1 
ATOM   483  O  O   . PHE A 1 51  ? 2.776   -0.856  3.652   1.00 20.48 ? 1295 PHE A O   1 
ATOM   484  C  CB  . PHE A 1 51  ? -0.542  -0.636  4.111   1.00 16.36 ? 1295 PHE A CB  1 
ATOM   485  C  CG  . PHE A 1 51  ? -1.726  -1.358  4.720   1.00 17.81 ? 1295 PHE A CG  1 
ATOM   486  C  CD1 . PHE A 1 51  ? -3.011  -1.107  4.257   1.00 17.11 ? 1295 PHE A CD1 1 
ATOM   487  C  CD2 . PHE A 1 51  ? -1.559  -2.268  5.761   1.00 17.08 ? 1295 PHE A CD2 1 
ATOM   488  C  CE1 . PHE A 1 51  ? -4.109  -1.738  4.821   1.00 17.56 ? 1295 PHE A CE1 1 
ATOM   489  C  CE2 . PHE A 1 51  ? -2.655  -2.908  6.330   1.00 16.05 ? 1295 PHE A CE2 1 
ATOM   490  C  CZ  . PHE A 1 51  ? -3.934  -2.641  5.861   1.00 17.37 ? 1295 PHE A CZ  1 
ATOM   491  N  N   . ARG A 1 52  ? 1.928   1.191   4.037   1.00 19.58 ? 1296 ARG A N   1 
ATOM   492  C  CA  . ARG A 1 52  ? 3.002   1.876   3.319   1.00 19.24 ? 1296 ARG A CA  1 
ATOM   493  C  C   . ARG A 1 52  ? 4.369   1.642   3.968   1.00 20.59 ? 1296 ARG A C   1 
ATOM   494  O  O   . ARG A 1 52  ? 5.372   1.432   3.279   1.00 17.80 ? 1296 ARG A O   1 
ATOM   495  C  CB  . ARG A 1 52  ? 2.723   3.381   3.251   1.00 19.94 ? 1296 ARG A CB  1 
ATOM   496  C  CG  . ARG A 1 52  ? 1.525   3.743   2.367   1.00 18.68 ? 1296 ARG A CG  1 
ATOM   497  C  CD  . ARG A 1 52  ? 1.565   5.219   1.991   1.00 20.23 ? 1296 ARG A CD  1 
ATOM   498  N  NE  . ARG A 1 52  ? 1.397   6.090   3.151   1.00 19.62 ? 1296 ARG A NE  1 
ATOM   499  C  CZ  . ARG A 1 52  ? 0.226   6.361   3.716   1.00 21.39 ? 1296 ARG A CZ  1 
ATOM   500  N  NH1 . ARG A 1 52  ? -0.892  5.834   3.225   1.00 19.69 ? 1296 ARG A NH1 1 
ATOM   501  N  NH2 . ARG A 1 52  ? 0.175   7.147   4.783   1.00 21.57 ? 1296 ARG A NH2 1 
ATOM   502  N  N   A GLU A 1 53  ? 4.406   1.683   5.297   0.50 21.89 ? 1297 GLU A N   1 
ATOM   503  N  N   B GLU A 1 53  ? 4.410   1.684   5.296   0.50 22.03 ? 1297 GLU A N   1 
ATOM   504  C  CA  A GLU A 1 53  ? 5.652   1.469   6.024   0.50 23.20 ? 1297 GLU A CA  1 
ATOM   505  C  CA  B GLU A 1 53  ? 5.663   1.474   6.011   0.50 23.45 ? 1297 GLU A CA  1 
ATOM   506  C  C   A GLU A 1 53  ? 6.285   0.144   5.600   0.50 22.53 ? 1297 GLU A C   1 
ATOM   507  C  C   B GLU A 1 53  ? 6.288   0.141   5.593   0.50 22.67 ? 1297 GLU A C   1 
ATOM   508  O  O   A GLU A 1 53  ? 7.458   0.089   5.222   0.50 21.65 ? 1297 GLU A O   1 
ATOM   509  O  O   B GLU A 1 53  ? 7.460   0.081   5.213   0.50 21.74 ? 1297 GLU A O   1 
ATOM   510  C  CB  A GLU A 1 53  ? 5.384   1.456   7.531   0.50 26.29 ? 1297 GLU A CB  1 
ATOM   511  C  CB  B GLU A 1 53  ? 5.419   1.482   7.520   0.50 26.86 ? 1297 GLU A CB  1 
ATOM   512  C  CG  A GLU A 1 53  ? 6.632   1.300   8.381   0.50 29.64 ? 1297 GLU A CG  1 
ATOM   513  C  CG  B GLU A 1 53  ? 6.692   1.430   8.345   0.50 30.77 ? 1297 GLU A CG  1 
ATOM   514  C  CD  A GLU A 1 53  ? 6.337   1.396   9.867   0.50 32.51 ? 1297 GLU A CD  1 
ATOM   515  C  CD  B GLU A 1 53  ? 6.423   1.539   9.833   0.50 33.72 ? 1297 GLU A CD  1 
ATOM   516  O  OE1 A GLU A 1 53  ? 5.676   0.480   10.406  0.50 32.20 ? 1297 GLU A OE1 1 
ATOM   517  O  OE1 B GLU A 1 53  ? 5.716   2.491   10.241  0.50 33.71 ? 1297 GLU A OE1 1 
ATOM   518  O  OE2 A GLU A 1 53  ? 6.758   2.394   10.493  0.50 32.06 ? 1297 GLU A OE2 1 
ATOM   519  O  OE2 B GLU A 1 53  ? 6.921   0.678   10.591  0.50 33.74 ? 1297 GLU A OE2 1 
ATOM   520  N  N   . PHE A 1 54  ? 5.499   -0.924  5.659   1.00 21.87 ? 1298 PHE A N   1 
ATOM   521  C  CA  . PHE A 1 54  ? 5.980   -2.246  5.283   1.00 21.69 ? 1298 PHE A CA  1 
ATOM   522  C  C   . PHE A 1 54  ? 6.411   -2.252  3.815   1.00 19.94 ? 1298 PHE A C   1 
ATOM   523  O  O   . PHE A 1 54  ? 7.451   -2.796  3.463   1.00 19.12 ? 1298 PHE A O   1 
ATOM   524  C  CB  . PHE A 1 54  ? 4.878   -3.290  5.481   1.00 21.07 ? 1298 PHE A CB  1 
ATOM   525  C  CG  . PHE A 1 54  ? 5.305   -4.690  5.124   1.00 26.18 ? 1298 PHE A CG  1 
ATOM   526  C  CD1 . PHE A 1 54  ? 6.138   -5.413  5.973   1.00 24.72 ? 1298 PHE A CD1 1 
ATOM   527  C  CD2 . PHE A 1 54  ? 4.895   -5.273  3.930   1.00 23.69 ? 1298 PHE A CD2 1 
ATOM   528  C  CE1 . PHE A 1 54  ? 6.551   -6.696  5.644   1.00 29.74 ? 1298 PHE A CE1 1 
ATOM   529  C  CE2 . PHE A 1 54  ? 5.303   -6.559  3.587   1.00 26.41 ? 1298 PHE A CE2 1 
ATOM   530  C  CZ  . PHE A 1 54  ? 6.136   -7.274  4.445   1.00 28.35 ? 1298 PHE A CZ  1 
ATOM   531  N  N   . TYR A 1 55  ? 5.593   -1.633  2.972   1.00 18.46 ? 1299 TYR A N   1 
ATOM   532  C  CA  . TYR A 1 55  ? 5.844   -1.564  1.539   1.00 19.27 ? 1299 TYR A CA  1 
ATOM   533  C  C   . TYR A 1 55  ? 7.186   -0.927  1.218   1.00 19.47 ? 1299 TYR A C   1 
ATOM   534  O  O   . TYR A 1 55  ? 8.016   -1.521  0.525   1.00 19.20 ? 1299 TYR A O   1 
ATOM   535  C  CB  . TYR A 1 55  ? 4.689   -0.804  0.865   1.00 18.24 ? 1299 TYR A CB  1 
ATOM   536  C  CG  . TYR A 1 55  ? 4.863   -0.531  -0.608  1.00 18.09 ? 1299 TYR A CG  1 
ATOM   537  C  CD1 . TYR A 1 55  ? 5.406   0.674   -1.053  1.00 19.48 ? 1299 TYR A CD1 1 
ATOM   538  C  CD2 . TYR A 1 55  ? 4.493   -1.480  -1.563  1.00 17.91 ? 1299 TYR A CD2 1 
ATOM   539  C  CE1 . TYR A 1 55  ? 5.577   0.934   -2.415  1.00 19.02 ? 1299 TYR A CE1 1 
ATOM   540  C  CE2 . TYR A 1 55  ? 4.662   -1.235  -2.926  1.00 19.34 ? 1299 TYR A CE2 1 
ATOM   541  C  CZ  . TYR A 1 55  ? 5.207   -0.025  -3.344  1.00 19.57 ? 1299 TYR A CZ  1 
ATOM   542  O  OH  . TYR A 1 55  ? 5.403   0.212   -4.681  1.00 18.86 ? 1299 TYR A OH  1 
ATOM   543  N  N   . TYR A 1 56  ? 7.411   0.278   1.731   1.00 19.67 ? 1300 TYR A N   1 
ATOM   544  C  CA  . TYR A 1 56  ? 8.664   0.976   1.493   1.00 18.70 ? 1300 TYR A CA  1 
ATOM   545  C  C   . TYR A 1 56  ? 9.889   0.285   2.099   1.00 19.86 ? 1300 TYR A C   1 
ATOM   546  O  O   . TYR A 1 56  ? 10.980  0.353   1.530   1.00 20.53 ? 1300 TYR A O   1 
ATOM   547  C  CB  . TYR A 1 56  ? 8.554   2.420   1.985   1.00 20.80 ? 1300 TYR A CB  1 
ATOM   548  C  CG  . TYR A 1 56  ? 7.673   3.274   1.093   1.00 20.10 ? 1300 TYR A CG  1 
ATOM   549  C  CD1 . TYR A 1 56  ? 6.578   3.968   1.614   1.00 19.65 ? 1300 TYR A CD1 1 
ATOM   550  C  CD2 . TYR A 1 56  ? 7.942   3.390   -0.271  1.00 18.59 ? 1300 TYR A CD2 1 
ATOM   551  C  CE1 . TYR A 1 56  ? 5.771   4.760   0.797   1.00 19.74 ? 1300 TYR A CE1 1 
ATOM   552  C  CE2 . TYR A 1 56  ? 7.143   4.176   -1.100  1.00 20.81 ? 1300 TYR A CE2 1 
ATOM   553  C  CZ  . TYR A 1 56  ? 6.061   4.858   -0.558  1.00 19.02 ? 1300 TYR A CZ  1 
ATOM   554  O  OH  . TYR A 1 56  ? 5.276   5.640   -1.373  1.00 21.84 ? 1300 TYR A OH  1 
ATOM   555  N  N   . ILE A 1 57  ? 9.728   -0.368  3.247   1.00 20.31 ? 1301 ILE A N   1 
ATOM   556  C  CA  . ILE A 1 57  ? 10.850  -1.088  3.854   1.00 19.18 ? 1301 ILE A CA  1 
ATOM   557  C  C   . ILE A 1 57  ? 11.275  -2.197  2.882   1.00 19.94 ? 1301 ILE A C   1 
ATOM   558  O  O   . ILE A 1 57  ? 12.464  -2.407  2.638   1.00 19.54 ? 1301 ILE A O   1 
ATOM   559  C  CB  . ILE A 1 57  ? 10.453  -1.713  5.217   1.00 21.98 ? 1301 ILE A CB  1 
ATOM   560  C  CG1 . ILE A 1 57  ? 10.457  -0.633  6.303   1.00 22.47 ? 1301 ILE A CG1 1 
ATOM   561  C  CG2 . ILE A 1 57  ? 11.408  -2.845  5.588   1.00 22.79 ? 1301 ILE A CG2 1 
ATOM   562  C  CD1 . ILE A 1 57  ? 9.903   -1.113  7.638   1.00 23.64 ? 1301 ILE A CD1 1 
ATOM   563  N  N   . GLN A 1 58  ? 10.296  -2.891  2.313   1.00 20.92 ? 1302 GLN A N   1 
ATOM   564  C  CA  . GLN A 1 58  ? 10.582  -3.960  1.362   1.00 22.22 ? 1302 GLN A CA  1 
ATOM   565  C  C   . GLN A 1 58  ? 11.192  -3.408  0.074   1.00 22.51 ? 1302 GLN A C   1 
ATOM   566  O  O   . GLN A 1 58  ? 12.135  -3.989  -0.476  1.00 22.81 ? 1302 GLN A O   1 
ATOM   567  C  CB  . GLN A 1 58  ? 9.300   -4.745  1.056   1.00 23.68 ? 1302 GLN A CB  1 
ATOM   568  C  CG  . GLN A 1 58  ? 8.718   -5.444  2.285   1.00 24.80 ? 1302 GLN A CG  1 
ATOM   569  C  CD  . GLN A 1 58  ? 9.752   -6.304  3.001   1.00 25.77 ? 1302 GLN A CD  1 
ATOM   570  O  OE1 . GLN A 1 58  ? 10.417  -7.125  2.382   1.00 25.99 ? 1302 GLN A OE1 1 
ATOM   571  N  NE2 . GLN A 1 58  ? 9.883   -6.120  4.311   1.00 29.68 ? 1302 GLN A NE2 1 
HETATM 572  N  N   . MSE A 1 59  ? 10.662  -2.282  -0.401  1.00 20.11 ? 1303 MSE A N   1 
HETATM 573  C  CA  . MSE A 1 59  ? 11.167  -1.649  -1.622  1.00 22.11 ? 1303 MSE A CA  1 
HETATM 574  C  C   . MSE A 1 59  ? 12.644  -1.258  -1.500  1.00 22.88 ? 1303 MSE A C   1 
HETATM 575  O  O   . MSE A 1 59  ? 13.443  -1.533  -2.400  1.00 21.18 ? 1303 MSE A O   1 
HETATM 576  C  CB  . MSE A 1 59  ? 10.339  -0.398  -1.966  1.00 23.20 ? 1303 MSE A CB  1 
HETATM 577  C  CG  . MSE A 1 59  ? 8.880   -0.673  -2.338  1.00 24.30 ? 1303 MSE A CG  1 
HETATM 578  SE SE  . MSE A 1 59  ? 8.662   -1.822  -3.883  1.00 32.90 ? 1303 MSE A SE  1 
HETATM 579  C  CE  . MSE A 1 59  ? 7.969   -3.387  -3.043  1.00 25.17 ? 1303 MSE A CE  1 
ATOM   580  N  N   . GLU A 1 60  ? 13.003  -0.612  -0.391  1.00 22.29 ? 1304 GLU A N   1 
ATOM   581  C  CA  . GLU A 1 60  ? 14.384  -0.196  -0.166  1.00 24.05 ? 1304 GLU A CA  1 
ATOM   582  C  C   . GLU A 1 60  ? 15.323  -1.399  -0.028  1.00 23.27 ? 1304 GLU A C   1 
ATOM   583  O  O   . GLU A 1 60  ? 16.408  -1.413  -0.594  1.00 24.11 ? 1304 GLU A O   1 
ATOM   584  C  CB  . GLU A 1 60  ? 14.499  0.660   1.097   1.00 24.61 ? 1304 GLU A CB  1 
ATOM   585  C  CG  . GLU A 1 60  ? 15.864  1.320   1.233   1.00 27.08 ? 1304 GLU A CG  1 
ATOM   586  C  CD  . GLU A 1 60  ? 16.034  2.079   2.534   1.00 31.03 ? 1304 GLU A CD  1 
ATOM   587  O  OE1 . GLU A 1 60  ? 15.030  2.614   3.060   1.00 30.78 ? 1304 GLU A OE1 1 
ATOM   588  O  OE2 . GLU A 1 60  ? 17.180  2.147   3.019   1.00 30.85 ? 1304 GLU A OE2 1 
ATOM   589  N  N   . LYS A 1 61  ? 14.901  -2.394  0.743   1.00 25.50 ? 1305 LYS A N   1 
ATOM   590  C  CA  . LYS A 1 61  ? 15.693  -3.602  0.944   1.00 29.33 ? 1305 LYS A CA  1 
ATOM   591  C  C   . LYS A 1 61  ? 16.067  -4.271  -0.379  1.00 30.06 ? 1305 LYS A C   1 
ATOM   592  O  O   . LYS A 1 61  ? 17.232  -4.577  -0.633  1.00 29.04 ? 1305 LYS A O   1 
ATOM   593  C  CB  . LYS A 1 61  ? 14.916  -4.595  1.806   1.00 29.68 ? 1305 LYS A CB  1 
ATOM   594  C  CG  . LYS A 1 61  ? 15.646  -5.906  2.104   1.00 35.74 ? 1305 LYS A CG  1 
ATOM   595  C  CD  . LYS A 1 61  ? 14.721  -6.873  2.844   1.00 38.69 ? 1305 LYS A CD  1 
ATOM   596  C  CE  . LYS A 1 61  ? 15.403  -7.499  4.053   1.00 41.94 ? 1305 LYS A CE  1 
ATOM   597  N  NZ  . LYS A 1 61  ? 14.432  -8.214  4.933   1.00 43.35 ? 1305 LYS A NZ  1 
ATOM   598  N  N   A TYR A 1 62  ? 15.059  -4.482  -1.215  0.50 30.02 ? 1306 TYR A N   1 
ATOM   599  N  N   B TYR A 1 62  ? 15.081  -4.498  -1.233  0.50 30.01 ? 1306 TYR A N   1 
ATOM   600  C  CA  A TYR A 1 62  ? 15.250  -5.121  -2.505  0.50 31.61 ? 1306 TYR A CA  1 
ATOM   601  C  CA  B TYR A 1 62  ? 15.343  -5.145  -2.509  0.50 31.66 ? 1306 TYR A CA  1 
ATOM   602  C  C   A TYR A 1 62  ? 16.098  -4.284  -3.455  0.50 31.63 ? 1306 TYR A C   1 
ATOM   603  C  C   B TYR A 1 62  ? 16.110  -4.277  -3.484  0.50 31.71 ? 1306 TYR A C   1 
ATOM   604  O  O   A TYR A 1 62  ? 16.881  -4.826  -4.233  0.50 30.37 ? 1306 TYR A O   1 
ATOM   605  O  O   B TYR A 1 62  ? 16.846  -4.789  -4.320  0.50 30.62 ? 1306 TYR A O   1 
ATOM   606  C  CB  A TYR A 1 62  ? 13.888  -5.404  -3.156  0.50 32.29 ? 1306 TYR A CB  1 
ATOM   607  C  CB  B TYR A 1 62  ? 14.038  -5.645  -3.124  0.50 32.17 ? 1306 TYR A CB  1 
ATOM   608  C  CG  A TYR A 1 62  ? 13.950  -6.336  -4.339  0.50 33.65 ? 1306 TYR A CG  1 
ATOM   609  C  CG  B TYR A 1 62  ? 13.582  -6.920  -2.462  0.50 33.54 ? 1306 TYR A CG  1 
ATOM   610  C  CD1 A TYR A 1 62  ? 14.132  -7.710  -4.162  0.50 34.10 ? 1306 TYR A CD1 1 
ATOM   611  C  CD1 B TYR A 1 62  ? 12.989  -6.900  -1.197  0.50 33.88 ? 1306 TYR A CD1 1 
ATOM   612  C  CD2 A TYR A 1 62  ? 13.820  -5.850  -5.638  0.50 34.37 ? 1306 TYR A CD2 1 
ATOM   613  C  CD2 B TYR A 1 62  ? 13.837  -8.160  -3.049  0.50 34.65 ? 1306 TYR A CD2 1 
ATOM   614  C  CE1 A TYR A 1 62  ? 14.179  -8.574  -5.252  0.50 35.25 ? 1306 TYR A CE1 1 
ATOM   615  C  CE1 B TYR A 1 62  ? 12.671  -8.079  -0.531  0.50 35.19 ? 1306 TYR A CE1 1 
ATOM   616  C  CE2 A TYR A 1 62  ? 13.868  -6.706  -6.734  0.50 34.72 ? 1306 TYR A CE2 1 
ATOM   617  C  CE2 B TYR A 1 62  ? 13.521  -9.341  -2.388  0.50 34.90 ? 1306 TYR A CE2 1 
ATOM   618  C  CZ  A TYR A 1 62  ? 14.047  -8.064  -6.535  0.50 34.57 ? 1306 TYR A CZ  1 
ATOM   619  C  CZ  B TYR A 1 62  ? 12.939  -9.294  -1.131  0.50 34.95 ? 1306 TYR A CZ  1 
ATOM   620  O  OH  A TYR A 1 62  ? 14.092  -8.912  -7.620  0.50 32.54 ? 1306 TYR A OH  1 
ATOM   621  O  OH  B TYR A 1 62  ? 12.631  -10.471 -0.487  0.50 35.73 ? 1306 TYR A OH  1 
ATOM   622  N  N   . ALA A 1 63  ? 15.946  -2.964  -3.380  1.00 31.15 ? 1307 ALA A N   1 
ATOM   623  C  CA  . ALA A 1 63  ? 16.694  -2.055  -4.236  1.00 30.43 ? 1307 ALA A CA  1 
ATOM   624  C  C   . ALA A 1 63  ? 18.173  -2.086  -3.831  1.00 31.07 ? 1307 ALA A C   1 
ATOM   625  O  O   . ALA A 1 63  ? 19.050  -2.095  -4.696  1.00 29.82 ? 1307 ALA A O   1 
ATOM   626  C  CB  . ALA A 1 63  ? 16.145  -0.637  -4.116  1.00 30.44 ? 1307 ALA A CB  1 
ATOM   627  N  N   . ARG A 1 64  ? 18.448  -2.106  -2.526  1.00 30.22 ? 1308 ARG A N   1 
ATOM   628  C  CA  . ARG A 1 64  ? 19.835  -2.159  -2.048  1.00 31.98 ? 1308 ARG A CA  1 
ATOM   629  C  C   . ARG A 1 64  ? 20.469  -3.475  -2.475  1.00 32.74 ? 1308 ARG A C   1 
ATOM   630  O  O   . ARG A 1 64  ? 21.651  -3.521  -2.809  1.00 33.11 ? 1308 ARG A O   1 
ATOM   631  C  CB  . ARG A 1 64  ? 19.915  -2.038  -0.519  1.00 31.31 ? 1308 ARG A CB  1 
ATOM   632  C  CG  . ARG A 1 64  ? 19.720  -0.629  0.001   1.00 36.16 ? 1308 ARG A CG  1 
ATOM   633  C  CD  . ARG A 1 64  ? 19.995  -0.534  1.493   1.00 34.20 ? 1308 ARG A CD  1 
ATOM   634  N  NE  . ARG A 1 64  ? 19.588  0.772   1.998   1.00 33.65 ? 1308 ARG A NE  1 
ATOM   635  C  CZ  . ARG A 1 64  ? 20.159  1.917   1.644   1.00 37.30 ? 1308 ARG A CZ  1 
ATOM   636  N  NH1 . ARG A 1 64  ? 21.171  1.919   0.786   1.00 39.36 ? 1308 ARG A NH1 1 
ATOM   637  N  NH2 . ARG A 1 64  ? 19.707  3.062   2.136   1.00 36.36 ? 1308 ARG A NH2 1 
ATOM   638  N  N   . GLN A 1 65  ? 19.677  -4.544  -2.437  1.00 35.07 ? 1309 GLN A N   1 
ATOM   639  C  CA  . GLN A 1 65  ? 20.137  -5.869  -2.855  1.00 37.30 ? 1309 GLN A CA  1 
ATOM   640  C  C   . GLN A 1 65  ? 20.660  -5.745  -4.267  1.00 37.66 ? 1309 GLN A C   1 
ATOM   641  O  O   . GLN A 1 65  ? 21.810  -6.060  -4.551  1.00 37.26 ? 1309 GLN A O   1 
ATOM   642  C  CB  . GLN A 1 65  ? 18.980  -6.866  -2.883  1.00 39.59 ? 1309 GLN A CB  1 
ATOM   643  C  CG  . GLN A 1 65  ? 18.819  -7.740  -1.663  1.00 43.15 ? 1309 GLN A CG  1 
ATOM   644  C  CD  . GLN A 1 65  ? 17.707  -8.761  -1.853  1.00 46.42 ? 1309 GLN A CD  1 
ATOM   645  O  OE1 . GLN A 1 65  ? 17.631  -9.428  -2.891  1.00 48.74 ? 1309 GLN A OE1 1 
ATOM   646  N  NE2 . GLN A 1 65  ? 16.843  -8.893  -0.851  1.00 47.54 ? 1309 GLN A NE2 1 
ATOM   647  N  N   . ALA A 1 66  ? 19.777  -5.287  -5.148  1.00 37.71 ? 1310 ALA A N   1 
ATOM   648  C  CA  . ALA A 1 66  ? 20.094  -5.116  -6.554  1.00 38.59 ? 1310 ALA A CA  1 
ATOM   649  C  C   . ALA A 1 66  ? 21.420  -4.400  -6.747  1.00 40.06 ? 1310 ALA A C   1 
ATOM   650  O  O   . ALA A 1 66  ? 22.269  -4.849  -7.522  1.00 38.49 ? 1310 ALA A O   1 
ATOM   651  C  CB  . ALA A 1 66  ? 18.980  -4.343  -7.242  1.00 35.58 ? 1310 ALA A CB  1 
ATOM   652  N  N   . VAL A 1 67  ? 21.597  -3.283  -6.045  1.00 40.28 ? 1311 VAL A N   1 
ATOM   653  C  CA  . VAL A 1 67  ? 22.826  -2.512  -6.160  1.00 42.35 ? 1311 VAL A CA  1 
ATOM   654  C  C   . VAL A 1 67  ? 24.013  -3.295  -5.608  1.00 44.30 ? 1311 VAL A C   1 
ATOM   655  O  O   . VAL A 1 67  ? 25.072  -3.353  -6.231  1.00 44.07 ? 1311 VAL A O   1 
ATOM   656  C  CB  . VAL A 1 67  ? 22.707  -1.159  -5.426  1.00 41.87 ? 1311 VAL A CB  1 
ATOM   657  C  CG1 . VAL A 1 67  ? 24.017  -0.392  -5.527  1.00 42.28 ? 1311 VAL A CG1 1 
ATOM   658  C  CG2 . VAL A 1 67  ? 21.574  -0.340  -6.036  1.00 41.62 ? 1311 VAL A CG2 1 
ATOM   659  N  N   . THR A 1 68  ? 23.831  -3.904  -4.442  1.00 46.47 ? 1312 THR A N   1 
ATOM   660  C  CA  . THR A 1 68  ? 24.892  -4.687  -3.820  1.00 50.15 ? 1312 THR A CA  1 
ATOM   661  C  C   . THR A 1 68  ? 25.318  -5.859  -4.706  1.00 52.62 ? 1312 THR A C   1 
ATOM   662  O  O   . THR A 1 68  ? 26.409  -6.404  -4.544  1.00 52.87 ? 1312 THR A O   1 
ATOM   663  C  CB  . THR A 1 68  ? 24.442  -5.211  -2.445  1.00 49.40 ? 1312 THR A CB  1 
ATOM   664  O  OG1 . THR A 1 68  ? 24.258  -4.101  -1.557  1.00 50.17 ? 1312 THR A OG1 1 
ATOM   665  C  CG2 . THR A 1 68  ? 25.481  -6.152  -1.859  1.00 50.39 ? 1312 THR A CG2 1 
ATOM   666  N  N   . GLU A 1 69  ? 24.459  -6.243  -5.647  1.00 54.93 ? 1313 GLU A N   1 
ATOM   667  C  CA  . GLU A 1 69  ? 24.774  -7.341  -6.556  1.00 57.20 ? 1313 GLU A CA  1 
ATOM   668  C  C   . GLU A 1 69  ? 25.348  -6.829  -7.873  1.00 57.43 ? 1313 GLU A C   1 
ATOM   669  O  O   . GLU A 1 69  ? 24.681  -6.116  -8.621  1.00 57.56 ? 1313 GLU A O   1 
ATOM   670  C  CB  . GLU A 1 69  ? 23.526  -8.183  -6.833  1.00 59.39 ? 1313 GLU A CB  1 
ATOM   671  C  CG  . GLU A 1 69  ? 22.982  -8.892  -5.608  1.00 62.51 ? 1313 GLU A CG  1 
ATOM   672  C  CD  . GLU A 1 69  ? 24.052  -9.680  -4.875  1.00 64.99 ? 1313 GLU A CD  1 
ATOM   673  O  OE1 . GLU A 1 69  ? 24.673  -10.569 -5.502  1.00 65.23 ? 1313 GLU A OE1 1 
ATOM   674  O  OE2 . GLU A 1 69  ? 24.273  -9.408  -3.673  1.00 65.81 ? 1313 GLU A OE2 1 
ATOM   675  N  N   . SER A 1 83  ? 10.844  -11.887 -7.794  1.00 42.34 ? 1327 SER A N   1 
ATOM   676  C  CA  . SER A 1 83  ? 10.025  -13.070 -7.555  1.00 41.52 ? 1327 SER A CA  1 
ATOM   677  C  C   . SER A 1 83  ? 9.804   -13.290 -6.055  1.00 39.62 ? 1327 SER A C   1 
ATOM   678  O  O   . SER A 1 83  ? 8.690   -13.589 -5.622  1.00 40.30 ? 1327 SER A O   1 
ATOM   679  C  CB  . SER A 1 83  ? 10.688  -14.303 -8.172  1.00 44.00 ? 1327 SER A CB  1 
ATOM   680  O  OG  . SER A 1 83  ? 9.825   -15.427 -8.116  1.00 47.34 ? 1327 SER A OG  1 
ATOM   681  N  N   A GLU A 1 84  ? 10.864  -13.148 -5.268  0.50 37.41 ? 1328 GLU A N   1 
ATOM   682  N  N   B GLU A 1 84  ? 10.869  -13.146 -5.273  0.50 38.11 ? 1328 GLU A N   1 
ATOM   683  C  CA  A GLU A 1 84  ? 10.750  -13.318 -3.823  0.50 35.04 ? 1328 GLU A CA  1 
ATOM   684  C  CA  B GLU A 1 84  ? 10.784  -13.313 -3.824  0.50 36.31 ? 1328 GLU A CA  1 
ATOM   685  C  C   A GLU A 1 84  ? 10.017  -12.110 -3.253  0.50 33.31 ? 1328 GLU A C   1 
ATOM   686  C  C   B GLU A 1 84  ? 10.056  -12.107 -3.235  0.50 34.12 ? 1328 GLU A C   1 
ATOM   687  O  O   A GLU A 1 84  ? 9.236   -12.228 -2.309  0.50 31.30 ? 1328 GLU A O   1 
ATOM   688  O  O   B GLU A 1 84  ? 9.311   -12.228 -2.261  0.50 32.21 ? 1328 GLU A O   1 
ATOM   689  C  CB  A GLU A 1 84  ? 12.133  -13.424 -3.180  0.50 35.75 ? 1328 GLU A CB  1 
ATOM   690  C  CB  B GLU A 1 84  ? 12.189  -13.430 -3.224  0.50 38.26 ? 1328 GLU A CB  1 
ATOM   691  C  CG  A GLU A 1 84  ? 12.102  -13.555 -1.665  0.50 36.57 ? 1328 GLU A CG  1 
ATOM   692  C  CG  B GLU A 1 84  ? 13.110  -12.263 -3.555  0.50 41.60 ? 1328 GLU A CG  1 
ATOM   693  C  CD  A GLU A 1 84  ? 11.305  -14.761 -1.203  0.50 38.46 ? 1328 GLU A CD  1 
ATOM   694  C  CD  B GLU A 1 84  ? 14.556  -12.519 -3.152  0.50 43.17 ? 1328 GLU A CD  1 
ATOM   695  O  OE1 A GLU A 1 84  ? 11.628  -15.888 -1.630  0.50 38.79 ? 1328 GLU A OE1 1 
ATOM   696  O  OE1 B GLU A 1 84  ? 15.190  -13.418 -3.745  0.50 44.67 ? 1328 GLU A OE1 1 
ATOM   697  O  OE2 A GLU A 1 84  ? 10.355  -14.581 -0.412  0.50 38.54 ? 1328 GLU A OE2 1 
ATOM   698  O  OE2 B GLU A 1 84  ? 15.057  -11.823 -2.243  0.50 43.60 ? 1328 GLU A OE2 1 
ATOM   699  N  N   . LEU A 1 85  ? 10.276  -10.947 -3.843  1.00 31.83 ? 1329 LEU A N   1 
ATOM   700  C  CA  . LEU A 1 85  ? 9.644   -9.713  -3.408  1.00 30.89 ? 1329 LEU A CA  1 
ATOM   701  C  C   . LEU A 1 85  ? 8.123   -9.814  -3.520  1.00 28.57 ? 1329 LEU A C   1 
ATOM   702  O  O   . LEU A 1 85  ? 7.401   -9.470  -2.588  1.00 25.65 ? 1329 LEU A O   1 
ATOM   703  C  CB  . LEU A 1 85  ? 10.147  -8.540  -4.254  1.00 32.59 ? 1329 LEU A CB  1 
ATOM   704  C  CG  . LEU A 1 85  ? 9.521   -7.161  -4.030  1.00 34.19 ? 1329 LEU A CG  1 
ATOM   705  C  CD1 . LEU A 1 85  ? 9.669   -6.728  -2.576  1.00 33.87 ? 1329 LEU A CD1 1 
ATOM   706  C  CD2 . LEU A 1 85  ? 10.197  -6.169  -4.959  1.00 36.31 ? 1329 LEU A CD2 1 
ATOM   707  N  N   . TYR A 1 86  ? 7.636   -10.297 -4.659  1.00 26.07 ? 1330 TYR A N   1 
ATOM   708  C  CA  . TYR A 1 86  ? 6.195   -10.411 -4.848  1.00 26.14 ? 1330 TYR A CA  1 
ATOM   709  C  C   . TYR A 1 86  ? 5.580   -11.435 -3.911  1.00 24.37 ? 1330 TYR A C   1 
ATOM   710  O  O   . TYR A 1 86  ? 4.435   -11.286 -3.482  1.00 22.06 ? 1330 TYR A O   1 
ATOM   711  C  CB  . TYR A 1 86  ? 5.867   -10.736 -6.307  1.00 26.08 ? 1330 TYR A CB  1 
ATOM   712  C  CG  . TYR A 1 86  ? 5.914   -9.512  -7.198  1.00 27.92 ? 1330 TYR A CG  1 
ATOM   713  C  CD1 . TYR A 1 86  ? 6.894   -9.375  -8.181  1.00 28.06 ? 1330 TYR A CD1 1 
ATOM   714  C  CD2 . TYR A 1 86  ? 4.979   -8.483  -7.050  1.00 26.86 ? 1330 TYR A CD2 1 
ATOM   715  C  CE1 . TYR A 1 86  ? 6.945   -8.244  -8.998  1.00 28.89 ? 1330 TYR A CE1 1 
ATOM   716  C  CE2 . TYR A 1 86  ? 5.020   -7.346  -7.863  1.00 28.47 ? 1330 TYR A CE2 1 
ATOM   717  C  CZ  . TYR A 1 86  ? 6.004   -7.235  -8.835  1.00 29.13 ? 1330 TYR A CZ  1 
ATOM   718  O  OH  . TYR A 1 86  ? 6.050   -6.130  -9.655  1.00 31.60 ? 1330 TYR A OH  1 
ATOM   719  N  N   A ARG A 1 87  ? 6.339   -12.478 -3.589  0.50 24.37 ? 1331 ARG A N   1 
ATOM   720  N  N   B ARG A 1 87  ? 6.342   -12.476 -3.591  0.50 24.46 ? 1331 ARG A N   1 
ATOM   721  C  CA  A ARG A 1 87  ? 5.847   -13.499 -2.676  0.50 25.94 ? 1331 ARG A CA  1 
ATOM   722  C  CA  B ARG A 1 87  ? 5.857   -13.503 -2.686  0.50 26.10 ? 1331 ARG A CA  1 
ATOM   723  C  C   A ARG A 1 87  ? 5.666   -12.842 -1.309  0.50 24.43 ? 1331 ARG A C   1 
ATOM   724  C  C   B ARG A 1 87  ? 5.684   -12.866 -1.304  0.50 24.59 ? 1331 ARG A C   1 
ATOM   725  O  O   A ARG A 1 87  ? 4.679   -13.086 -0.615  0.50 24.41 ? 1331 ARG A O   1 
ATOM   726  O  O   B ARG A 1 87  ? 4.717   -13.145 -0.596  0.50 24.63 ? 1331 ARG A O   1 
ATOM   727  C  CB  A ARG A 1 87  ? 6.852   -14.653 -2.561  0.50 29.49 ? 1331 ARG A CB  1 
ATOM   728  C  CB  B ARG A 1 87  ? 6.853   -14.668 -2.624  0.50 29.71 ? 1331 ARG A CB  1 
ATOM   729  C  CG  A ARG A 1 87  ? 6.364   -15.819 -1.702  0.50 33.03 ? 1331 ARG A CG  1 
ATOM   730  C  CG  B ARG A 1 87  ? 6.307   -15.919 -1.949  0.50 33.54 ? 1331 ARG A CG  1 
ATOM   731  C  CD  A ARG A 1 87  ? 7.478   -16.829 -1.416  0.50 36.96 ? 1331 ARG A CD  1 
ATOM   732  C  CD  B ARG A 1 87  ? 7.291   -17.091 -1.996  0.50 37.81 ? 1331 ARG A CD  1 
ATOM   733  N  NE  A ARG A 1 87  ? 8.455   -16.315 -0.457  0.50 38.51 ? 1331 ARG A NE  1 
ATOM   734  N  NE  B ARG A 1 87  ? 7.683   -17.442 -3.360  0.50 39.65 ? 1331 ARG A NE  1 
ATOM   735  C  CZ  A ARG A 1 87  ? 8.198   -16.096 0.828   0.50 39.68 ? 1331 ARG A CZ  1 
ATOM   736  C  CZ  B ARG A 1 87  ? 8.812   -17.049 -3.940  0.50 41.37 ? 1331 ARG A CZ  1 
ATOM   737  N  NH1 A ARG A 1 87  ? 6.993   -16.348 1.320   0.50 39.27 ? 1331 ARG A NH1 1 
ATOM   738  N  NH1 B ARG A 1 87  ? 9.677   -16.294 -3.276  0.50 42.60 ? 1331 ARG A NH1 1 
ATOM   739  N  NH2 A ARG A 1 87  ? 9.143   -15.611 1.623   0.50 40.39 ? 1331 ARG A NH2 1 
ATOM   740  N  NH2 B ARG A 1 87  ? 9.077   -17.408 -5.188  0.50 42.61 ? 1331 ARG A NH2 1 
ATOM   741  N  N   . VAL A 1 88  ? 6.625   -12.000 -0.935  1.00 23.64 ? 1332 VAL A N   1 
ATOM   742  C  CA  . VAL A 1 88  ? 6.575   -11.315 0.358   1.00 23.42 ? 1332 VAL A CA  1 
ATOM   743  C  C   . VAL A 1 88  ? 5.398   -10.345 0.393   1.00 21.64 ? 1332 VAL A C   1 
ATOM   744  O  O   . VAL A 1 88  ? 4.631   -10.331 1.347   1.00 20.43 ? 1332 VAL A O   1 
ATOM   745  C  CB  . VAL A 1 88  ? 7.895   -10.548 0.638   1.00 24.54 ? 1332 VAL A CB  1 
ATOM   746  C  CG1 . VAL A 1 88  ? 7.748   -9.669  1.884   1.00 28.13 ? 1332 VAL A CG1 1 
ATOM   747  C  CG2 . VAL A 1 88  ? 9.028   -11.543 0.843   1.00 25.26 ? 1332 VAL A CG2 1 
ATOM   748  N  N   . LEU A 1 89  ? 5.255   -9.545  -0.659  1.00 21.42 ? 1333 LEU A N   1 
ATOM   749  C  CA  . LEU A 1 89  ? 4.155   -8.591  -0.735  1.00 22.97 ? 1333 LEU A CA  1 
ATOM   750  C  C   . LEU A 1 89  ? 2.806   -9.309  -0.739  1.00 22.80 ? 1333 LEU A C   1 
ATOM   751  O  O   . LEU A 1 89  ? 1.893   -8.956  0.006   1.00 22.62 ? 1333 LEU A O   1 
ATOM   752  C  CB  . LEU A 1 89  ? 4.291   -7.728  -2.004  1.00 20.75 ? 1333 LEU A CB  1 
ATOM   753  C  CG  . LEU A 1 89  ? 5.561   -6.869  -2.084  1.00 22.57 ? 1333 LEU A CG  1 
ATOM   754  C  CD1 . LEU A 1 89  ? 5.578   -6.047  -3.372  1.00 21.80 ? 1333 LEU A CD1 1 
ATOM   755  C  CD2 . LEU A 1 89  ? 5.625   -5.951  -0.866  1.00 21.86 ? 1333 LEU A CD2 1 
ATOM   756  N  N   . ASN A 1 90  ? 2.686   -10.339 -1.568  1.00 23.14 ? 1334 ASN A N   1 
ATOM   757  C  CA  . ASN A 1 90  ? 1.433   -11.066 -1.671  1.00 23.82 ? 1334 ASN A CA  1 
ATOM   758  C  C   . ASN A 1 90  ? 1.038   -11.796 -0.384  1.00 23.35 ? 1334 ASN A C   1 
ATOM   759  O  O   . ASN A 1 90  ? -0.135  -11.840 -0.024  1.00 21.98 ? 1334 ASN A O   1 
ATOM   760  C  CB  . ASN A 1 90  ? 1.500   -12.051 -2.840  1.00 27.14 ? 1334 ASN A CB  1 
ATOM   761  C  CG  . ASN A 1 90  ? 0.131   -12.414 -3.363  1.00 32.02 ? 1334 ASN A CG  1 
ATOM   762  O  OD1 . ASN A 1 90  ? -0.680  -11.533 -3.666  1.00 32.86 ? 1334 ASN A OD1 1 
ATOM   763  N  ND2 . ASN A 1 90  ? -0.143  -13.712 -3.466  1.00 32.97 ? 1334 ASN A ND2 1 
ATOM   764  N  N   . LEU A 1 91  ? 2.011   -12.371 0.311   1.00 23.14 ? 1335 LEU A N   1 
ATOM   765  C  CA  . LEU A 1 91  ? 1.703   -13.070 1.554   1.00 22.37 ? 1335 LEU A CA  1 
ATOM   766  C  C   . LEU A 1 91  ? 1.126   -12.095 2.579   1.00 22.05 ? 1335 LEU A C   1 
ATOM   767  O  O   . LEU A 1 91  ? 0.212   -12.431 3.335   1.00 20.65 ? 1335 LEU A O   1 
ATOM   768  C  CB  . LEU A 1 91  ? 2.971   -13.715 2.123   1.00 24.06 ? 1335 LEU A CB  1 
ATOM   769  C  CG  . LEU A 1 91  ? 2.880   -14.469 3.454   1.00 30.17 ? 1335 LEU A CG  1 
ATOM   770  C  CD1 . LEU A 1 91  ? 1.925   -15.653 3.320   1.00 32.23 ? 1335 LEU A CD1 1 
ATOM   771  C  CD2 . LEU A 1 91  ? 4.265   -14.963 3.859   1.00 29.62 ? 1335 LEU A CD2 1 
ATOM   772  N  N   . HIS A 1 92  ? 1.656   -10.879 2.584   1.00 20.16 ? 1336 HIS A N   1 
ATOM   773  C  CA  . HIS A 1 92  ? 1.239   -9.857  3.532   1.00 21.57 ? 1336 HIS A CA  1 
ATOM   774  C  C   . HIS A 1 92  ? -0.118  -9.212  3.264   1.00 20.36 ? 1336 HIS A C   1 
ATOM   775  O  O   . HIS A 1 92  ? -0.948  -9.092  4.165   1.00 20.90 ? 1336 HIS A O   1 
ATOM   776  C  CB  . HIS A 1 92  ? 2.302   -8.759  3.591   1.00 22.92 ? 1336 HIS A CB  1 
ATOM   777  C  CG  . HIS A 1 92  ? 2.089   -7.780  4.697   1.00 26.66 ? 1336 HIS A CG  1 
ATOM   778  N  ND1 . HIS A 1 92  ? 2.322   -8.095  6.020   1.00 27.59 ? 1336 HIS A ND1 1 
ATOM   779  C  CD2 . HIS A 1 92  ? 1.638   -6.503  4.688   1.00 27.13 ? 1336 HIS A CD2 1 
ATOM   780  C  CE1 . HIS A 1 92  ? 2.022   -7.057  6.776   1.00 29.51 ? 1336 HIS A CE1 1 
ATOM   781  N  NE2 . HIS A 1 92  ? 1.604   -6.076  5.993   1.00 28.29 ? 1336 HIS A NE2 1 
ATOM   782  N  N   . TYR A 1 93  ? -0.339  -8.791  2.026   1.00 20.33 ? 1337 TYR A N   1 
ATOM   783  C  CA  . TYR A 1 93  ? -1.583  -8.121  1.664   1.00 21.03 ? 1337 TYR A CA  1 
ATOM   784  C  C   . TYR A 1 93  ? -2.675  -9.023  1.078   1.00 22.34 ? 1337 TYR A C   1 
ATOM   785  O  O   . TYR A 1 93  ? -3.836  -8.613  0.993   1.00 21.23 ? 1337 TYR A O   1 
ATOM   786  C  CB  . TYR A 1 93  ? -1.287  -6.998  0.657   1.00 19.28 ? 1337 TYR A CB  1 
ATOM   787  C  CG  . TYR A 1 93  ? -0.286  -5.956  1.131   1.00 19.65 ? 1337 TYR A CG  1 
ATOM   788  C  CD1 . TYR A 1 93  ? 1.034   -5.971  0.680   1.00 18.31 ? 1337 TYR A CD1 1 
ATOM   789  C  CD2 . TYR A 1 93  ? -0.660  -4.954  2.027   1.00 18.15 ? 1337 TYR A CD2 1 
ATOM   790  C  CE1 . TYR A 1 93  ? 1.967   -5.007  1.113   1.00 19.38 ? 1337 TYR A CE1 1 
ATOM   791  C  CE2 . TYR A 1 93  ? 0.263   -3.993  2.464   1.00 17.00 ? 1337 TYR A CE2 1 
ATOM   792  C  CZ  . TYR A 1 93  ? 1.576   -4.029  2.001   1.00 17.90 ? 1337 TYR A CZ  1 
ATOM   793  O  OH  . TYR A 1 93  ? 2.505   -3.087  2.446   1.00 17.81 ? 1337 TYR A OH  1 
ATOM   794  N  N   . ASN A 1 94  ? -2.305  -10.243 0.689   1.00 23.22 ? 1338 ASN A N   1 
ATOM   795  C  CA  . ASN A 1 94  ? -3.230  -11.180 0.047   1.00 23.26 ? 1338 ASN A CA  1 
ATOM   796  C  C   . ASN A 1 94  ? -2.892  -12.600 0.535   1.00 26.83 ? 1338 ASN A C   1 
ATOM   797  O  O   . ASN A 1 94  ? -2.684  -13.516 -0.257  1.00 24.41 ? 1338 ASN A O   1 
ATOM   798  C  CB  . ASN A 1 94  ? -3.028  -11.018 -1.470  1.00 19.99 ? 1338 ASN A CB  1 
ATOM   799  C  CG  . ASN A 1 94  ? -4.019  -11.796 -2.317  1.00 17.63 ? 1338 ASN A CG  1 
ATOM   800  O  OD1 . ASN A 1 94  ? -5.166  -12.019 -1.941  1.00 20.06 ? 1338 ASN A OD1 1 
ATOM   801  N  ND2 . ASN A 1 94  ? -3.571  -12.187 -3.504  1.00 19.30 ? 1338 ASN A ND2 1 
ATOM   802  N  N   A ARG A 1 95  ? -2.856  -12.753 1.857   0.50 28.68 ? 1339 ARG A N   1 
ATOM   803  N  N   B ARG A 1 95  ? -2.845  -12.759 1.856   0.50 28.67 ? 1339 ARG A N   1 
ATOM   804  C  CA  A ARG A 1 95  ? -2.530  -14.015 2.515   0.50 32.50 ? 1339 ARG A CA  1 
ATOM   805  C  CA  B ARG A 1 95  ? -2.515  -14.029 2.495   0.50 32.37 ? 1339 ARG A CA  1 
ATOM   806  C  C   A ARG A 1 95  ? -3.229  -15.221 1.896   0.50 33.45 ? 1339 ARG A C   1 
ATOM   807  C  C   B ARG A 1 95  ? -3.229  -15.231 1.886   0.50 33.37 ? 1339 ARG A C   1 
ATOM   808  O  O   A ARG A 1 95  ? -2.576  -16.146 1.411   0.50 33.57 ? 1339 ARG A O   1 
ATOM   809  O  O   B ARG A 1 95  ? -2.588  -16.164 1.401   0.50 33.39 ? 1339 ARG A O   1 
ATOM   810  C  CB  A ARG A 1 95  ? -2.889  -13.928 4.004   0.50 35.70 ? 1339 ARG A CB  1 
ATOM   811  C  CB  B ARG A 1 95  ? -2.826  -13.949 3.996   0.50 35.49 ? 1339 ARG A CB  1 
ATOM   812  C  CG  A ARG A 1 95  ? -2.363  -15.074 4.862   0.50 39.19 ? 1339 ARG A CG  1 
ATOM   813  C  CG  B ARG A 1 95  ? -2.514  -15.219 4.782   0.50 38.82 ? 1339 ARG A CG  1 
ATOM   814  C  CD  A ARG A 1 95  ? -0.866  -14.941 5.124   0.50 43.10 ? 1339 ARG A CD  1 
ATOM   815  C  CD  B ARG A 1 95  ? -1.030  -15.549 4.734   0.50 42.25 ? 1339 ARG A CD  1 
ATOM   816  N  NE  A ARG A 1 95  ? -0.535  -13.639 5.698   0.50 45.65 ? 1339 ARG A NE  1 
ATOM   817  N  NE  B ARG A 1 95  ? -0.711  -16.815 5.393   0.50 44.49 ? 1339 ARG A NE  1 
ATOM   818  C  CZ  A ARG A 1 95  ? 0.652   -13.309 6.196   0.50 46.66 ? 1339 ARG A CZ  1 
ATOM   819  C  CZ  B ARG A 1 95  ? -0.834  -17.038 6.698   0.50 45.70 ? 1339 ARG A CZ  1 
ATOM   820  N  NH1 A ARG A 1 95  ? 1.647   -14.185 6.202   0.50 48.96 ? 1339 ARG A NH1 1 
ATOM   821  N  NH1 B ARG A 1 95  ? -1.271  -16.082 7.507   0.50 46.10 ? 1339 ARG A NH1 1 
ATOM   822  N  NH2 A ARG A 1 95  ? 0.847   -12.092 6.683   0.50 48.05 ? 1339 ARG A NH2 1 
ATOM   823  N  NH2 B ARG A 1 95  ? -0.515  -18.225 7.197   0.50 46.67 ? 1339 ARG A NH2 1 
ATOM   824  N  N   . ASN A 1 96  ? -4.557  -15.210 1.911   1.00 33.91 ? 1340 ASN A N   1 
ATOM   825  C  CA  . ASN A 1 96  ? -5.328  -16.317 1.366   1.00 34.78 ? 1340 ASN A CA  1 
ATOM   826  C  C   . ASN A 1 96  ? -5.409  -16.368 -0.154  1.00 34.25 ? 1340 ASN A C   1 
ATOM   827  O  O   . ASN A 1 96  ? -6.113  -17.208 -0.713  1.00 32.24 ? 1340 ASN A O   1 
ATOM   828  C  CB  . ASN A 1 96  ? -6.723  -16.329 1.989   1.00 38.10 ? 1340 ASN A CB  1 
ATOM   829  C  CG  . ASN A 1 96  ? -6.693  -16.721 3.459   1.00 41.98 ? 1340 ASN A CG  1 
ATOM   830  O  OD1 . ASN A 1 96  ? -7.733  -16.896 4.090   1.00 45.77 ? 1340 ASN A OD1 1 
ATOM   831  N  ND2 . ASN A 1 96  ? -5.489  -16.866 4.008   1.00 42.80 ? 1340 ASN A ND2 1 
ATOM   832  N  N   . ASN A 1 97  ? -4.684  -15.471 -0.815  1.00 33.74 ? 1341 ASN A N   1 
ATOM   833  C  CA  . ASN A 1 97  ? -4.629  -15.442 -2.270  1.00 33.12 ? 1341 ASN A CA  1 
ATOM   834  C  C   . ASN A 1 97  ? -6.009  -15.336 -2.910  1.00 35.23 ? 1341 ASN A C   1 
ATOM   835  O  O   . ASN A 1 97  ? -6.291  -15.980 -3.922  1.00 34.84 ? 1341 ASN A O   1 
ATOM   836  C  CB  . ASN A 1 97  ? -3.913  -16.705 -2.762  1.00 35.65 ? 1341 ASN A CB  1 
ATOM   837  C  CG  . ASN A 1 97  ? -2.985  -16.439 -3.928  1.00 35.50 ? 1341 ASN A CG  1 
ATOM   838  O  OD1 . ASN A 1 97  ? -2.063  -15.633 -3.831  1.00 35.47 ? 1341 ASN A OD1 1 
ATOM   839  N  ND2 . ASN A 1 97  ? -3.223  -17.124 -5.041  1.00 39.24 ? 1341 ASN A ND2 1 
ATOM   840  N  N   . HIS A 1 98  ? -6.864  -14.507 -2.322  1.00 35.06 ? 1342 HIS A N   1 
ATOM   841  C  CA  . HIS A 1 98  ? -8.214  -14.312 -2.832  1.00 36.85 ? 1342 HIS A CA  1 
ATOM   842  C  C   . HIS A 1 98  ? -8.251  -13.576 -4.160  1.00 33.52 ? 1342 HIS A C   1 
ATOM   843  O  O   . HIS A 1 98  ? -9.093  -13.855 -5.013  1.00 34.10 ? 1342 HIS A O   1 
ATOM   844  C  CB  . HIS A 1 98  ? -9.057  -13.544 -1.814  1.00 41.09 ? 1342 HIS A CB  1 
ATOM   845  C  CG  . HIS A 1 98  ? -9.373  -14.331 -0.584  1.00 45.66 ? 1342 HIS A CG  1 
ATOM   846  N  ND1 . HIS A 1 98  ? -9.952  -15.582 -0.635  1.00 48.60 ? 1342 HIS A ND1 1 
ATOM   847  C  CD2 . HIS A 1 98  ? -9.191  -14.054 0.728   1.00 47.67 ? 1342 HIS A CD2 1 
ATOM   848  C  CE1 . HIS A 1 98  ? -10.110 -16.041 0.592   1.00 49.35 ? 1342 HIS A CE1 1 
ATOM   849  N  NE2 . HIS A 1 98  ? -9.656  -15.131 1.439   1.00 48.07 ? 1342 HIS A NE2 1 
ATOM   850  N  N   . ILE A 1 99  ? -7.348  -12.623 -4.338  1.00 31.43 ? 1343 ILE A N   1 
ATOM   851  C  CA  . ILE A 1 99  ? -7.331  -11.873 -5.578  1.00 28.22 ? 1343 ILE A CA  1 
ATOM   852  C  C   . ILE A 1 99  ? -6.057  -12.075 -6.364  1.00 25.09 ? 1343 ILE A C   1 
ATOM   853  O  O   . ILE A 1 99  ? -5.041  -12.538 -5.837  1.00 21.37 ? 1343 ILE A O   1 
ATOM   854  C  CB  . ILE A 1 99  ? -7.500  -10.361 -5.330  1.00 31.88 ? 1343 ILE A CB  1 
ATOM   855  C  CG1 . ILE A 1 99  ? -6.282  -9.825  -4.581  1.00 32.03 ? 1343 ILE A CG1 1 
ATOM   856  C  CG2 . ILE A 1 99  ? -8.782  -10.095 -4.552  1.00 31.39 ? 1343 ILE A CG2 1 
ATOM   857  C  CD1 . ILE A 1 99  ? -6.211  -8.321  -4.564  1.00 36.22 ? 1343 ILE A CD1 1 
ATOM   858  N  N   . GLU A 1 100 ? -6.135  -11.732 -7.643  1.00 24.98 ? 1344 GLU A N   1 
ATOM   859  C  CA  . GLU A 1 100 ? -4.998  -11.821 -8.540  1.00 25.97 ? 1344 GLU A CA  1 
ATOM   860  C  C   . GLU A 1 100 ? -4.286  -10.484 -8.368  1.00 25.29 ? 1344 GLU A C   1 
ATOM   861  O  O   . GLU A 1 100 ? -4.941  -9.445  -8.257  1.00 25.12 ? 1344 GLU A O   1 
ATOM   862  C  CB  . GLU A 1 100 ? -5.490  -11.989 -9.985  1.00 30.42 ? 1344 GLU A CB  1 
ATOM   863  C  CG  . GLU A 1 100 ? -4.450  -11.697 -11.061 1.00 32.79 ? 1344 GLU A CG  1 
ATOM   864  C  CD  . GLU A 1 100 ? -5.024  -11.807 -12.468 1.00 35.17 ? 1344 GLU A CD  1 
ATOM   865  O  OE1 . GLU A 1 100 ? -6.166  -11.348 -12.682 1.00 35.37 ? 1344 GLU A OE1 1 
ATOM   866  O  OE2 . GLU A 1 100 ? -4.332  -12.342 -13.358 1.00 36.79 ? 1344 GLU A OE2 1 
ATOM   867  N  N   . VAL A 1 101 ? -2.959  -10.506 -8.306  1.00 24.05 ? 1345 VAL A N   1 
ATOM   868  C  CA  . VAL A 1 101 ? -2.205  -9.265  -8.153  1.00 24.03 ? 1345 VAL A CA  1 
ATOM   869  C  C   . VAL A 1 101 ? -2.458  -8.436  -9.404  1.00 24.71 ? 1345 VAL A C   1 
ATOM   870  O  O   . VAL A 1 101 ? -2.144  -8.871  -10.518 1.00 25.20 ? 1345 VAL A O   1 
ATOM   871  C  CB  . VAL A 1 101 ? -0.686  -9.529  -8.024  1.00 23.49 ? 1345 VAL A CB  1 
ATOM   872  C  CG1 . VAL A 1 101 ? 0.068   -8.197  -7.901  1.00 24.40 ? 1345 VAL A CG1 1 
ATOM   873  C  CG2 . VAL A 1 101 ? -0.409  -10.417 -6.811  1.00 23.96 ? 1345 VAL A CG2 1 
ATOM   874  N  N   . PRO A 1 102 ? -3.035  -7.233  -9.243  1.00 24.70 ? 1346 PRO A N   1 
ATOM   875  C  CA  . PRO A 1 102 ? -3.302  -6.397  -10.416 1.00 23.25 ? 1346 PRO A CA  1 
ATOM   876  C  C   . PRO A 1 102 ? -2.055  -5.845  -11.106 1.00 24.92 ? 1346 PRO A C   1 
ATOM   877  O  O   . PRO A 1 102 ? -1.063  -5.491  -10.461 1.00 24.15 ? 1346 PRO A O   1 
ATOM   878  C  CB  . PRO A 1 102 ? -4.216  -5.300  -9.862  1.00 24.27 ? 1346 PRO A CB  1 
ATOM   879  C  CG  . PRO A 1 102 ? -3.785  -5.180  -8.446  1.00 23.88 ? 1346 PRO A CG  1 
ATOM   880  C  CD  . PRO A 1 102 ? -3.566  -6.613  -8.014  1.00 22.95 ? 1346 PRO A CD  1 
ATOM   881  N  N   . GLN A 1 103 ? -2.122  -5.778  -12.430 1.00 23.22 ? 1347 GLN A N   1 
ATOM   882  C  CA  . GLN A 1 103 ? -1.022  -5.281  -13.240 1.00 25.41 ? 1347 GLN A CA  1 
ATOM   883  C  C   . GLN A 1 103 ? -0.574  -3.874  -12.825 1.00 24.21 ? 1347 GLN A C   1 
ATOM   884  O  O   . GLN A 1 103 ? 0.618   -3.581  -12.810 1.00 22.45 ? 1347 GLN A O   1 
ATOM   885  C  CB  . GLN A 1 103 ? -1.428  -5.304  -14.721 1.00 29.23 ? 1347 GLN A CB  1 
ATOM   886  C  CG  . GLN A 1 103 ? -0.268  -5.243  -15.693 1.00 33.08 ? 1347 GLN A CG  1 
ATOM   887  C  CD  . GLN A 1 103 ? 0.854   -6.219  -15.346 1.00 36.00 ? 1347 GLN A CD  1 
ATOM   888  O  OE1 . GLN A 1 103 ? 0.640   -7.432  -15.223 1.00 36.48 ? 1347 GLN A OE1 1 
ATOM   889  N  NE2 . GLN A 1 103 ? 2.059   -5.688  -15.197 1.00 38.00 ? 1347 GLN A NE2 1 
ATOM   890  N  N   . ASN A 1 104 ? -1.514  -3.004  -12.471 1.00 23.06 ? 1348 ASN A N   1 
ATOM   891  C  CA  . ASN A 1 104 ? -1.126  -1.659  -12.067 1.00 23.25 ? 1348 ASN A CA  1 
ATOM   892  C  C   . ASN A 1 104 ? -0.319  -1.651  -10.764 1.00 21.46 ? 1348 ASN A C   1 
ATOM   893  O  O   . ASN A 1 104 ? 0.494   -0.761  -10.539 1.00 21.51 ? 1348 ASN A O   1 
ATOM   894  C  CB  . ASN A 1 104 ? -2.357  -0.749  -11.964 1.00 26.25 ? 1348 ASN A CB  1 
ATOM   895  C  CG  . ASN A 1 104 ? -2.978  -0.454  -13.331 1.00 31.46 ? 1348 ASN A CG  1 
ATOM   896  O  OD1 . ASN A 1 104 ? -2.304  -0.543  -14.363 1.00 31.57 ? 1348 ASN A OD1 1 
ATOM   897  N  ND2 . ASN A 1 104 ? -4.259  -0.091  -13.344 1.00 31.78 ? 1348 ASN A ND2 1 
ATOM   898  N  N   . PHE A 1 105 ? -0.526  -2.641  -9.902  1.00 21.41 ? 1349 PHE A N   1 
ATOM   899  C  CA  . PHE A 1 105 ? 0.250   -2.693  -8.663  1.00 22.94 ? 1349 PHE A CA  1 
ATOM   900  C  C   . PHE A 1 105 ? 1.688   -3.038  -9.041  1.00 23.20 ? 1349 PHE A C   1 
ATOM   901  O  O   . PHE A 1 105 ? 2.640   -2.507  -8.464  1.00 23.30 ? 1349 PHE A O   1 
ATOM   902  C  CB  . PHE A 1 105 ? -0.278  -3.765  -7.714  1.00 22.31 ? 1349 PHE A CB  1 
ATOM   903  C  CG  . PHE A 1 105 ? 0.490   -3.853  -6.425  1.00 22.40 ? 1349 PHE A CG  1 
ATOM   904  C  CD1 . PHE A 1 105 ? 0.442   -2.809  -5.500  1.00 23.82 ? 1349 PHE A CD1 1 
ATOM   905  C  CD2 . PHE A 1 105 ? 1.269   -4.970  -6.137  1.00 21.09 ? 1349 PHE A CD2 1 
ATOM   906  C  CE1 . PHE A 1 105 ? 1.159   -2.879  -4.298  1.00 23.92 ? 1349 PHE A CE1 1 
ATOM   907  C  CE2 . PHE A 1 105 ? 1.994   -5.051  -4.937  1.00 21.00 ? 1349 PHE A CE2 1 
ATOM   908  C  CZ  . PHE A 1 105 ? 1.938   -4.008  -4.020  1.00 21.45 ? 1349 PHE A CZ  1 
ATOM   909  N  N   . ARG A 1 106 ? 1.837   -3.935  -10.013 1.00 21.68 ? 1350 ARG A N   1 
ATOM   910  C  CA  . ARG A 1 106 ? 3.159   -4.343  -10.475 1.00 23.41 ? 1350 ARG A CA  1 
ATOM   911  C  C   . ARG A 1 106 ? 3.921   -3.157  -11.060 1.00 22.43 ? 1350 ARG A C   1 
ATOM   912  O  O   . ARG A 1 106 ? 5.110   -2.995  -10.809 1.00 22.35 ? 1350 ARG A O   1 
ATOM   913  C  CB  . ARG A 1 106 ? 3.044   -5.465  -11.515 1.00 22.49 ? 1350 ARG A CB  1 
ATOM   914  C  CG  . ARG A 1 106 ? 2.522   -6.793  -10.947 1.00 26.91 ? 1350 ARG A CG  1 
ATOM   915  C  CD  . ARG A 1 106 ? 2.516   -7.884  -12.017 1.00 27.98 ? 1350 ARG A CD  1 
ATOM   916  N  NE  . ARG A 1 106 ? 1.957   -9.149  -11.536 1.00 31.47 ? 1350 ARG A NE  1 
ATOM   917  C  CZ  . ARG A 1 106 ? 2.604   -10.020 -10.764 1.00 33.51 ? 1350 ARG A CZ  1 
ATOM   918  N  NH1 . ARG A 1 106 ? 3.847   -9.776  -10.371 1.00 31.48 ? 1350 ARG A NH1 1 
ATOM   919  N  NH2 . ARG A 1 106 ? 2.007   -11.142 -10.386 1.00 35.01 ? 1350 ARG A NH2 1 
ATOM   920  N  N   . PHE A 1 107 ? 3.235   -2.322  -11.835 1.00 21.77 ? 1351 PHE A N   1 
ATOM   921  C  CA  . PHE A 1 107 ? 3.881   -1.160  -12.423 1.00 20.73 ? 1351 PHE A CA  1 
ATOM   922  C  C   . PHE A 1 107 ? 4.336   -0.202  -11.321 1.00 19.14 ? 1351 PHE A C   1 
ATOM   923  O  O   . PHE A 1 107 ? 5.403   0.401   -11.422 1.00 20.15 ? 1351 PHE A O   1 
ATOM   924  C  CB  . PHE A 1 107 ? 2.929   -0.428  -13.370 1.00 23.77 ? 1351 PHE A CB  1 
ATOM   925  C  CG  . PHE A 1 107 ? 3.560   0.747   -14.064 1.00 24.70 ? 1351 PHE A CG  1 
ATOM   926  C  CD1 . PHE A 1 107 ? 4.588   0.560   -14.976 1.00 27.66 ? 1351 PHE A CD1 1 
ATOM   927  C  CD2 . PHE A 1 107 ? 3.130   2.041   -13.801 1.00 26.02 ? 1351 PHE A CD2 1 
ATOM   928  C  CE1 . PHE A 1 107 ? 5.182   1.643   -15.619 1.00 28.43 ? 1351 PHE A CE1 1 
ATOM   929  C  CE2 . PHE A 1 107 ? 3.718   3.135   -14.440 1.00 28.19 ? 1351 PHE A CE2 1 
ATOM   930  C  CZ  . PHE A 1 107 ? 4.747   2.933   -15.350 1.00 27.83 ? 1351 PHE A CZ  1 
ATOM   931  N  N   . VAL A 1 108 ? 3.529   -0.062  -10.273 1.00 20.25 ? 1352 VAL A N   1 
ATOM   932  C  CA  . VAL A 1 108 ? 3.887   0.813   -9.157  1.00 20.26 ? 1352 VAL A CA  1 
ATOM   933  C  C   . VAL A 1 108 ? 5.093   0.225   -8.410  1.00 19.66 ? 1352 VAL A C   1 
ATOM   934  O  O   . VAL A 1 108 ? 5.995   0.956   -8.006  1.00 19.65 ? 1352 VAL A O   1 
ATOM   935  C  CB  . VAL A 1 108 ? 2.695   0.999   -8.178  1.00 21.24 ? 1352 VAL A CB  1 
ATOM   936  C  CG1 . VAL A 1 108 ? 3.146   1.755   -6.926  1.00 18.36 ? 1352 VAL A CG1 1 
ATOM   937  C  CG2 . VAL A 1 108 ? 1.583   1.778   -8.869  1.00 23.40 ? 1352 VAL A CG2 1 
ATOM   938  N  N   . VAL A 1 109 ? 5.105   -1.093  -8.226  1.00 20.40 ? 1353 VAL A N   1 
ATOM   939  C  CA  . VAL A 1 109 ? 6.225   -1.744  -7.541  1.00 20.72 ? 1353 VAL A CA  1 
ATOM   940  C  C   . VAL A 1 109 ? 7.513   -1.537  -8.345  1.00 21.23 ? 1353 VAL A C   1 
ATOM   941  O  O   . VAL A 1 109 ? 8.527   -1.113  -7.795  1.00 21.39 ? 1353 VAL A O   1 
ATOM   942  C  CB  . VAL A 1 109 ? 5.988   -3.271  -7.345  1.00 18.76 ? 1353 VAL A CB  1 
ATOM   943  C  CG1 . VAL A 1 109 ? 7.309   -3.968  -6.961  1.00 18.61 ? 1353 VAL A CG1 1 
ATOM   944  C  CG2 . VAL A 1 109 ? 4.964   -3.500  -6.224  1.00 17.55 ? 1353 VAL A CG2 1 
ATOM   945  N  N   A GLU A 1 110 ? 7.472   -1.831  -9.641  0.50 21.63 ? 1354 GLU A N   1 
ATOM   946  N  N   B GLU A 1 110 ? 7.456   -1.822  -9.644  0.50 21.73 ? 1354 GLU A N   1 
ATOM   947  C  CA  A GLU A 1 110 ? 8.661   -1.660  -10.469 0.50 22.25 ? 1354 GLU A CA  1 
ATOM   948  C  CA  B GLU A 1 110 ? 8.620   -1.658  -10.512 0.50 22.44 ? 1354 GLU A CA  1 
ATOM   949  C  C   A GLU A 1 110 ? 9.089   -0.194  -10.498 0.50 20.98 ? 1354 GLU A C   1 
ATOM   950  C  C   B GLU A 1 110 ? 9.079   -0.203  -10.497 0.50 21.11 ? 1354 GLU A C   1 
ATOM   951  O  O   A GLU A 1 110 ? 10.279  0.112   -10.468 0.50 20.66 ? 1354 GLU A O   1 
ATOM   952  O  O   B GLU A 1 110 ? 10.271  0.084   -10.434 0.50 20.86 ? 1354 GLU A O   1 
ATOM   953  C  CB  A GLU A 1 110 ? 8.407   -2.174  -11.890 0.50 23.72 ? 1354 GLU A CB  1 
ATOM   954  C  CB  B GLU A 1 110 ? 8.286   -2.059  -11.954 0.50 24.14 ? 1354 GLU A CB  1 
ATOM   955  C  CG  A GLU A 1 110 ? 8.002   -3.645  -11.955 0.50 24.94 ? 1354 GLU A CG  1 
ATOM   956  C  CG  B GLU A 1 110 ? 7.647   -3.427  -12.111 0.50 25.80 ? 1354 GLU A CG  1 
ATOM   957  C  CD  A GLU A 1 110 ? 8.949   -4.562  -11.187 0.50 28.06 ? 1354 GLU A CD  1 
ATOM   958  C  CD  B GLU A 1 110 ? 7.296   -3.743  -13.557 0.50 28.55 ? 1354 GLU A CD  1 
ATOM   959  O  OE1 A GLU A 1 110 ? 10.161  -4.560  -11.486 0.50 29.63 ? 1354 GLU A OE1 1 
ATOM   960  O  OE1 B GLU A 1 110 ? 6.804   -2.838  -14.265 0.50 27.32 ? 1354 GLU A OE1 1 
ATOM   961  O  OE2 A GLU A 1 110 ? 8.479   -5.289  -10.284 0.50 27.24 ? 1354 GLU A OE2 1 
ATOM   962  O  OE2 B GLU A 1 110 ? 7.503   -4.898  -13.985 0.50 32.65 ? 1354 GLU A OE2 1 
ATOM   963  N  N   . SER A 1 111 ? 8.120   0.715   -10.547 1.00 21.06 ? 1355 SER A N   1 
ATOM   964  C  CA  . SER A 1 111 ? 8.432   2.146   -10.562 1.00 22.38 ? 1355 SER A CA  1 
ATOM   965  C  C   . SER A 1 111 ? 9.085   2.594   -9.261  1.00 21.30 ? 1355 SER A C   1 
ATOM   966  O  O   . SER A 1 111 ? 9.995   3.434   -9.257  1.00 21.57 ? 1355 SER A O   1 
ATOM   967  C  CB  . SER A 1 111 ? 7.163   2.967   -10.805 1.00 22.09 ? 1355 SER A CB  1 
ATOM   968  O  OG  . SER A 1 111 ? 6.630   2.711   -12.089 1.00 21.01 ? 1355 SER A OG  1 
ATOM   969  N  N   . THR A 1 112 ? 8.616   2.031   -8.156  1.00 20.53 ? 1356 THR A N   1 
ATOM   970  C  CA  . THR A 1 112 ? 9.148   2.366   -6.845  1.00 20.07 ? 1356 THR A CA  1 
ATOM   971  C  C   . THR A 1 112 ? 10.566  1.831   -6.718  1.00 20.69 ? 1356 THR A C   1 
ATOM   972  O  O   . THR A 1 112 ? 11.468  2.539   -6.263  1.00 19.00 ? 1356 THR A O   1 
ATOM   973  C  CB  . THR A 1 112 ? 8.266   1.776   -5.738  1.00 19.98 ? 1356 THR A CB  1 
ATOM   974  O  OG1 . THR A 1 112 ? 6.932   2.280   -5.888  1.00 17.65 ? 1356 THR A OG1 1 
ATOM   975  C  CG2 . THR A 1 112 ? 8.807   2.152   -4.364  1.00 19.49 ? 1356 THR A CG2 1 
ATOM   976  N  N   . LEU A 1 113 ? 10.757  0.583   -7.130  1.00 22.93 ? 1357 LEU A N   1 
ATOM   977  C  CA  . LEU A 1 113 ? 12.070  -0.049  -7.086  1.00 25.71 ? 1357 LEU A CA  1 
ATOM   978  C  C   . LEU A 1 113 ? 13.064  0.796   -7.871  1.00 26.18 ? 1357 LEU A C   1 
ATOM   979  O  O   . LEU A 1 113 ? 14.179  1.040   -7.413  1.00 24.91 ? 1357 LEU A O   1 
ATOM   980  C  CB  . LEU A 1 113 ? 12.006  -1.454  -7.689  1.00 26.82 ? 1357 LEU A CB  1 
ATOM   981  C  CG  . LEU A 1 113 ? 11.352  -2.515  -6.800  1.00 28.73 ? 1357 LEU A CG  1 
ATOM   982  C  CD1 . LEU A 1 113 ? 11.265  -3.841  -7.545  1.00 30.75 ? 1357 LEU A CD1 1 
ATOM   983  C  CD2 . LEU A 1 113 ? 12.173  -2.660  -5.514  1.00 27.96 ? 1357 LEU A CD2 1 
ATOM   984  N  N   . ARG A 1 114 ? 12.650  1.248   -9.052  1.00 26.59 ? 1358 ARG A N   1 
ATOM   985  C  CA  . ARG A 1 114 ? 13.518  2.072   -9.885  1.00 27.48 ? 1358 ARG A CA  1 
ATOM   986  C  C   . ARG A 1 114 ? 13.899  3.370   -9.189  1.00 26.36 ? 1358 ARG A C   1 
ATOM   987  O  O   . ARG A 1 114 ? 15.045  3.812   -9.279  1.00 28.11 ? 1358 ARG A O   1 
ATOM   988  C  CB  . ARG A 1 114 ? 12.855  2.361   -11.234 1.00 31.71 ? 1358 ARG A CB  1 
ATOM   989  C  CG  . ARG A 1 114 ? 13.169  1.307   -12.287 1.00 35.25 ? 1358 ARG A CG  1 
ATOM   990  C  CD  . ARG A 1 114 ? 12.675  1.717   -13.664 1.00 39.07 ? 1358 ARG A CD  1 
ATOM   991  N  NE  . ARG A 1 114 ? 11.272  1.377   -13.875 1.00 42.53 ? 1358 ARG A NE  1 
ATOM   992  C  CZ  . ARG A 1 114 ? 10.822  0.135   -14.023 1.00 44.66 ? 1358 ARG A CZ  1 
ATOM   993  N  NH1 . ARG A 1 114 ? 11.667  -0.888  -13.985 1.00 44.10 ? 1358 ARG A NH1 1 
ATOM   994  N  NH2 . ARG A 1 114 ? 9.526   -0.088  -14.210 1.00 45.01 ? 1358 ARG A NH2 1 
ATOM   995  N  N   . GLU A 1 115 ? 12.955  3.979   -8.483  1.00 23.97 ? 1359 GLU A N   1 
ATOM   996  C  CA  . GLU A 1 115 ? 13.259  5.209   -7.763  1.00 24.92 ? 1359 GLU A CA  1 
ATOM   997  C  C   . GLU A 1 115 ? 14.304  4.952   -6.678  1.00 25.54 ? 1359 GLU A C   1 
ATOM   998  O  O   . GLU A 1 115 ? 15.268  5.708   -6.538  1.00 23.92 ? 1359 GLU A O   1 
ATOM   999  C  CB  . GLU A 1 115 ? 12.002  5.795   -7.121  1.00 25.92 ? 1359 GLU A CB  1 
ATOM   1000 C  CG  . GLU A 1 115 ? 11.127  6.583   -8.079  1.00 29.39 ? 1359 GLU A CG  1 
ATOM   1001 C  CD  . GLU A 1 115 ? 11.900  7.676   -8.792  1.00 33.24 ? 1359 GLU A CD  1 
ATOM   1002 O  OE1 . GLU A 1 115 ? 12.661  8.408   -8.123  1.00 35.00 ? 1359 GLU A OE1 1 
ATOM   1003 O  OE2 . GLU A 1 115 ? 11.743  7.804   -10.020 1.00 34.14 ? 1359 GLU A OE2 1 
ATOM   1004 N  N   . PHE A 1 116 ? 14.109  3.893   -5.900  1.00 24.98 ? 1360 PHE A N   1 
ATOM   1005 C  CA  . PHE A 1 116 ? 15.048  3.572   -4.839  1.00 26.99 ? 1360 PHE A CA  1 
ATOM   1006 C  C   . PHE A 1 116 ? 16.403  3.153   -5.400  1.00 29.52 ? 1360 PHE A C   1 
ATOM   1007 O  O   . PHE A 1 116 ? 17.443  3.541   -4.869  1.00 30.27 ? 1360 PHE A O   1 
ATOM   1008 C  CB  . PHE A 1 116 ? 14.502  2.458   -3.946  1.00 24.57 ? 1360 PHE A CB  1 
ATOM   1009 C  CG  . PHE A 1 116 ? 13.557  2.940   -2.889  1.00 23.77 ? 1360 PHE A CG  1 
ATOM   1010 C  CD1 . PHE A 1 116 ? 12.193  3.045   -3.149  1.00 24.70 ? 1360 PHE A CD1 1 
ATOM   1011 C  CD2 . PHE A 1 116 ? 14.027  3.277   -1.620  1.00 24.18 ? 1360 PHE A CD2 1 
ATOM   1012 C  CE1 . PHE A 1 116 ? 11.314  3.476   -2.159  1.00 22.76 ? 1360 PHE A CE1 1 
ATOM   1013 C  CE2 . PHE A 1 116 ? 13.156  3.709   -0.618  1.00 19.16 ? 1360 PHE A CE2 1 
ATOM   1014 C  CZ  . PHE A 1 116 ? 11.799  3.807   -0.888  1.00 23.03 ? 1360 PHE A CZ  1 
ATOM   1015 N  N   . PHE A 1 117 ? 16.386  2.366   -6.472  1.00 32.20 ? 1361 PHE A N   1 
ATOM   1016 C  CA  . PHE A 1 117 ? 17.619  1.900   -7.100  1.00 35.02 ? 1361 PHE A CA  1 
ATOM   1017 C  C   . PHE A 1 117 ? 18.483  3.073   -7.562  1.00 37.58 ? 1361 PHE A C   1 
ATOM   1018 O  O   . PHE A 1 117 ? 19.682  3.105   -7.289  1.00 36.48 ? 1361 PHE A O   1 
ATOM   1019 C  CB  . PHE A 1 117 ? 17.310  0.998   -8.299  1.00 35.04 ? 1361 PHE A CB  1 
ATOM   1020 C  CG  . PHE A 1 117 ? 18.534  0.351   -8.903  1.00 36.00 ? 1361 PHE A CG  1 
ATOM   1021 C  CD1 . PHE A 1 117 ? 18.996  -0.872  -8.426  1.00 35.61 ? 1361 PHE A CD1 1 
ATOM   1022 C  CD2 . PHE A 1 117 ? 19.229  0.974   -9.936  1.00 34.47 ? 1361 PHE A CD2 1 
ATOM   1023 C  CE1 . PHE A 1 117 ? 20.136  -1.471  -8.971  1.00 39.05 ? 1361 PHE A CE1 1 
ATOM   1024 C  CE2 . PHE A 1 117 ? 20.373  0.389   -10.490 1.00 37.79 ? 1361 PHE A CE2 1 
ATOM   1025 C  CZ  . PHE A 1 117 ? 20.827  -0.839  -10.005 1.00 36.50 ? 1361 PHE A CZ  1 
ATOM   1026 N  N   A ARG A 1 118 ? 17.874  4.029   -8.261  0.50 38.74 ? 1362 ARG A N   1 
ATOM   1027 N  N   B ARG A 1 118 ? 17.878  4.028   -8.265  0.50 38.59 ? 1362 ARG A N   1 
ATOM   1028 C  CA  A ARG A 1 118 ? 18.616  5.191   -8.744  0.50 41.16 ? 1362 ARG A CA  1 
ATOM   1029 C  CA  B ARG A 1 118 ? 18.623  5.188   -8.744  0.50 40.87 ? 1362 ARG A CA  1 
ATOM   1030 C  C   A ARG A 1 118 ? 19.211  5.974   -7.581  0.50 41.29 ? 1362 ARG A C   1 
ATOM   1031 C  C   B ARG A 1 118 ? 19.214  5.971   -7.577  0.50 41.12 ? 1362 ARG A C   1 
ATOM   1032 O  O   A ARG A 1 118 ? 20.384  6.347   -7.610  0.50 40.83 ? 1362 ARG A O   1 
ATOM   1033 O  O   B ARG A 1 118 ? 20.387  6.345   -7.603  0.50 40.69 ? 1362 ARG A O   1 
ATOM   1034 C  CB  A ARG A 1 118 ? 17.715  6.121   -9.566  0.50 42.68 ? 1362 ARG A CB  1 
ATOM   1035 C  CB  B ARG A 1 118 ? 17.726  6.115   -9.572  0.50 42.06 ? 1362 ARG A CB  1 
ATOM   1036 C  CG  A ARG A 1 118 ? 17.182  5.516   -10.855 0.50 46.04 ? 1362 ARG A CG  1 
ATOM   1037 C  CG  B ARG A 1 118 ? 17.303  5.553   -10.922 0.50 44.63 ? 1362 ARG A CG  1 
ATOM   1038 C  CD  A ARG A 1 118 ? 16.865  6.606   -11.877 0.50 47.57 ? 1362 ARG A CD  1 
ATOM   1039 C  CD  B ARG A 1 118 ? 16.685  6.625   -11.829 0.50 45.90 ? 1362 ARG A CD  1 
ATOM   1040 N  NE  A ARG A 1 118 ? 16.052  6.110   -12.984 0.50 49.00 ? 1362 ARG A NE  1 
ATOM   1041 N  NE  B ARG A 1 118 ? 15.600  7.366   -11.186 0.50 45.82 ? 1362 ARG A NE  1 
ATOM   1042 C  CZ  A ARG A 1 118 ? 14.741  5.899   -12.910 0.50 49.37 ? 1362 ARG A CZ  1 
ATOM   1043 C  CZ  B ARG A 1 118 ? 15.778  8.396   -10.361 0.50 47.46 ? 1362 ARG A CZ  1 
ATOM   1044 N  NH1 A ARG A 1 118 ? 14.092  6.145   -11.780 0.50 50.36 ? 1362 ARG A NH1 1 
ATOM   1045 N  NH1 B ARG A 1 118 ? 17.003  8.818   -10.076 0.50 48.17 ? 1362 ARG A NH1 1 
ATOM   1046 N  NH2 A ARG A 1 118 ? 14.079  5.438   -13.963 0.50 50.01 ? 1362 ARG A NH2 1 
ATOM   1047 N  NH2 B ARG A 1 118 ? 14.732  9.002   -9.817  0.50 47.62 ? 1362 ARG A NH2 1 
ATOM   1048 N  N   . ALA A 1 119 ? 18.395  6.218   -6.558  1.00 41.01 ? 1363 ALA A N   1 
ATOM   1049 C  CA  . ALA A 1 119 ? 18.834  6.959   -5.377  1.00 40.99 ? 1363 ALA A CA  1 
ATOM   1050 C  C   . ALA A 1 119 ? 20.012  6.283   -4.674  1.00 41.12 ? 1363 ALA A C   1 
ATOM   1051 O  O   . ALA A 1 119 ? 21.035  6.914   -4.411  1.00 40.17 ? 1363 ALA A O   1 
ATOM   1052 C  CB  . ALA A 1 119 ? 17.670  7.121   -4.402  1.00 40.41 ? 1363 ALA A CB  1 
ATOM   1053 N  N   . ILE A 1 120 ? 19.863  4.995   -4.373  1.00 40.75 ? 1364 ILE A N   1 
ATOM   1054 C  CA  . ILE A 1 120 ? 20.915  4.245   -3.701  1.00 41.23 ? 1364 ILE A CA  1 
ATOM   1055 C  C   . ILE A 1 120 ? 22.172  4.155   -4.565  1.00 43.61 ? 1364 ILE A C   1 
ATOM   1056 O  O   . ILE A 1 120 ? 23.271  4.453   -4.102  1.00 43.54 ? 1364 ILE A O   1 
ATOM   1057 C  CB  . ILE A 1 120 ? 20.443  2.828   -3.357  1.00 40.02 ? 1364 ILE A CB  1 
ATOM   1058 C  CG1 . ILE A 1 120 ? 19.255  2.899   -2.398  1.00 36.99 ? 1364 ILE A CG1 1 
ATOM   1059 C  CG2 . ILE A 1 120 ? 21.576  2.041   -2.730  1.00 41.07 ? 1364 ILE A CG2 1 
ATOM   1060 C  CD1 . ILE A 1 120 ? 18.555  1.582   -2.211  1.00 36.90 ? 1364 ILE A CD1 1 
ATOM   1061 N  N   . GLN A 1 121 ? 22.004  3.747   -5.820  1.00 44.35 ? 1365 GLN A N   1 
ATOM   1062 C  CA  . GLN A 1 121 ? 23.133  3.626   -6.735  1.00 46.50 ? 1365 GLN A CA  1 
ATOM   1063 C  C   . GLN A 1 121 ? 23.833  4.972   -6.913  1.00 46.34 ? 1365 GLN A C   1 
ATOM   1064 O  O   . GLN A 1 121 ? 25.044  5.027   -7.128  1.00 45.81 ? 1365 GLN A O   1 
ATOM   1065 C  CB  . GLN A 1 121 ? 22.664  3.113   -8.096  1.00 48.44 ? 1365 GLN A CB  1 
ATOM   1066 C  CG  . GLN A 1 121 ? 23.785  2.971   -9.115  1.00 52.97 ? 1365 GLN A CG  1 
ATOM   1067 C  CD  . GLN A 1 121 ? 23.278  2.648   -10.506 1.00 55.42 ? 1365 GLN A CD  1 
ATOM   1068 O  OE1 . GLN A 1 121 ? 23.672  1.645   -11.105 1.00 56.29 ? 1365 GLN A OE1 1 
ATOM   1069 N  NE2 . GLN A 1 121 ? 22.401  3.501   -11.031 1.00 56.63 ? 1365 GLN A NE2 1 
ATOM   1070 N  N   . GLY A 1 122 ? 23.062  6.053   -6.828  1.00 46.12 ? 1366 GLY A N   1 
ATOM   1071 C  CA  . GLY A 1 122 ? 23.625  7.381   -6.976  1.00 46.57 ? 1366 GLY A CA  1 
ATOM   1072 C  C   . GLY A 1 122 ? 24.109  7.928   -5.648  1.00 47.75 ? 1366 GLY A C   1 
ATOM   1073 O  O   . GLY A 1 122 ? 24.511  9.088   -5.555  1.00 48.26 ? 1366 GLY A O   1 
ATOM   1074 N  N   . GLY A 1 123 ? 24.063  7.088   -4.618  1.00 47.47 ? 1367 GLY A N   1 
ATOM   1075 C  CA  . GLY A 1 123 ? 24.510  7.497   -3.298  1.00 48.06 ? 1367 GLY A CA  1 
ATOM   1076 C  C   . GLY A 1 123 ? 23.706  8.631   -2.691  1.00 48.82 ? 1367 GLY A C   1 
ATOM   1077 O  O   . GLY A 1 123 ? 24.177  9.316   -1.781  1.00 47.76 ? 1367 GLY A O   1 
ATOM   1078 N  N   . LYS A 1 124 ? 22.488  8.833   -3.188  1.00 48.56 ? 1368 LYS A N   1 
ATOM   1079 C  CA  . LYS A 1 124 ? 21.631  9.898   -2.679  1.00 48.69 ? 1368 LYS A CA  1 
ATOM   1080 C  C   . LYS A 1 124 ? 20.938  9.528   -1.368  1.00 47.02 ? 1368 LYS A C   1 
ATOM   1081 O  O   . LYS A 1 124 ? 20.371  10.393  -0.697  1.00 45.76 ? 1368 LYS A O   1 
ATOM   1082 C  CB  . LYS A 1 124 ? 20.581  10.270  -3.729  1.00 51.46 ? 1368 LYS A CB  1 
ATOM   1083 C  CG  . LYS A 1 124 ? 21.169  10.865  -5.000  1.00 55.40 ? 1368 LYS A CG  1 
ATOM   1084 C  CD  . LYS A 1 124 ? 20.085  11.236  -5.999  1.00 57.56 ? 1368 LYS A CD  1 
ATOM   1085 C  CE  . LYS A 1 124 ? 20.693  11.768  -7.289  1.00 59.91 ? 1368 LYS A CE  1 
ATOM   1086 N  NZ  . LYS A 1 124 ? 19.656  12.097  -8.306  1.00 60.60 ? 1368 LYS A NZ  1 
ATOM   1087 N  N   . ASP A 1 125 ? 20.988  8.252   -0.998  1.00 45.02 ? 1369 ASP A N   1 
ATOM   1088 C  CA  . ASP A 1 125 ? 20.349  7.809   0.236   1.00 44.19 ? 1369 ASP A CA  1 
ATOM   1089 C  C   . ASP A 1 125 ? 21.061  8.320   1.487   1.00 43.77 ? 1369 ASP A C   1 
ATOM   1090 O  O   . ASP A 1 125 ? 20.615  8.069   2.604   1.00 41.91 ? 1369 ASP A O   1 
ATOM   1091 C  CB  . ASP A 1 125 ? 20.246  6.279   0.286   1.00 43.22 ? 1369 ASP A CB  1 
ATOM   1092 C  CG  . ASP A 1 125 ? 21.590  5.590   0.145   1.00 42.07 ? 1369 ASP A CG  1 
ATOM   1093 O  OD1 . ASP A 1 125 ? 21.792  4.554   0.809   1.00 41.64 ? 1369 ASP A OD1 1 
ATOM   1094 O  OD2 . ASP A 1 125 ? 22.435  6.073   -0.636  1.00 40.44 ? 1369 ASP A OD2 1 
ATOM   1095 N  N   . THR A 1 126 ? 22.167  9.032   1.303   1.00 43.98 ? 1370 THR A N   1 
ATOM   1096 C  CA  . THR A 1 126 ? 22.883  9.583   2.447   1.00 44.99 ? 1370 THR A CA  1 
ATOM   1097 C  C   . THR A 1 126 ? 22.483  11.040  2.631   1.00 44.95 ? 1370 THR A C   1 
ATOM   1098 O  O   . THR A 1 126 ? 23.031  11.738  3.482   1.00 45.52 ? 1370 THR A O   1 
ATOM   1099 C  CB  . THR A 1 126 ? 24.419  9.496   2.277   1.00 44.64 ? 1370 THR A CB  1 
ATOM   1100 O  OG1 . THR A 1 126 ? 24.819  10.215  1.106   1.00 45.18 ? 1370 THR A OG1 1 
ATOM   1101 C  CG2 . THR A 1 126 ? 24.862  8.041   2.170   1.00 44.98 ? 1370 THR A CG2 1 
ATOM   1102 N  N   . GLU A 1 127 ? 21.520  11.493  1.828   1.00 44.50 ? 1371 GLU A N   1 
ATOM   1103 C  CA  . GLU A 1 127 ? 21.032  12.867  1.913   1.00 43.68 ? 1371 GLU A CA  1 
ATOM   1104 C  C   . GLU A 1 127 ? 19.757  12.900  2.745   1.00 41.95 ? 1371 GLU A C   1 
ATOM   1105 O  O   . GLU A 1 127 ? 19.058  11.890  2.872   1.00 42.08 ? 1371 GLU A O   1 
ATOM   1106 C  CB  . GLU A 1 127 ? 20.722  13.437  0.523   1.00 44.45 ? 1371 GLU A CB  1 
ATOM   1107 C  CG  . GLU A 1 127 ? 21.834  13.290  -0.499  1.00 48.17 ? 1371 GLU A CG  1 
ATOM   1108 C  CD  . GLU A 1 127 ? 21.523  14.014  -1.799  1.00 49.81 ? 1371 GLU A CD  1 
ATOM   1109 O  OE1 . GLU A 1 127 ? 20.389  13.881  -2.306  1.00 51.67 ? 1371 GLU A OE1 1 
ATOM   1110 O  OE2 . GLU A 1 127 ? 22.415  14.714  -2.323  1.00 52.21 ? 1371 GLU A OE2 1 
ATOM   1111 N  N   . GLN A 1 128 ? 19.458  14.063  3.313   1.00 38.56 ? 1372 GLN A N   1 
ATOM   1112 C  CA  . GLN A 1 128 ? 18.251  14.221  4.110   1.00 36.22 ? 1372 GLN A CA  1 
ATOM   1113 C  C   . GLN A 1 128 ? 17.039  14.313  3.177   1.00 34.21 ? 1372 GLN A C   1 
ATOM   1114 O  O   . GLN A 1 128 ? 17.124  14.898  2.097   1.00 33.92 ? 1372 GLN A O   1 
ATOM   1115 C  CB  . GLN A 1 128 ? 18.362  15.472  4.987   1.00 36.15 ? 1372 GLN A CB  1 
ATOM   1116 C  CG  . GLN A 1 128 ? 19.514  15.406  5.988   1.00 38.47 ? 1372 GLN A CG  1 
ATOM   1117 C  CD  . GLN A 1 128 ? 19.398  14.231  6.953   1.00 38.56 ? 1372 GLN A CD  1 
ATOM   1118 O  OE1 . GLN A 1 128 ? 18.448  14.143  7.730   1.00 37.85 ? 1372 GLN A OE1 1 
ATOM   1119 N  NE2 . GLN A 1 128 ? 20.367  13.322  6.902   1.00 38.91 ? 1372 GLN A NE2 1 
ATOM   1120 N  N   . SER A 1 129 ? 15.922  13.734  3.611   1.00 33.05 ? 1373 SER A N   1 
ATOM   1121 C  CA  . SER A 1 129 ? 14.670  13.684  2.848   1.00 33.42 ? 1373 SER A CA  1 
ATOM   1122 C  C   . SER A 1 129 ? 14.815  13.088  1.442   1.00 33.42 ? 1373 SER A C   1 
ATOM   1123 O  O   . SER A 1 129 ? 14.122  13.503  0.510   1.00 32.81 ? 1373 SER A O   1 
ATOM   1124 C  CB  . SER A 1 129 ? 13.989  15.070  2.758   1.00 35.49 ? 1373 SER A CB  1 
ATOM   1125 O  OG  . SER A 1 129 ? 14.801  16.130  3.223   1.00 33.52 ? 1373 SER A OG  1 
ATOM   1126 N  N   . TRP A 1 130 ? 15.691  12.096  1.299   1.00 30.66 ? 1374 TRP A N   1 
ATOM   1127 C  CA  . TRP A 1 130 ? 15.901  11.458  0.007   1.00 31.74 ? 1374 TRP A CA  1 
ATOM   1128 C  C   . TRP A 1 130 ? 14.704  10.622  -0.425  1.00 30.86 ? 1374 TRP A C   1 
ATOM   1129 O  O   . TRP A 1 130 ? 14.495  10.419  -1.619  1.00 31.86 ? 1374 TRP A O   1 
ATOM   1130 C  CB  . TRP A 1 130 ? 17.149  10.563  0.026   1.00 29.98 ? 1374 TRP A CB  1 
ATOM   1131 C  CG  . TRP A 1 130 ? 17.071  9.371   0.945   1.00 31.00 ? 1374 TRP A CG  1 
ATOM   1132 C  CD1 . TRP A 1 130 ? 17.211  9.371   2.304   1.00 30.77 ? 1374 TRP A CD1 1 
ATOM   1133 C  CD2 . TRP A 1 130 ? 16.898  7.996   0.560   1.00 29.66 ? 1374 TRP A CD2 1 
ATOM   1134 N  NE1 . TRP A 1 130 ? 17.149  8.079   2.787   1.00 31.27 ? 1374 TRP A NE1 1 
ATOM   1135 C  CE2 . TRP A 1 130 ? 16.958  7.218   1.738   1.00 30.29 ? 1374 TRP A CE2 1 
ATOM   1136 C  CE3 . TRP A 1 130 ? 16.707  7.346   -0.667  1.00 30.15 ? 1374 TRP A CE3 1 
ATOM   1137 C  CZ2 . TRP A 1 130 ? 16.831  5.819   1.726   1.00 30.11 ? 1374 TRP A CZ2 1 
ATOM   1138 C  CZ3 . TRP A 1 130 ? 16.580  5.955   -0.680  1.00 30.88 ? 1374 TRP A CZ3 1 
ATOM   1139 C  CH2 . TRP A 1 130 ? 16.648  5.210   0.512   1.00 28.27 ? 1374 TRP A CH2 1 
ATOM   1140 N  N   . LYS A 1 131 ? 13.921  10.148  0.542   1.00 30.34 ? 1375 LYS A N   1 
ATOM   1141 C  CA  . LYS A 1 131 ? 12.753  9.319   0.245   1.00 31.47 ? 1375 LYS A CA  1 
ATOM   1142 C  C   . LYS A 1 131 ? 11.478  10.114  -0.031  1.00 32.40 ? 1375 LYS A C   1 
ATOM   1143 O  O   . LYS A 1 131 ? 10.498  9.561   -0.529  1.00 32.35 ? 1375 LYS A O   1 
ATOM   1144 C  CB  . LYS A 1 131 ? 12.494  8.332   1.392   1.00 29.45 ? 1375 LYS A CB  1 
ATOM   1145 C  CG  . LYS A 1 131 ? 13.535  7.228   1.499   1.00 28.81 ? 1375 LYS A CG  1 
ATOM   1146 C  CD  . LYS A 1 131 ? 13.175  6.189   2.557   1.00 27.89 ? 1375 LYS A CD  1 
ATOM   1147 C  CE  . LYS A 1 131 ? 13.176  6.782   3.959   1.00 29.56 ? 1375 LYS A CE  1 
ATOM   1148 N  NZ  . LYS A 1 131 ? 12.808  5.763   4.981   1.00 31.29 ? 1375 LYS A NZ  1 
ATOM   1149 N  N   A LYS A 1 132 ? 11.500  11.405  0.287   0.50 32.53 ? 1376 LYS A N   1 
ATOM   1150 N  N   B LYS A 1 132 ? 11.493  11.407  0.286   0.50 32.32 ? 1376 LYS A N   1 
ATOM   1151 C  CA  A LYS A 1 132 ? 10.342  12.269  0.075   0.50 32.12 ? 1376 LYS A CA  1 
ATOM   1152 C  CA  B LYS A 1 132 ? 10.322  12.253  0.074   0.50 31.74 ? 1376 LYS A CA  1 
ATOM   1153 C  C   A LYS A 1 132 ? 9.976   12.407  -1.394  0.50 31.86 ? 1376 LYS A C   1 
ATOM   1154 C  C   B LYS A 1 132 ? 9.972   12.404  -1.399  0.50 31.64 ? 1376 LYS A C   1 
ATOM   1155 O  O   A LYS A 1 132 ? 8.803   12.332  -1.756  0.50 32.58 ? 1376 LYS A O   1 
ATOM   1156 O  O   B LYS A 1 132 ? 8.800   12.336  -1.771  0.50 32.41 ? 1376 LYS A O   1 
ATOM   1157 C  CB  A LYS A 1 132 ? 10.601  13.657  0.665   0.50 32.99 ? 1376 LYS A CB  1 
ATOM   1158 C  CB  B LYS A 1 132 ? 10.540  13.638  0.692   0.50 32.05 ? 1376 LYS A CB  1 
ATOM   1159 C  CG  A LYS A 1 132 ? 10.606  13.694  2.182   0.50 32.72 ? 1376 LYS A CG  1 
ATOM   1160 C  CG  B LYS A 1 132 ? 10.880  13.615  2.176   0.50 31.29 ? 1376 LYS A CG  1 
ATOM   1161 C  CD  A LYS A 1 132 ? 9.244   13.328  2.737   0.50 34.71 ? 1376 LYS A CD  1 
ATOM   1162 C  CD  B LYS A 1 132 ? 9.846   12.853  2.989   0.50 30.99 ? 1376 LYS A CD  1 
ATOM   1163 C  CE  A LYS A 1 132 ? 9.210   13.460  4.250   0.50 35.17 ? 1376 LYS A CE  1 
ATOM   1164 C  CE  B LYS A 1 132 ? 10.244  12.797  4.460   0.50 30.77 ? 1376 LYS A CE  1 
ATOM   1165 N  NZ  A LYS A 1 132 ? 7.838   13.245  4.785   0.50 35.51 ? 1376 LYS A NZ  1 
ATOM   1166 N  NZ  B LYS A 1 132 ? 9.301   11.980  5.276   0.50 29.02 ? 1376 LYS A NZ  1 
ATOM   1167 N  N   . SER A 1 133 ? 10.982  12.613  -2.239  1.00 30.61 ? 1377 SER A N   1 
ATOM   1168 C  CA  . SER A 1 133 ? 10.748  12.763  -3.666  1.00 31.88 ? 1377 SER A CA  1 
ATOM   1169 C  C   . SER A 1 133 ? 10.107  11.489  -4.204  1.00 30.30 ? 1377 SER A C   1 
ATOM   1170 O  O   . SER A 1 133 ? 9.280   11.542  -5.107  1.00 31.13 ? 1377 SER A O   1 
ATOM   1171 C  CB  . SER A 1 133 ? 12.060  13.052  -4.413  1.00 32.85 ? 1377 SER A CB  1 
ATOM   1172 O  OG  . SER A 1 133 ? 12.948  11.948  -4.368  1.00 37.45 ? 1377 SER A OG  1 
ATOM   1173 N  N   . ILE A 1 134 ? 10.481  10.345  -3.634  1.00 28.63 ? 1378 ILE A N   1 
ATOM   1174 C  CA  . ILE A 1 134 ? 9.932   9.063   -4.068  1.00 26.72 ? 1378 ILE A CA  1 
ATOM   1175 C  C   . ILE A 1 134 ? 8.461   8.943   -3.661  1.00 24.18 ? 1378 ILE A C   1 
ATOM   1176 O  O   . ILE A 1 134 ? 7.620   8.592   -4.483  1.00 27.60 ? 1378 ILE A O   1 
ATOM   1177 C  CB  . ILE A 1 134 ? 10.738  7.879   -3.472  1.00 28.21 ? 1378 ILE A CB  1 
ATOM   1178 C  CG1 . ILE A 1 134 ? 12.218  8.019   -3.852  1.00 26.71 ? 1378 ILE A CG1 1 
ATOM   1179 C  CG2 . ILE A 1 134 ? 10.190  6.544   -4.000  1.00 26.90 ? 1378 ILE A CG2 1 
ATOM   1180 C  CD1 . ILE A 1 134 ? 13.099  6.873   -3.342  1.00 29.35 ? 1378 ILE A CD1 1 
ATOM   1181 N  N   . TYR A 1 135 ? 8.155   9.242   -2.399  1.00 24.41 ? 1379 TYR A N   1 
ATOM   1182 C  CA  . TYR A 1 135 ? 6.783   9.187   -1.898  1.00 26.35 ? 1379 TYR A CA  1 
ATOM   1183 C  C   . TYR A 1 135 ? 5.866   10.045  -2.778  1.00 28.83 ? 1379 TYR A C   1 
ATOM   1184 O  O   . TYR A 1 135 ? 4.768   9.625   -3.143  1.00 28.13 ? 1379 TYR A O   1 
ATOM   1185 C  CB  . TYR A 1 135 ? 6.707   9.718   -0.466  1.00 27.58 ? 1379 TYR A CB  1 
ATOM   1186 C  CG  . TYR A 1 135 ? 7.467   8.930   0.584   1.00 30.39 ? 1379 TYR A CG  1 
ATOM   1187 C  CD1 . TYR A 1 135 ? 7.743   9.501   1.828   1.00 30.98 ? 1379 TYR A CD1 1 
ATOM   1188 C  CD2 . TYR A 1 135 ? 7.895   7.618   0.352   1.00 28.98 ? 1379 TYR A CD2 1 
ATOM   1189 C  CE1 . TYR A 1 135 ? 8.420   8.795   2.818   1.00 32.61 ? 1379 TYR A CE1 1 
ATOM   1190 C  CE2 . TYR A 1 135 ? 8.577   6.899   1.341   1.00 30.43 ? 1379 TYR A CE2 1 
ATOM   1191 C  CZ  . TYR A 1 135 ? 8.833   7.499   2.572   1.00 31.95 ? 1379 TYR A CZ  1 
ATOM   1192 O  OH  . TYR A 1 135 ? 9.489   6.814   3.570   1.00 32.85 ? 1379 TYR A OH  1 
ATOM   1193 N  N   . LYS A 1 136 ? 6.322   11.255  -3.099  1.00 28.18 ? 1380 LYS A N   1 
ATOM   1194 C  CA  . LYS A 1 136 ? 5.562   12.179  -3.938  1.00 29.99 ? 1380 LYS A CA  1 
ATOM   1195 C  C   . LYS A 1 136 ? 5.171   11.516  -5.245  1.00 29.27 ? 1380 LYS A C   1 
ATOM   1196 O  O   . LYS A 1 136 ? 4.020   11.576  -5.673  1.00 31.19 ? 1380 LYS A O   1 
ATOM   1197 C  CB  . LYS A 1 136 ? 6.394   13.424  -4.256  1.00 31.74 ? 1380 LYS A CB  1 
ATOM   1198 C  CG  . LYS A 1 136 ? 6.732   14.286  -3.059  1.00 36.41 ? 1380 LYS A CG  1 
ATOM   1199 C  CD  . LYS A 1 136 ? 7.529   15.513  -3.502  1.00 42.50 ? 1380 LYS A CD  1 
ATOM   1200 C  CE  . LYS A 1 136 ? 7.691   16.521  -2.376  1.00 43.94 ? 1380 LYS A CE  1 
ATOM   1201 N  NZ  . LYS A 1 136 ? 8.349   17.775  -2.853  1.00 46.74 ? 1380 LYS A NZ  1 
ATOM   1202 N  N   . ILE A 1 137 ? 6.147   10.886  -5.881  1.00 27.77 ? 1381 ILE A N   1 
ATOM   1203 C  CA  . ILE A 1 137 ? 5.923   10.208  -7.145  1.00 26.65 ? 1381 ILE A CA  1 
ATOM   1204 C  C   . ILE A 1 137 ? 4.921   9.054   -7.002  1.00 24.36 ? 1381 ILE A C   1 
ATOM   1205 O  O   . ILE A 1 137 ? 4.000   8.912   -7.810  1.00 23.06 ? 1381 ILE A O   1 
ATOM   1206 C  CB  . ILE A 1 137 ? 7.256   9.660   -7.693  1.00 28.52 ? 1381 ILE A CB  1 
ATOM   1207 C  CG1 . ILE A 1 137 ? 8.239   10.816  -7.894  1.00 33.73 ? 1381 ILE A CG1 1 
ATOM   1208 C  CG2 . ILE A 1 137 ? 7.021   8.897   -8.984  1.00 27.13 ? 1381 ILE A CG2 1 
ATOM   1209 C  CD1 . ILE A 1 137 ? 9.640   10.375  -8.300  1.00 35.09 ? 1381 ILE A CD1 1 
ATOM   1210 N  N   . ILE A 1 138 ? 5.097   8.236   -5.970  1.00 21.76 ? 1382 ILE A N   1 
ATOM   1211 C  CA  . ILE A 1 138 ? 4.209   7.091   -5.763  1.00 20.86 ? 1382 ILE A CA  1 
ATOM   1212 C  C   . ILE A 1 138 ? 2.792   7.476   -5.331  1.00 20.37 ? 1382 ILE A C   1 
ATOM   1213 O  O   . ILE A 1 138 ? 1.824   6.794   -5.685  1.00 18.80 ? 1382 ILE A O   1 
ATOM   1214 C  CB  . ILE A 1 138 ? 4.810   6.105   -4.722  1.00 21.52 ? 1382 ILE A CB  1 
ATOM   1215 C  CG1 . ILE A 1 138 ? 6.233   5.714   -5.143  1.00 21.61 ? 1382 ILE A CG1 1 
ATOM   1216 C  CG2 . ILE A 1 138 ? 3.929   4.857   -4.597  1.00 20.95 ? 1382 ILE A CG2 1 
ATOM   1217 C  CD1 . ILE A 1 138 ? 6.337   5.225   -6.591  1.00 20.79 ? 1382 ILE A CD1 1 
ATOM   1218 N  N   . SER A 1 139 ? 2.663   8.568   -4.583  1.00 20.99 ? 1383 SER A N   1 
ATOM   1219 C  CA  . SER A 1 139 ? 1.353   8.997   -4.114  1.00 21.69 ? 1383 SER A CA  1 
ATOM   1220 C  C   . SER A 1 139 ? 0.432   9.401   -5.259  1.00 22.77 ? 1383 SER A C   1 
ATOM   1221 O  O   . SER A 1 139 ? -0.781  9.485   -5.082  1.00 23.78 ? 1383 SER A O   1 
ATOM   1222 C  CB  . SER A 1 139 ? 1.487   10.160  -3.115  1.00 22.38 ? 1383 SER A CB  1 
ATOM   1223 O  OG  . SER A 1 139 ? 1.954   11.335  -3.755  1.00 23.30 ? 1383 SER A OG  1 
ATOM   1224 N  N   A ARG A 1 140 ? 1.004   9.650   -6.436  0.50 22.94 ? 1384 ARG A N   1 
ATOM   1225 N  N   B ARG A 1 140 ? 1.016   9.640   -6.428  0.50 23.38 ? 1384 ARG A N   1 
ATOM   1226 C  CA  A ARG A 1 140 ? 0.214   10.043  -7.605  0.50 24.05 ? 1384 ARG A CA  1 
ATOM   1227 C  CA  B ARG A 1 140 ? 0.244   10.037  -7.596  0.50 24.81 ? 1384 ARG A CA  1 
ATOM   1228 C  C   A ARG A 1 140 ? -0.243  8.827   -8.405  0.50 24.01 ? 1384 ARG A C   1 
ATOM   1229 C  C   B ARG A 1 140 ? -0.158  8.842   -8.454  0.50 24.52 ? 1384 ARG A C   1 
ATOM   1230 O  O   A ARG A 1 140 ? -1.012  8.957   -9.359  0.50 22.85 ? 1384 ARG A O   1 
ATOM   1231 O  O   B ARG A 1 140 ? -0.808  8.999   -9.488  0.50 23.44 ? 1384 ARG A O   1 
ATOM   1232 C  CB  A ARG A 1 140 ? 1.045   10.917  -8.547  0.50 26.16 ? 1384 ARG A CB  1 
ATOM   1233 C  CB  B ARG A 1 140 ? 1.052   11.032  -8.430  0.50 28.03 ? 1384 ARG A CB  1 
ATOM   1234 C  CG  A ARG A 1 140 ? 1.639   12.165  -7.936  0.50 29.33 ? 1384 ARG A CG  1 
ATOM   1235 C  CG  B ARG A 1 140 ? 1.391   12.306  -7.670  0.50 31.68 ? 1384 ARG A CG  1 
ATOM   1236 C  CD  A ARG A 1 140 ? 2.708   12.710  -8.864  0.50 33.01 ? 1384 ARG A CD  1 
ATOM   1237 C  CD  B ARG A 1 140 ? 1.118   13.530  -8.521  0.50 36.34 ? 1384 ARG A CD  1 
ATOM   1238 N  NE  A ARG A 1 140 ? 3.462   13.804  -8.264  0.50 36.04 ? 1384 ARG A NE  1 
ATOM   1239 N  NE  B ARG A 1 140 ? 0.280   13.186  -9.665  0.50 41.24 ? 1384 ARG A NE  1 
ATOM   1240 C  CZ  A ARG A 1 140 ? 4.691   14.144  -8.633  0.50 36.22 ? 1384 ARG A CZ  1 
ATOM   1241 C  CZ  B ARG A 1 140 ? -0.180  14.058  -10.556 0.50 42.55 ? 1384 ARG A CZ  1 
ATOM   1242 N  NH1 A ARG A 1 140 ? 5.305   13.473  -9.598  0.50 37.96 ? 1384 ARG A NH1 1 
ATOM   1243 N  NH1 B ARG A 1 140 ? 0.107   15.348  -10.442 0.50 44.18 ? 1384 ARG A NH1 1 
ATOM   1244 N  NH2 A ARG A 1 140 ? 5.306   15.155  -8.037  0.50 39.88 ? 1384 ARG A NH2 1 
ATOM   1245 N  NH2 B ARG A 1 140 ? -0.914  13.634  -11.575 0.50 45.06 ? 1384 ARG A NH2 1 
HETATM 1246 N  N   . MSE A 1 141 ? 0.227   7.647   -8.017  1.00 23.44 ? 1385 MSE A N   1 
HETATM 1247 C  CA  . MSE A 1 141 ? -0.094  6.422   -8.751  1.00 20.98 ? 1385 MSE A CA  1 
HETATM 1248 C  C   . MSE A 1 141 ? -1.214  5.540   -8.225  1.00 18.90 ? 1385 MSE A C   1 
HETATM 1249 O  O   . MSE A 1 141 ? -1.312  4.362   -8.581  1.00 16.62 ? 1385 MSE A O   1 
HETATM 1250 C  CB  . MSE A 1 141 ? 1.182   5.602   -8.900  1.00 21.33 ? 1385 MSE A CB  1 
HETATM 1251 C  CG  . MSE A 1 141 ? 2.336   6.430   -9.465  1.00 24.28 ? 1385 MSE A CG  1 
HETATM 1252 SE SE  . MSE A 1 141 ? 3.973   5.428   -9.694  1.00 30.93 ? 1385 MSE A SE  1 
HETATM 1253 C  CE  . MSE A 1 141 ? 3.546   4.583   -11.377 1.00 23.50 ? 1385 MSE A CE  1 
ATOM   1254 N  N   . ASP A 1 142 ? -2.079  6.095   -7.391  1.00 18.61 ? 1386 ASP A N   1 
ATOM   1255 C  CA  . ASP A 1 142 ? -3.179  5.292   -6.877  1.00 20.35 ? 1386 ASP A CA  1 
ATOM   1256 C  C   . ASP A 1 142 ? -4.139  4.987   -8.012  1.00 22.75 ? 1386 ASP A C   1 
ATOM   1257 O  O   . ASP A 1 142 ? -4.304  5.787   -8.946  1.00 21.44 ? 1386 ASP A O   1 
ATOM   1258 C  CB  . ASP A 1 142 ? -3.912  6.018   -5.751  1.00 22.17 ? 1386 ASP A CB  1 
ATOM   1259 C  CG  . ASP A 1 142 ? -3.282  5.772   -4.396  1.00 23.53 ? 1386 ASP A CG  1 
ATOM   1260 O  OD1 . ASP A 1 142 ? -2.165  5.208   -4.355  1.00 20.84 ? 1386 ASP A OD1 1 
ATOM   1261 O  OD2 . ASP A 1 142 ? -3.903  6.141   -3.376  1.00 21.74 ? 1386 ASP A OD2 1 
ATOM   1262 N  N   . ASP A 1 143 ? -4.748  3.811   -7.933  1.00 24.10 ? 1387 ASP A N   1 
ATOM   1263 C  CA  . ASP A 1 143 ? -5.706  3.347   -8.926  1.00 27.09 ? 1387 ASP A CA  1 
ATOM   1264 C  C   . ASP A 1 143 ? -7.095  3.346   -8.299  1.00 26.55 ? 1387 ASP A C   1 
ATOM   1265 O  O   . ASP A 1 143 ? -7.235  3.222   -7.077  1.00 27.34 ? 1387 ASP A O   1 
ATOM   1266 C  CB  . ASP A 1 143 ? -5.337  1.924   -9.353  1.00 31.45 ? 1387 ASP A CB  1 
ATOM   1267 C  CG  . ASP A 1 143 ? -5.289  1.757   -10.852 1.00 37.31 ? 1387 ASP A CG  1 
ATOM   1268 O  OD1 . ASP A 1 143 ? -4.722  2.641   -11.524 1.00 39.85 ? 1387 ASP A OD1 1 
ATOM   1269 O  OD2 . ASP A 1 143 ? -5.805  0.734   -11.353 1.00 42.37 ? 1387 ASP A OD2 1 
ATOM   1270 N  N   . PRO A 1 144 ? -8.146  3.519   -9.117  1.00 24.69 ? 1388 PRO A N   1 
ATOM   1271 C  CA  . PRO A 1 144 ? -9.483  3.505   -8.522  1.00 23.97 ? 1388 PRO A CA  1 
ATOM   1272 C  C   . PRO A 1 144 ? -9.747  2.112   -7.941  1.00 22.42 ? 1388 PRO A C   1 
ATOM   1273 O  O   . PRO A 1 144 ? -9.388  1.105   -8.550  1.00 22.06 ? 1388 PRO A O   1 
ATOM   1274 C  CB  . PRO A 1 144 ? -10.393 3.815   -9.709  1.00 26.56 ? 1388 PRO A CB  1 
ATOM   1275 C  CG  . PRO A 1 144 ? -9.526  4.682   -10.584 1.00 26.86 ? 1388 PRO A CG  1 
ATOM   1276 C  CD  . PRO A 1 144 ? -8.190  3.973   -10.518 1.00 25.21 ? 1388 PRO A CD  1 
ATOM   1277 N  N   . VAL A 1 145 ? -10.358 2.055   -6.763  1.00 21.38 ? 1389 VAL A N   1 
ATOM   1278 C  CA  . VAL A 1 145 ? -10.660 0.776   -6.128  1.00 23.99 ? 1389 VAL A CA  1 
ATOM   1279 C  C   . VAL A 1 145 ? -11.826 0.136   -6.873  1.00 23.89 ? 1389 VAL A C   1 
ATOM   1280 O  O   . VAL A 1 145 ? -12.812 0.805   -7.162  1.00 25.01 ? 1389 VAL A O   1 
ATOM   1281 C  CB  . VAL A 1 145 ? -11.033 0.982   -4.642  1.00 25.07 ? 1389 VAL A CB  1 
ATOM   1282 C  CG1 . VAL A 1 145 ? -11.394 -0.348  -3.988  1.00 22.78 ? 1389 VAL A CG1 1 
ATOM   1283 C  CG2 . VAL A 1 145 ? -9.867  1.635   -3.919  1.00 24.53 ? 1389 VAL A CG2 1 
ATOM   1284 N  N   . PRO A 1 146 ? -11.722 -1.163  -7.211  1.00 24.87 ? 1390 PRO A N   1 
ATOM   1285 C  CA  . PRO A 1 146 ? -12.818 -1.816  -7.934  1.00 27.01 ? 1390 PRO A CA  1 
ATOM   1286 C  C   . PRO A 1 146 ? -14.140 -1.695  -7.193  1.00 27.76 ? 1390 PRO A C   1 
ATOM   1287 O  O   . PRO A 1 146 ? -14.196 -1.873  -5.975  1.00 27.27 ? 1390 PRO A O   1 
ATOM   1288 C  CB  . PRO A 1 146 ? -12.348 -3.266  -8.042  1.00 26.64 ? 1390 PRO A CB  1 
ATOM   1289 C  CG  . PRO A 1 146 ? -10.868 -3.130  -8.097  1.00 26.20 ? 1390 PRO A CG  1 
ATOM   1290 C  CD  . PRO A 1 146 ? -10.594 -2.093  -7.032  1.00 24.54 ? 1390 PRO A CD  1 
ATOM   1291 N  N   . GLU A 1 147 ? -15.198 -1.388  -7.937  1.00 28.63 ? 1391 GLU A N   1 
ATOM   1292 C  CA  . GLU A 1 147 ? -16.525 -1.244  -7.353  1.00 30.52 ? 1391 GLU A CA  1 
ATOM   1293 C  C   . GLU A 1 147 ? -16.933 -2.445  -6.517  1.00 29.51 ? 1391 GLU A C   1 
ATOM   1294 O  O   . GLU A 1 147 ? -17.614 -2.288  -5.505  1.00 28.63 ? 1391 GLU A O   1 
ATOM   1295 C  CB  . GLU A 1 147 ? -17.581 -1.017  -8.446  1.00 33.04 ? 1391 GLU A CB  1 
ATOM   1296 C  CG  . GLU A 1 147 ? -17.504 0.340   -9.130  1.00 35.40 ? 1391 GLU A CG  1 
ATOM   1297 C  CD  . GLU A 1 147 ? -17.654 1.497   -8.157  1.00 37.46 ? 1391 GLU A CD  1 
ATOM   1298 O  OE1 . GLU A 1 147 ? -18.650 1.529   -7.400  1.00 40.80 ? 1391 GLU A OE1 1 
ATOM   1299 O  OE2 . GLU A 1 147 ? -16.772 2.381   -8.157  1.00 39.76 ? 1391 GLU A OE2 1 
ATOM   1300 N  N   . TYR A 1 148 ? -16.515 -3.642  -6.923  1.00 30.24 ? 1392 TYR A N   1 
ATOM   1301 C  CA  . TYR A 1 148 ? -16.902 -4.832  -6.173  1.00 31.89 ? 1392 TYR A CA  1 
ATOM   1302 C  C   . TYR A 1 148 ? -16.488 -4.786  -4.704  1.00 31.07 ? 1392 TYR A C   1 
ATOM   1303 O  O   . TYR A 1 148 ? -17.069 -5.485  -3.876  1.00 32.39 ? 1392 TYR A O   1 
ATOM   1304 C  CB  . TYR A 1 148 ? -16.391 -6.114  -6.860  1.00 34.70 ? 1392 TYR A CB  1 
ATOM   1305 C  CG  . TYR A 1 148 ? -14.888 -6.308  -6.932  1.00 37.17 ? 1392 TYR A CG  1 
ATOM   1306 C  CD1 . TYR A 1 148 ? -14.148 -6.615  -5.791  1.00 39.28 ? 1392 TYR A CD1 1 
ATOM   1307 C  CD2 . TYR A 1 148 ? -14.216 -6.244  -8.154  1.00 39.11 ? 1392 TYR A CD2 1 
ATOM   1308 C  CE1 . TYR A 1 148 ? -12.776 -6.860  -5.866  1.00 41.41 ? 1392 TYR A CE1 1 
ATOM   1309 C  CE2 . TYR A 1 148 ? -12.842 -6.488  -8.239  1.00 39.61 ? 1392 TYR A CE2 1 
ATOM   1310 C  CZ  . TYR A 1 148 ? -12.132 -6.796  -7.091  1.00 41.04 ? 1392 TYR A CZ  1 
ATOM   1311 O  OH  . TYR A 1 148 ? -10.781 -7.053  -7.164  1.00 44.85 ? 1392 TYR A OH  1 
ATOM   1312 N  N   . PHE A 1 149 ? -15.508 -3.954  -4.364  1.00 30.36 ? 1393 PHE A N   1 
ATOM   1313 C  CA  . PHE A 1 149 ? -15.096 -3.849  -2.965  1.00 29.98 ? 1393 PHE A CA  1 
ATOM   1314 C  C   . PHE A 1 149 ? -16.216 -3.264  -2.107  1.00 30.49 ? 1393 PHE A C   1 
ATOM   1315 O  O   . PHE A 1 149 ? -16.224 -3.430  -0.888  1.00 32.85 ? 1393 PHE A O   1 
ATOM   1316 C  CB  . PHE A 1 149 ? -13.842 -2.980  -2.808  1.00 28.65 ? 1393 PHE A CB  1 
ATOM   1317 C  CG  . PHE A 1 149 ? -12.550 -3.747  -2.917  1.00 31.30 ? 1393 PHE A CG  1 
ATOM   1318 C  CD1 . PHE A 1 149 ? -11.941 -3.950  -4.153  1.00 30.37 ? 1393 PHE A CD1 1 
ATOM   1319 C  CD2 . PHE A 1 149 ? -11.942 -4.269  -1.778  1.00 31.79 ? 1393 PHE A CD2 1 
ATOM   1320 C  CE1 . PHE A 1 149 ? -10.743 -4.661  -4.254  1.00 31.75 ? 1393 PHE A CE1 1 
ATOM   1321 C  CE2 . PHE A 1 149 ? -10.742 -4.985  -1.867  1.00 32.69 ? 1393 PHE A CE2 1 
ATOM   1322 C  CZ  . PHE A 1 149 ? -10.140 -5.182  -3.107  1.00 31.72 ? 1393 PHE A CZ  1 
ATOM   1323 N  N   . LYS A 1 150 ? -17.162 -2.580  -2.739  1.00 31.61 ? 1394 LYS A N   1 
ATOM   1324 C  CA  . LYS A 1 150 ? -18.276 -1.985  -2.007  1.00 33.17 ? 1394 LYS A CA  1 
ATOM   1325 C  C   . LYS A 1 150 ? -19.337 -3.005  -1.589  1.00 34.44 ? 1394 LYS A C   1 
ATOM   1326 O  O   . LYS A 1 150 ? -20.124 -2.745  -0.685  1.00 32.56 ? 1394 LYS A O   1 
ATOM   1327 C  CB  . LYS A 1 150 ? -18.939 -0.892  -2.845  1.00 33.89 ? 1394 LYS A CB  1 
ATOM   1328 C  CG  . LYS A 1 150 ? -18.073 0.329   -3.070  1.00 33.41 ? 1394 LYS A CG  1 
ATOM   1329 C  CD  . LYS A 1 150 ? -18.778 1.346   -3.953  1.00 34.57 ? 1394 LYS A CD  1 
ATOM   1330 C  CE  . LYS A 1 150 ? -17.917 2.589   -4.140  1.00 35.94 ? 1394 LYS A CE  1 
ATOM   1331 N  NZ  . LYS A 1 150 ? -18.517 3.557   -5.104  1.00 34.39 ? 1394 LYS A NZ  1 
ATOM   1332 N  N   A SER A 1 151 ? -19.350 -4.161  -2.246  0.50 35.47 ? 1395 SER A N   1 
ATOM   1333 N  N   B SER A 1 151 ? -19.353 -4.160  -2.250  0.50 34.77 ? 1395 SER A N   1 
ATOM   1334 C  CA  A SER A 1 151 ? -20.326 -5.199  -1.931  0.50 37.93 ? 1395 SER A CA  1 
ATOM   1335 C  CA  B SER A 1 151 ? -20.330 -5.199  -1.938  0.50 36.62 ? 1395 SER A CA  1 
ATOM   1336 C  C   A SER A 1 151 ? -20.007 -5.934  -0.635  0.50 39.02 ? 1395 SER A C   1 
ATOM   1337 C  C   B SER A 1 151 ? -20.009 -5.938  -0.641  0.50 38.33 ? 1395 SER A C   1 
ATOM   1338 O  O   A SER A 1 151 ? -18.859 -6.296  -0.383  0.50 39.17 ? 1395 SER A O   1 
ATOM   1339 O  O   B SER A 1 151 ? -18.861 -6.304  -0.394  0.50 38.50 ? 1395 SER A O   1 
ATOM   1340 C  CB  A SER A 1 151 ? -20.413 -6.209  -3.077  0.50 37.97 ? 1395 SER A CB  1 
ATOM   1341 C  CB  B SER A 1 151 ? -20.421 -6.202  -3.093  0.50 35.57 ? 1395 SER A CB  1 
ATOM   1342 O  OG  A SER A 1 151 ? -20.900 -5.594  -4.256  0.50 39.79 ? 1395 SER A OG  1 
ATOM   1343 O  OG  B SER A 1 151 ? -19.159 -6.784  -3.377  0.50 33.55 ? 1395 SER A OG  1 
ATOM   1344 N  N   . PRO A 1 152 ? -21.028 -6.162  0.208   1.00 40.05 ? 1396 PRO A N   1 
ATOM   1345 C  CA  . PRO A 1 152 ? -20.865 -6.862  1.489   1.00 42.15 ? 1396 PRO A CA  1 
ATOM   1346 C  C   . PRO A 1 152 ? -20.358 -8.289  1.276   1.00 44.31 ? 1396 PRO A C   1 
ATOM   1347 O  O   . PRO A 1 152 ? -19.495 -8.738  2.060   1.00 46.26 ? 1396 PRO A O   1 
ATOM   1348 C  CB  . PRO A 1 152 ? -22.275 -6.836  2.081   1.00 43.79 ? 1396 PRO A CB  1 
ATOM   1349 C  CG  . PRO A 1 152 ? -22.881 -5.601  1.475   1.00 42.11 ? 1396 PRO A CG  1 
ATOM   1350 C  CD  . PRO A 1 152 ? -22.417 -5.697  0.047   1.00 40.62 ? 1396 PRO A CD  1 
ATOM   1351 O  OXT . PRO A 1 152 ? -20.844 -8.946  0.330   1.00 45.16 ? 1396 PRO A OXT 1 
HETATM 1352 O  O   . HOH B 2 .   ? -3.747  -1.713  -9.191  1.00 17.51 ? 1    HOH A O   1 
HETATM 1353 O  O   . HOH B 2 .   ? 0.226   4.493   -5.549  1.00 22.33 ? 2    HOH A O   1 
HETATM 1354 O  O   . HOH B 2 .   ? -7.773  -9.557  9.917   1.00 22.27 ? 4    HOH A O   1 
HETATM 1355 O  O   . HOH B 2 .   ? 13.567  10.739  3.675   1.00 22.94 ? 6    HOH A O   1 
HETATM 1356 O  O   . HOH B 2 .   ? -5.660  -9.382  7.731   1.00 26.87 ? 7    HOH A O   1 
HETATM 1357 O  O   . HOH B 2 .   ? -6.304  7.122   -3.999  1.00 20.37 ? 8    HOH A O   1 
HETATM 1358 O  O   . HOH B 2 .   ? -6.335  -13.041 0.103   1.00 34.99 ? 9    HOH A O   1 
HETATM 1359 O  O   . HOH B 2 .   ? -16.611 -3.181  4.601   1.00 34.45 ? 10   HOH A O   1 
HETATM 1360 O  O   . HOH B 2 .   ? 3.417   -2.388  8.745   1.00 25.84 ? 12   HOH A O   1 
HETATM 1361 O  O   . HOH B 2 .   ? 3.799   9.962   -10.273 1.00 24.32 ? 13   HOH A O   1 
HETATM 1362 O  O   . HOH B 2 .   ? -4.576  -3.326  -13.190 1.00 37.13 ? 14   HOH A O   1 
HETATM 1363 O  O   . HOH B 2 .   ? -5.899  -9.253  2.884   1.00 22.21 ? 15   HOH A O   1 
HETATM 1364 O  O   . HOH B 2 .   ? -6.946  -8.293  -9.695  1.00 29.77 ? 17   HOH A O   1 
HETATM 1365 O  O   . HOH B 2 .   ? 15.508  4.242   5.050   1.00 27.57 ? 18   HOH A O   1 
HETATM 1366 O  O   . HOH B 2 .   ? 14.606  -1.645  4.060   1.00 25.43 ? 19   HOH A O   1 
HETATM 1367 O  O   . HOH B 2 .   ? -1.116  -9.843  6.703   1.00 33.57 ? 20   HOH A O   1 
HETATM 1368 O  O   . HOH B 2 .   ? -2.839  8.841   -6.554  1.00 21.67 ? 21   HOH A O   1 
HETATM 1369 O  O   . HOH B 2 .   ? -2.936  6.595   5.335   1.00 26.74 ? 22   HOH A O   1 
HETATM 1370 O  O   . HOH B 2 .   ? -7.635  8.955   -2.580  1.00 38.49 ? 23   HOH A O   1 
HETATM 1371 O  O   . HOH B 2 .   ? 10.196  5.014   -11.373 1.00 18.92 ? 24   HOH A O   1 
HETATM 1372 O  O   . HOH B 2 .   ? 13.176  14.041  -1.792  1.00 45.76 ? 25   HOH A O   1 
HETATM 1373 O  O   . HOH B 2 .   ? -5.116  1.452   13.402  1.00 30.39 ? 26   HOH A O   1 
HETATM 1374 O  O   . HOH B 2 .   ? -8.945  -11.393 -8.568  1.00 28.83 ? 27   HOH A O   1 
HETATM 1375 O  O   . HOH B 2 .   ? -0.027  0.711   -14.661 1.00 32.89 ? 29   HOH A O   1 
HETATM 1376 O  O   . HOH B 2 .   ? -2.432  -2.231  10.214  1.00 33.25 ? 30   HOH A O   1 
HETATM 1377 O  O   . HOH B 2 .   ? 8.375   2.419   -14.173 1.00 33.96 ? 31   HOH A O   1 
HETATM 1378 O  O   . HOH B 2 .   ? -14.364 -0.921  -11.032 1.00 42.02 ? 32   HOH A O   1 
HETATM 1379 O  O   . HOH B 2 .   ? -3.245  -10.665 3.856   1.00 26.83 ? 33   HOH A O   1 
HETATM 1380 O  O   . HOH B 2 .   ? -10.628 12.115  -2.303  1.00 47.97 ? 34   HOH A O   1 
HETATM 1381 O  O   . HOH B 2 .   ? 6.330   11.383  -11.891 1.00 28.61 ? 36   HOH A O   1 
HETATM 1382 O  O   . HOH B 2 .   ? -2.142  -7.355  10.395  1.00 27.33 ? 37   HOH A O   1 
HETATM 1383 O  O   . HOH B 2 .   ? -2.341  0.370   -8.666  1.00 31.87 ? 39   HOH A O   1 
HETATM 1384 O  O   . HOH B 2 .   ? 1.263   -3.690  7.483   1.00 29.25 ? 41   HOH A O   1 
HETATM 1385 O  O   . HOH B 2 .   ? -6.614  -12.061 2.594   1.00 29.67 ? 42   HOH A O   1 
HETATM 1386 O  O   . HOH B 2 .   ? 17.336  -1.462  3.272   1.00 28.58 ? 43   HOH A O   1 
HETATM 1387 O  O   . HOH B 2 .   ? 12.217  2.577   2.894   1.00 25.54 ? 44   HOH A O   1 
HETATM 1388 O  O   . HOH B 2 .   ? 1.162   -0.829  -16.525 1.00 33.20 ? 46   HOH A O   1 
HETATM 1389 O  O   . HOH B 2 .   ? 6.203   -2.262  8.865   1.00 46.54 ? 47   HOH A O   1 
HETATM 1390 O  O   . HOH B 2 .   ? -0.530  -10.939 -11.412 1.00 37.63 ? 48   HOH A O   1 
HETATM 1391 O  O   . HOH B 2 .   ? 0.152   1.766   -12.073 1.00 27.31 ? 49   HOH A O   1 
HETATM 1392 O  O   . HOH B 2 .   ? -8.047  6.211   16.430  1.00 40.80 ? 50   HOH A O   1 
HETATM 1393 O  O   . HOH B 2 .   ? -7.890  5.900   -5.626  1.00 27.18 ? 51   HOH A O   1 
HETATM 1394 O  O   . HOH B 2 .   ? 21.882  -5.134  0.191   1.00 43.44 ? 52   HOH A O   1 
HETATM 1395 O  O   . HOH B 2 .   ? -4.591  3.436   15.534  1.00 34.50 ? 53   HOH A O   1 
HETATM 1396 O  O   . HOH B 2 .   ? -2.145  -12.227 7.189   1.00 46.21 ? 54   HOH A O   1 
HETATM 1397 O  O   . HOH B 2 .   ? -12.947 0.676   15.676  1.00 40.78 ? 55   HOH A O   1 
HETATM 1398 O  O   . HOH B 2 .   ? -3.096  -0.975  -16.809 1.00 39.42 ? 56   HOH A O   1 
HETATM 1399 O  O   . HOH B 2 .   ? -17.409 -5.163  1.642   1.00 31.17 ? 57   HOH A O   1 
HETATM 1400 O  O   . HOH B 2 .   ? 2.341   3.701   10.323  1.00 44.73 ? 58   HOH A O   1 
HETATM 1401 O  O   . HOH B 2 .   ? -5.388  4.805   -13.529 1.00 44.67 ? 59   HOH A O   1 
HETATM 1402 O  O   . HOH B 2 .   ? -4.494  -6.316  -13.679 1.00 37.35 ? 62   HOH A O   1 
HETATM 1403 O  O   . HOH B 2 .   ? -1.512  3.136   -10.879 1.00 39.69 ? 63   HOH A O   1 
HETATM 1404 O  O   . HOH B 2 .   ? -11.031 13.097  1.808   1.00 44.02 ? 64   HOH A O   1 
HETATM 1405 O  O   . HOH B 2 .   ? 21.025  16.509  2.451   1.00 22.27 ? 65   HOH A O   1 
HETATM 1406 O  O   . HOH B 2 .   ? 18.813  -3.834  3.545   1.00 39.56 ? 70   HOH A O   1 
HETATM 1407 O  O   . HOH B 2 .   ? -4.609  -2.867  -15.861 1.00 44.69 ? 72   HOH A O   1 
HETATM 1408 O  O   . HOH B 2 .   ? 19.048  -5.182  1.054   1.00 34.92 ? 73   HOH A O   1 
HETATM 1409 O  O   . HOH B 2 .   ? -12.810 -9.272  4.517   1.00 36.81 ? 75   HOH A O   1 
HETATM 1410 O  O   . HOH B 2 .   ? 5.048   -11.238 3.763   1.00 29.07 ? 76   HOH A O   1 
HETATM 1411 O  O   . HOH B 2 .   ? 23.347  -0.086  0.105   1.00 28.96 ? 77   HOH A O   1 
HETATM 1412 O  O   . HOH B 2 .   ? -10.170 -0.271  -10.759 1.00 37.20 ? 78   HOH A O   1 
HETATM 1413 O  O   . HOH B 2 .   ? -16.111 -4.020  -9.677  1.00 34.67 ? 79   HOH A O   1 
HETATM 1414 O  O   . HOH B 2 .   ? 3.523   -11.004 6.192   1.00 57.30 ? 82   HOH A O   1 
HETATM 1415 O  O   . HOH B 2 .   ? -20.458 -2.704  -5.934  1.00 39.81 ? 83   HOH A O   1 
HETATM 1416 O  O   . HOH B 2 .   ? -14.403 -9.843  11.398  1.00 37.25 ? 85   HOH A O   1 
HETATM 1417 O  O   . HOH B 2 .   ? 17.320  6.135   4.958   1.00 41.58 ? 86   HOH A O   1 
HETATM 1418 O  O   . HOH B 2 .   ? 18.623  -0.014  5.162   1.00 34.02 ? 87   HOH A O   1 
HETATM 1419 O  O   . HOH B 2 .   ? 4.452   7.769   2.841   1.00 33.10 ? 88   HOH A O   1 
HETATM 1420 O  O   . HOH B 2 .   ? 18.565  -8.013  1.834   1.00 47.13 ? 90   HOH A O   1 
HETATM 1421 O  O   . HOH B 2 .   ? 5.584   5.568   4.658   1.00 37.50 ? 91   HOH A O   1 
HETATM 1422 O  O   . HOH B 2 .   ? 15.937  12.742  6.104   1.00 35.86 ? 92   HOH A O   1 
HETATM 1423 O  O   . HOH B 2 .   ? 7.991   4.942   5.323   1.00 50.02 ? 93   HOH A O   1 
HETATM 1424 O  O   . HOH B 2 .   ? -8.302  7.090   -8.017  1.00 41.01 ? 95   HOH A O   1 
HETATM 1425 O  O   . HOH B 2 .   ? -13.875 1.563   -9.651  1.00 46.35 ? 96   HOH A O   1 
HETATM 1426 O  O   . HOH B 2 .   ? 16.902  -7.361  -5.522  1.00 34.15 ? 98   HOH A O   1 
HETATM 1427 O  O   . HOH B 2 .   ? -11.196 -15.553 -5.479  1.00 34.74 ? 99   HOH A O   1 
HETATM 1428 O  O   . HOH B 2 .   ? 19.935  9.554   4.837   1.00 57.64 ? 100  HOH A O   1 
HETATM 1429 O  O   . HOH B 2 .   ? -20.472 3.719   -1.422  1.00 40.86 ? 101  HOH A O   1 
HETATM 1430 O  O   . HOH B 2 .   ? 9.218   13.792  -6.829  1.00 34.44 ? 103  HOH A O   1 
HETATM 1431 O  O   . HOH B 2 .   ? -8.905  10.631  -4.259  1.00 51.56 ? 104  HOH A O   1 
HETATM 1432 O  O   . HOH B 2 .   ? -5.144  10.813  -1.360  1.00 34.54 ? 105  HOH A O   1 
HETATM 1433 O  O   . HOH B 2 .   ? 8.908   2.680   5.687   1.00 29.44 ? 107  HOH A O   1 
HETATM 1434 O  O   . HOH B 2 .   ? -16.887 9.735   -0.073  1.00 54.80 ? 109  HOH A O   1 
# 
